data_7VH3
#
_entry.id   7VH3
#
_entity_poly.entity_id   1
_entity_poly.type   'polypeptide(L)'
_entity_poly.pdbx_seq_one_letter_code
;MDEYVQELKGLIRKHIPDRCEFAHQKVTFLSQVHPSPLLTEGFKLLSSLVELESCEAHACQANTDQRFVDVILSDNGILC
PTLPKVIPDGFKLTGKTLILLETFVRVNPDEFEKKWKADMSKLLNLKHDLQKSGVTLVPIVDGRSNYNNRFVADWVIERM
RWLLIEILKASKSMLEIDIEDQEYQRLIHSLSNVKNQSLGLENLEHLKRNSLDYDERLNESLFIGLKGDIRESTVREELI
KLKMWFKDEVFSKGLGKFKLTDRRELLESLSSLGAHLDSDVSSCPFCNNKLMEIVYNVTFSSVERTDGAATVDQQFSTTH
TNIEKHYLSVLSLCNKIKGLKVFNTRRNTLLFLDLIMVNLMVDISESCQDAIESLRKSGLIVGQMVMLVNDRVLDILEAI
KLIRKKIGTNPNWVKNCSKILERSHPEIWLQLNTLIRQPDFNSLISIAQYLVSDRPIMRYSVERGSDKICRHKLFQEMSS
FEQMRLFKTLSSISLSLINSMKTSFSSRLLVNEREFSKYFGNVRLRECYAQRFYLAESLVGFLFYQKTGERSRCYSVYLS
DNGVMSEQGSFYCDPKRFFLPVFSDEVLAGMCEEMTSWLDFDTGLMNDTGPILRLLVLAILCSPSKRNQTFLQGLRYFLM
AFANQIHHIDLISKLVVECKSSSEVVVQRLAVGLFIRLLGGESDASSFFSRRFKYLLNVSYLCHLITKETPDRLTDQIKC
FEKFIEPKVKFGCAVVNPSLNGKLTVDQEDIMINGLKKFFSKSLRDTEDVQTPGVCKELLNYCVSLFNRGKLKVSGELKN
NPFRPNITSTALDLSSNKSVVIPKLDELGNILSTYDKEKLVSACVSSMAERFKTKGRYNLDPESTDYLILKNLTGLVSAG
PKAKSSQEELSLMYETLTEEQVESFNEIKYDVQVALAKMADNSVNTRIKNLGRADNSVKNGNNPLDNLWSPFGVMKEIRA
EVSLHEVKDFDPDVLPSDVYKELCDAVYKSSEKCNFFLEEVLDVCPLGLLLKNLTTSSYMEEEYFMCFKYLLIQGHFDQK
LGSYEHKSRSRLGFTDETLRLKDEVRLSIRESNSEAIADKLDKSYFTNAALRNLCFYSEDSPTEFTSISSNSGNLKFGLS
YKEQVGSNRELYVGDLNTKLMTRLVEDFSEAVGNSMKYTCLNSEKEFERAICDMKMAVNNGDLSCSYDHSKWGPTMSPAL
FLALLQMLELRTPVDRSKIDLDSVKSILKWHLHKVVEVPINVAEAYCIGKLKRSLGLMGCGSTSLSEEFFHQTMQLSGQI
PSHIMSVLDMGQGILHNTSDLYGLITEQFLCYALDLLYDVIPVSYTSSDDQITLVKTPSLDIEGGSDAAEWLEMICFHEF
LSSKLNKFVSPKSVIGTFVAEFKSRFFVMGEETPLLTKFVSAALHNVKCKTPTQLSETIDTICDQCIANGVSTKIVARIS
KRVNQLIRYSGYGDTPFGAIEDQDVKDWVDGSRGYRLQRKIEAIFYDDKETSFIRNCARKVFNDIKRGRIFEENLINLIG
RGGDEALTGFLQYAGCSEQEVNRVLNYRWVNLSSFGDLRLVLRTKLMTSRRVLEREEVPTLIKTLQSKLSRNFTKGVKKI
LAESINKSAFQSSVASGFIGFCKSMGSKCVRDGKGGFLYIKEVYSGINVCICEICALKPKIIYCNDSLNKVSQFSKPILW
DYFSLVLTNACELGEWVFSTVKEPQKPLVLNNQNFFWAVKPKVVRQIEDQLGMNHVLQSIRRNYPVLFDEHLAPFMNDLQ
VSRTMDSGRLKFLDVCIALDMMNENLGIISHLLKTRDNSVYIVKQSDCALAHIRQSSYTDWELGLSPQQICTNFKTQLVL
SSMVNPLVLSTSCLKSFFWFNEVLELEDDSQIELAELTDFALMVKNQNVSRAMFVEDIAMGYVVSNFEGVRISLSNVMVD
GVQLPPKEKAPDVGVLFGLKAENVIVGLVVQIDHVRMSTKFKLRRKMVYSFSLECTMDVGDIQNKEVILKVVAVDQSVSG
SGGNHMLLDGVPVIASLPLFTGQASFDLAAMLIESNLAGSNDNFLMSNVTLDLGGFSPELSDKYSYRLSGPENQEDPLVL
KDGAFYVGGERLSTYKVELTGDLVVKALGALEDDEGVVSMLHQLWPYLKATSQVILFQQEDFTIVHDLYKIQLTKSIESF
GEWIEFTNFKVAYSKSLKELVISDTQGSFRLKGVMCRPLANTLQVEDIEWSHPQFEKGGGSGGGSGGSSAWSHPQFEK
;
_entity_poly.pdbx_strand_id   A
#
# COMPACT_ATOMS: atom_id res chain seq x y z
N ASP A 2 -57.58 -13.17 2.81
CA ASP A 2 -58.29 -13.00 1.54
C ASP A 2 -59.25 -11.82 1.61
N GLU A 3 -58.90 -10.81 2.41
CA GLU A 3 -59.69 -9.61 2.52
C GLU A 3 -59.18 -8.48 1.61
N TYR A 4 -57.98 -8.60 1.06
CA TYR A 4 -57.47 -7.69 0.05
C TYR A 4 -57.08 -8.40 -1.23
N VAL A 5 -57.59 -9.63 -1.44
CA VAL A 5 -57.30 -10.34 -2.68
C VAL A 5 -58.06 -9.69 -3.85
N GLN A 6 -59.24 -9.14 -3.59
CA GLN A 6 -59.97 -8.40 -4.63
C GLN A 6 -59.35 -7.04 -4.86
N GLU A 7 -58.65 -6.50 -3.85
CA GLU A 7 -57.94 -5.24 -4.02
C GLU A 7 -56.74 -5.38 -4.93
N LEU A 8 -56.18 -6.59 -5.05
CA LEU A 8 -54.97 -6.77 -5.84
C LEU A 8 -55.28 -6.92 -7.33
N LYS A 9 -56.51 -7.29 -7.69
CA LYS A 9 -56.91 -7.27 -9.10
C LYS A 9 -57.00 -5.83 -9.61
N GLY A 10 -57.31 -4.88 -8.74
CA GLY A 10 -57.36 -3.48 -9.13
C GLY A 10 -56.07 -2.73 -8.84
N LEU A 11 -55.20 -3.32 -8.00
CA LEU A 11 -53.96 -2.64 -7.64
C LEU A 11 -52.95 -2.70 -8.79
N ILE A 12 -52.84 -3.84 -9.45
CA ILE A 12 -51.87 -4.01 -10.54
C ILE A 12 -52.57 -3.78 -11.88
N ARG A 13 -53.79 -3.26 -11.85
CA ARG A 13 -54.51 -2.94 -13.06
C ARG A 13 -54.10 -1.58 -13.65
N LYS A 14 -53.21 -0.85 -12.98
CA LYS A 14 -52.69 0.42 -13.49
C LYS A 14 -51.40 0.24 -14.28
N HIS A 15 -51.44 -0.70 -15.23
CA HIS A 15 -50.28 -1.05 -16.03
C HIS A 15 -50.74 -1.43 -17.43
N ILE A 16 -50.37 -0.63 -18.41
CA ILE A 16 -50.65 -0.94 -19.82
C ILE A 16 -49.81 -2.14 -20.23
N PRO A 17 -50.38 -3.14 -20.94
CA PRO A 17 -49.57 -4.29 -21.38
C PRO A 17 -48.59 -3.90 -22.47
N ASP A 18 -47.45 -3.36 -22.03
CA ASP A 18 -46.50 -2.74 -22.95
C ASP A 18 -45.76 -3.78 -23.79
N ARG A 19 -45.34 -4.89 -23.16
CA ARG A 19 -44.59 -5.91 -23.88
C ARG A 19 -45.21 -7.29 -23.66
N CYS A 20 -44.56 -8.33 -24.16
CA CYS A 20 -45.06 -9.68 -24.04
C CYS A 20 -44.91 -10.27 -22.64
N GLU A 21 -44.10 -9.66 -21.79
CA GLU A 21 -43.88 -10.15 -20.44
C GLU A 21 -44.96 -9.70 -19.46
N PHE A 22 -45.93 -8.91 -19.90
CA PHE A 22 -46.96 -8.36 -19.03
C PHE A 22 -48.33 -8.97 -19.28
N ALA A 23 -48.78 -9.00 -20.53
CA ALA A 23 -50.13 -9.49 -20.84
C ALA A 23 -50.23 -11.00 -20.67
N HIS A 24 -49.15 -11.72 -21.01
CA HIS A 24 -49.15 -13.17 -20.86
C HIS A 24 -49.15 -13.58 -19.38
N GLN A 25 -48.61 -12.75 -18.50
CA GLN A 25 -48.72 -12.98 -17.07
C GLN A 25 -50.04 -12.47 -16.51
N LYS A 26 -50.66 -11.50 -17.17
CA LYS A 26 -51.88 -10.88 -16.65
C LYS A 26 -53.15 -11.64 -17.03
N VAL A 27 -53.16 -12.34 -18.17
CA VAL A 27 -54.38 -13.05 -18.57
C VAL A 27 -54.66 -14.27 -17.71
N THR A 28 -53.65 -14.82 -17.03
CA THR A 28 -53.88 -15.91 -16.09
C THR A 28 -54.16 -15.41 -14.67
N PHE A 29 -54.11 -14.10 -14.45
CA PHE A 29 -54.31 -13.52 -13.13
C PHE A 29 -55.79 -13.36 -12.80
N LEU A 30 -56.59 -12.86 -13.74
CA LEU A 30 -58.01 -12.63 -13.52
C LEU A 30 -58.83 -13.92 -13.49
N SER A 31 -58.28 -15.04 -13.96
CA SER A 31 -59.01 -16.28 -14.07
C SER A 31 -59.02 -17.11 -12.79
N GLN A 32 -58.41 -16.62 -11.71
CA GLN A 32 -58.34 -17.40 -10.49
C GLN A 32 -58.19 -16.46 -9.29
N VAL A 33 -59.03 -16.65 -8.29
CA VAL A 33 -58.92 -15.96 -7.01
C VAL A 33 -58.50 -17.02 -5.99
N HIS A 34 -57.20 -17.05 -5.68
CA HIS A 34 -56.62 -18.10 -4.84
C HIS A 34 -55.32 -17.59 -4.25
N PRO A 35 -55.17 -17.58 -2.91
CA PRO A 35 -53.92 -17.07 -2.33
C PRO A 35 -52.72 -17.99 -2.48
N SER A 36 -52.91 -19.23 -2.94
CA SER A 36 -51.77 -20.14 -3.09
C SER A 36 -50.91 -19.84 -4.32
N PRO A 37 -51.43 -19.50 -5.50
CA PRO A 37 -50.54 -18.95 -6.53
C PRO A 37 -50.39 -17.43 -6.48
N LEU A 38 -51.08 -16.76 -5.55
CA LEU A 38 -51.00 -15.30 -5.48
C LEU A 38 -49.69 -14.83 -4.88
N LEU A 39 -49.10 -15.63 -3.98
CA LEU A 39 -47.80 -15.33 -3.40
C LEU A 39 -46.65 -15.89 -4.23
N THR A 40 -46.95 -16.58 -5.33
CA THR A 40 -45.91 -17.05 -6.25
C THR A 40 -46.06 -16.43 -7.63
N GLU A 41 -47.21 -16.61 -8.29
CA GLU A 41 -47.36 -16.16 -9.66
C GLU A 41 -47.84 -14.72 -9.76
N GLY A 42 -48.53 -14.24 -8.72
CA GLY A 42 -48.80 -12.83 -8.56
C GLY A 42 -47.71 -12.10 -7.81
N PHE A 43 -46.55 -12.74 -7.64
CA PHE A 43 -45.43 -12.19 -6.89
C PHE A 43 -44.11 -12.30 -7.64
N LYS A 44 -43.99 -13.25 -8.58
CA LYS A 44 -42.83 -13.33 -9.47
C LYS A 44 -42.92 -12.36 -10.63
N LEU A 45 -44.03 -11.63 -10.77
CA LEU A 45 -44.13 -10.60 -11.80
C LEU A 45 -43.19 -9.44 -11.50
N LEU A 46 -42.98 -9.13 -10.21
CA LEU A 46 -42.00 -8.13 -9.82
C LEU A 46 -40.59 -8.55 -10.21
N SER A 47 -40.23 -9.82 -9.94
CA SER A 47 -38.92 -10.33 -10.32
C SER A 47 -38.73 -10.38 -11.82
N SER A 48 -39.76 -10.80 -12.57
CA SER A 48 -39.69 -10.78 -14.03
C SER A 48 -39.60 -9.37 -14.58
N LEU A 49 -40.22 -8.39 -13.92
CA LEU A 49 -40.14 -7.01 -14.38
C LEU A 49 -38.76 -6.42 -14.12
N VAL A 50 -38.15 -6.74 -12.97
CA VAL A 50 -36.79 -6.29 -12.71
C VAL A 50 -35.79 -6.97 -13.64
N GLU A 51 -36.03 -8.26 -13.93
CA GLU A 51 -35.21 -8.99 -14.89
C GLU A 51 -35.31 -8.39 -16.29
N LEU A 52 -36.52 -8.04 -16.71
CA LEU A 52 -36.72 -7.44 -18.03
C LEU A 52 -36.16 -6.03 -18.08
N GLU A 53 -36.17 -5.29 -16.97
CA GLU A 53 -35.56 -3.97 -16.95
C GLU A 53 -34.05 -4.05 -17.05
N SER A 54 -33.43 -5.00 -16.34
CA SER A 54 -32.00 -5.16 -16.44
C SER A 54 -31.57 -5.81 -17.76
N CYS A 55 -32.48 -6.52 -18.43
CA CYS A 55 -32.26 -6.96 -19.80
C CYS A 55 -32.41 -5.79 -20.79
N GLU A 56 -33.26 -4.82 -20.46
CA GLU A 56 -33.37 -3.61 -21.27
C GLU A 56 -32.21 -2.67 -21.05
N ALA A 57 -31.48 -2.81 -19.94
CA ALA A 57 -30.33 -1.96 -19.66
C ALA A 57 -29.19 -2.25 -20.64
N HIS A 58 -28.68 -3.48 -20.64
CA HIS A 58 -27.62 -3.87 -21.56
C HIS A 58 -28.21 -4.50 -22.81
N ALA A 59 -27.34 -5.06 -23.66
CA ALA A 59 -27.81 -5.79 -24.83
C ALA A 59 -28.22 -7.19 -24.42
N CYS A 60 -29.39 -7.63 -24.87
CA CYS A 60 -30.05 -8.81 -24.32
C CYS A 60 -31.24 -9.18 -25.19
N GLN A 61 -31.58 -10.47 -25.14
CA GLN A 61 -32.82 -10.98 -25.70
C GLN A 61 -33.63 -11.59 -24.57
N ALA A 62 -34.88 -11.17 -24.43
CA ALA A 62 -35.71 -11.48 -23.27
C ALA A 62 -36.10 -12.95 -23.30
N ASN A 63 -35.34 -13.79 -22.61
CA ASN A 63 -35.62 -15.21 -22.53
C ASN A 63 -36.80 -15.40 -21.58
N THR A 64 -38.01 -15.45 -22.14
CA THR A 64 -39.19 -15.71 -21.33
C THR A 64 -39.29 -17.18 -20.91
N ASP A 65 -38.57 -18.08 -21.59
CA ASP A 65 -38.56 -19.48 -21.20
C ASP A 65 -37.59 -19.71 -20.03
N GLN A 66 -36.50 -18.92 -19.98
CA GLN A 66 -35.45 -18.99 -18.96
C GLN A 66 -34.85 -20.39 -18.91
N ARG A 67 -34.22 -20.76 -20.02
CA ARG A 67 -33.73 -22.11 -20.27
C ARG A 67 -32.20 -22.14 -20.25
N PHE A 68 -31.65 -23.32 -20.54
CA PHE A 68 -30.25 -23.64 -20.26
C PHE A 68 -29.30 -22.89 -21.20
N VAL A 69 -28.01 -23.03 -20.93
CA VAL A 69 -26.98 -22.44 -21.78
C VAL A 69 -26.68 -23.34 -22.97
N ASP A 70 -26.88 -24.65 -22.82
CA ASP A 70 -26.69 -25.58 -23.93
C ASP A 70 -27.75 -25.35 -25.01
N VAL A 71 -29.01 -25.20 -24.61
CA VAL A 71 -30.08 -25.01 -25.59
C VAL A 71 -30.07 -23.60 -26.17
N ILE A 72 -29.44 -22.64 -25.51
CA ILE A 72 -29.39 -21.28 -26.06
C ILE A 72 -28.25 -21.15 -27.07
N LEU A 73 -27.28 -22.07 -27.05
CA LEU A 73 -26.29 -22.13 -28.11
C LEU A 73 -26.81 -22.91 -29.31
N SER A 74 -27.81 -23.77 -29.09
CA SER A 74 -28.32 -24.66 -30.12
C SER A 74 -29.49 -24.08 -30.90
N ASP A 75 -29.57 -22.75 -31.01
CA ASP A 75 -30.61 -22.14 -31.84
C ASP A 75 -30.32 -22.37 -33.32
N ASN A 76 -29.18 -21.89 -33.80
CA ASN A 76 -28.69 -22.20 -35.14
C ASN A 76 -27.88 -23.49 -35.07
N GLY A 77 -27.12 -23.79 -36.13
CA GLY A 77 -26.35 -25.02 -36.11
C GLY A 77 -25.01 -24.84 -35.41
N ILE A 78 -24.98 -25.20 -34.13
CA ILE A 78 -23.79 -25.15 -33.30
C ILE A 78 -23.76 -26.44 -32.47
N LEU A 79 -22.66 -27.18 -32.57
CA LEU A 79 -22.56 -28.45 -31.85
C LEU A 79 -22.41 -28.20 -30.36
N CYS A 80 -22.92 -29.14 -29.57
CA CYS A 80 -22.98 -28.95 -28.12
C CYS A 80 -21.62 -29.21 -27.49
N PRO A 81 -21.09 -28.28 -26.69
CA PRO A 81 -19.82 -28.51 -26.00
C PRO A 81 -19.92 -29.15 -24.62
N THR A 82 -21.09 -29.73 -24.28
CA THR A 82 -21.38 -30.37 -22.99
C THR A 82 -21.16 -29.40 -21.82
N LEU A 83 -21.98 -28.36 -21.81
CA LEU A 83 -21.88 -27.28 -20.85
C LEU A 83 -22.36 -27.70 -19.46
N PRO A 84 -21.83 -27.06 -18.41
CA PRO A 84 -22.46 -27.19 -17.09
C PRO A 84 -23.85 -26.57 -17.09
N LYS A 85 -24.78 -27.24 -16.42
CA LYS A 85 -26.20 -26.92 -16.52
C LYS A 85 -26.51 -25.78 -15.55
N VAL A 86 -26.34 -24.55 -16.02
CA VAL A 86 -26.69 -23.35 -15.26
C VAL A 86 -27.72 -22.56 -16.05
N ILE A 87 -28.36 -21.61 -15.37
CA ILE A 87 -29.45 -20.83 -15.95
C ILE A 87 -29.10 -19.36 -15.98
N PRO A 88 -29.04 -18.73 -17.15
CA PRO A 88 -28.78 -17.29 -17.22
C PRO A 88 -30.06 -16.48 -17.20
N ASP A 89 -29.91 -15.19 -16.91
CA ASP A 89 -31.00 -14.23 -16.89
C ASP A 89 -30.99 -13.35 -18.12
N GLY A 90 -30.39 -13.83 -19.20
CA GLY A 90 -30.30 -13.04 -20.42
C GLY A 90 -29.15 -13.42 -21.35
N PHE A 91 -29.43 -13.46 -22.64
CA PHE A 91 -28.46 -13.85 -23.65
C PHE A 91 -28.48 -12.82 -24.77
N LYS A 92 -27.33 -12.67 -25.43
CA LYS A 92 -27.24 -11.80 -26.61
C LYS A 92 -26.14 -12.36 -27.49
N LEU A 93 -26.53 -13.14 -28.50
CA LEU A 93 -25.61 -13.89 -29.34
C LEU A 93 -25.62 -13.29 -30.74
N THR A 94 -24.51 -12.64 -31.11
CA THR A 94 -24.28 -12.26 -32.49
C THR A 94 -22.82 -12.56 -32.83
N GLY A 95 -22.60 -13.01 -34.06
CA GLY A 95 -21.27 -13.44 -34.44
C GLY A 95 -20.86 -14.71 -33.71
N LYS A 96 -19.70 -14.65 -33.07
CA LYS A 96 -19.18 -15.75 -32.26
C LYS A 96 -18.84 -15.30 -30.84
N THR A 97 -19.65 -14.40 -30.29
CA THR A 97 -19.57 -14.05 -28.87
C THR A 97 -20.99 -13.98 -28.32
N LEU A 98 -21.09 -13.94 -26.99
CA LEU A 98 -22.37 -13.97 -26.32
C LEU A 98 -22.23 -13.37 -24.92
N ILE A 99 -23.31 -12.75 -24.45
CA ILE A 99 -23.31 -12.00 -23.20
C ILE A 99 -24.27 -12.71 -22.23
N LEU A 100 -23.72 -13.32 -21.18
CA LEU A 100 -24.53 -13.79 -20.08
C LEU A 100 -24.69 -12.68 -19.05
N LEU A 101 -25.92 -12.24 -18.84
CA LEU A 101 -26.23 -11.21 -17.87
C LEU A 101 -27.16 -11.77 -16.81
N GLU A 102 -26.83 -11.49 -15.56
CA GLU A 102 -27.63 -11.89 -14.43
C GLU A 102 -28.34 -10.67 -13.85
N THR A 103 -29.32 -10.94 -12.99
CA THR A 103 -30.06 -9.86 -12.33
C THR A 103 -30.39 -10.32 -10.92
N PHE A 104 -29.68 -9.77 -9.94
CA PHE A 104 -29.99 -10.01 -8.55
C PHE A 104 -29.94 -8.68 -7.81
N VAL A 105 -30.83 -8.54 -6.83
CA VAL A 105 -30.89 -7.33 -6.01
C VAL A 105 -30.90 -7.74 -4.54
N ARG A 106 -29.96 -7.19 -3.77
CA ARG A 106 -29.87 -7.44 -2.33
C ARG A 106 -29.82 -6.09 -1.64
N VAL A 107 -30.78 -5.84 -0.75
CA VAL A 107 -30.98 -4.51 -0.19
C VAL A 107 -29.89 -4.11 0.81
N ASN A 108 -29.17 -5.07 1.36
CA ASN A 108 -28.07 -4.75 2.27
C ASN A 108 -26.74 -5.24 1.72
N PRO A 109 -25.63 -4.58 2.07
CA PRO A 109 -24.31 -5.03 1.58
C PRO A 109 -23.81 -6.31 2.22
N ASP A 110 -24.54 -6.88 3.18
CA ASP A 110 -24.08 -8.07 3.87
C ASP A 110 -24.11 -9.28 2.94
N GLU A 111 -25.20 -9.45 2.22
CA GLU A 111 -25.41 -10.56 1.28
C GLU A 111 -25.43 -10.06 -0.16
N PHE A 112 -25.12 -8.78 -0.37
CA PHE A 112 -24.87 -8.28 -1.72
C PHE A 112 -23.64 -8.91 -2.34
N GLU A 113 -22.60 -9.12 -1.53
CA GLU A 113 -21.32 -9.56 -2.04
C GLU A 113 -21.16 -11.07 -2.09
N LYS A 114 -21.81 -11.83 -1.21
CA LYS A 114 -21.70 -13.29 -1.28
C LYS A 114 -22.47 -13.84 -2.47
N LYS A 115 -23.66 -13.28 -2.75
CA LYS A 115 -24.37 -13.67 -3.97
C LYS A 115 -23.62 -13.22 -5.22
N TRP A 116 -22.95 -12.07 -5.15
CA TRP A 116 -22.14 -11.62 -6.29
C TRP A 116 -20.94 -12.53 -6.53
N LYS A 117 -20.28 -12.96 -5.46
CA LYS A 117 -19.14 -13.85 -5.60
C LYS A 117 -19.55 -15.23 -6.09
N ALA A 118 -20.66 -15.77 -5.56
CA ALA A 118 -21.14 -17.06 -6.03
C ALA A 118 -21.65 -16.99 -7.46
N ASP A 119 -22.24 -15.86 -7.85
CA ASP A 119 -22.71 -15.67 -9.21
C ASP A 119 -21.55 -15.58 -10.19
N MET A 120 -20.54 -14.78 -9.85
CA MET A 120 -19.41 -14.64 -10.76
C MET A 120 -18.53 -15.87 -10.75
N SER A 121 -18.50 -16.63 -9.66
CA SER A 121 -17.80 -17.91 -9.68
C SER A 121 -18.60 -19.00 -10.38
N LYS A 122 -19.91 -18.83 -10.52
CA LYS A 122 -20.69 -19.65 -11.43
C LYS A 122 -20.48 -19.24 -12.89
N LEU A 123 -20.11 -17.98 -13.12
CA LEU A 123 -19.80 -17.52 -14.46
C LEU A 123 -18.35 -17.74 -14.87
N LEU A 124 -17.44 -17.93 -13.93
CA LEU A 124 -16.04 -18.23 -14.20
C LEU A 124 -15.72 -19.72 -14.17
N ASN A 125 -16.59 -20.54 -13.61
CA ASN A 125 -16.51 -21.98 -13.77
C ASN A 125 -17.23 -22.45 -15.02
N LEU A 126 -17.69 -21.51 -15.86
CA LEU A 126 -18.33 -21.83 -17.12
C LEU A 126 -17.45 -21.48 -18.32
N LYS A 127 -16.48 -20.58 -18.15
CA LYS A 127 -15.62 -20.19 -19.27
C LYS A 127 -14.64 -21.29 -19.66
N HIS A 128 -14.28 -22.17 -18.73
CA HIS A 128 -13.30 -23.21 -19.03
C HIS A 128 -13.87 -24.30 -19.92
N ASP A 129 -15.20 -24.41 -20.04
CA ASP A 129 -15.82 -25.35 -20.95
C ASP A 129 -16.46 -24.67 -22.15
N LEU A 130 -16.77 -23.38 -22.05
CA LEU A 130 -17.35 -22.63 -23.16
C LEU A 130 -16.28 -22.01 -24.06
N GLN A 131 -15.08 -21.79 -23.53
CA GLN A 131 -13.97 -21.28 -24.33
C GLN A 131 -13.50 -22.30 -25.36
N LYS A 132 -13.56 -23.58 -25.00
CA LYS A 132 -13.15 -24.67 -25.87
C LYS A 132 -14.12 -24.92 -27.02
N SER A 133 -15.31 -24.32 -26.97
CA SER A 133 -16.29 -24.47 -28.05
C SER A 133 -16.00 -23.54 -29.23
N GLY A 134 -15.25 -22.47 -29.02
CA GLY A 134 -15.03 -21.47 -30.04
C GLY A 134 -15.68 -20.15 -29.75
N VAL A 135 -15.89 -19.81 -28.49
CA VAL A 135 -16.61 -18.59 -28.11
C VAL A 135 -16.13 -18.15 -26.73
N THR A 136 -15.85 -16.87 -26.59
CA THR A 136 -15.60 -16.27 -25.29
C THR A 136 -16.74 -15.33 -24.93
N LEU A 137 -16.99 -15.21 -23.63
CA LEU A 137 -18.15 -14.49 -23.14
C LEU A 137 -17.70 -13.38 -22.21
N VAL A 138 -18.57 -12.38 -22.08
CA VAL A 138 -18.35 -11.32 -21.08
C VAL A 138 -19.37 -11.52 -19.96
N PRO A 139 -18.94 -12.01 -18.80
CA PRO A 139 -19.90 -12.18 -17.70
C PRO A 139 -20.21 -10.86 -17.02
N ILE A 140 -21.40 -10.33 -17.29
CA ILE A 140 -21.84 -9.08 -16.66
C ILE A 140 -22.95 -9.43 -15.68
N VAL A 141 -23.03 -8.63 -14.62
CA VAL A 141 -24.08 -8.76 -13.62
C VAL A 141 -24.57 -7.36 -13.27
N ASP A 142 -25.83 -7.27 -12.87
CA ASP A 142 -26.42 -6.02 -12.38
C ASP A 142 -26.65 -6.19 -10.89
N GLY A 143 -25.60 -5.92 -10.11
CA GLY A 143 -25.72 -5.90 -8.67
C GLY A 143 -26.36 -4.61 -8.21
N ARG A 144 -27.40 -4.70 -7.39
CA ARG A 144 -28.19 -3.55 -7.00
C ARG A 144 -28.36 -3.51 -5.49
N SER A 145 -29.05 -2.47 -5.03
CA SER A 145 -29.47 -2.35 -3.63
C SER A 145 -30.91 -1.92 -3.47
N ASN A 146 -31.59 -1.54 -4.55
CA ASN A 146 -32.98 -1.13 -4.49
C ASN A 146 -33.64 -1.52 -5.81
N TYR A 147 -34.82 -0.94 -6.07
CA TYR A 147 -35.61 -1.27 -7.24
C TYR A 147 -35.80 0.00 -8.06
N ASN A 148 -35.22 0.02 -9.26
CA ASN A 148 -35.14 1.25 -10.04
C ASN A 148 -35.63 1.05 -11.46
N ASN A 149 -36.82 0.47 -11.61
CA ASN A 149 -37.31 0.09 -12.92
C ASN A 149 -37.78 1.32 -13.71
N ARG A 150 -38.15 1.09 -14.96
CA ARG A 150 -38.68 2.13 -15.84
C ARG A 150 -40.14 1.92 -16.20
N PHE A 151 -40.62 0.68 -16.22
CA PHE A 151 -42.04 0.42 -16.46
C PHE A 151 -42.90 0.78 -15.25
N VAL A 152 -42.28 0.89 -14.07
CA VAL A 152 -42.88 1.49 -12.89
C VAL A 152 -41.95 2.58 -12.40
N ALA A 153 -42.48 3.51 -11.61
CA ALA A 153 -41.74 4.72 -11.23
C ALA A 153 -41.73 4.94 -9.72
N ASP A 154 -41.45 3.88 -8.95
CA ASP A 154 -41.17 3.93 -7.51
C ASP A 154 -42.36 4.48 -6.72
N TRP A 155 -43.57 4.08 -7.11
CA TRP A 155 -44.75 4.46 -6.34
C TRP A 155 -45.77 3.34 -6.21
N VAL A 156 -45.52 2.17 -6.78
CA VAL A 156 -46.38 1.01 -6.57
C VAL A 156 -45.63 -0.20 -6.06
N ILE A 157 -44.33 -0.31 -6.27
CA ILE A 157 -43.61 -1.54 -5.95
C ILE A 157 -43.23 -1.60 -4.47
N GLU A 158 -43.09 -0.47 -3.80
CA GLU A 158 -42.95 -0.51 -2.35
C GLU A 158 -44.28 -0.81 -1.66
N ARG A 159 -45.39 -0.59 -2.35
CA ARG A 159 -46.70 -1.03 -1.88
C ARG A 159 -46.99 -2.48 -2.26
N MET A 160 -46.15 -3.08 -3.10
CA MET A 160 -46.29 -4.50 -3.39
C MET A 160 -45.82 -5.36 -2.21
N ARG A 161 -45.03 -4.79 -1.31
CA ARG A 161 -44.61 -5.47 -0.09
C ARG A 161 -45.18 -4.83 1.16
N TRP A 162 -45.91 -3.72 1.04
CA TRP A 162 -46.51 -3.06 2.19
C TRP A 162 -47.99 -3.39 2.37
N LEU A 163 -48.80 -3.27 1.31
CA LEU A 163 -50.20 -3.67 1.38
C LEU A 163 -50.38 -5.18 1.36
N LEU A 164 -49.37 -5.92 0.90
CA LEU A 164 -49.42 -7.38 0.82
C LEU A 164 -48.83 -8.05 2.05
N ILE A 165 -48.65 -7.31 3.16
CA ILE A 165 -48.03 -7.89 4.34
C ILE A 165 -49.01 -8.75 5.13
N GLU A 166 -50.32 -8.58 4.91
CA GLU A 166 -51.32 -9.36 5.65
C GLU A 166 -51.68 -10.68 4.98
N ILE A 167 -51.47 -10.80 3.66
CA ILE A 167 -51.98 -11.96 2.94
C ILE A 167 -51.13 -13.20 3.21
N LEU A 168 -49.83 -13.05 3.48
CA LEU A 168 -49.01 -14.21 3.81
C LEU A 168 -49.19 -14.62 5.27
N LYS A 169 -49.44 -13.65 6.16
CA LYS A 169 -49.85 -14.00 7.52
C LYS A 169 -51.23 -14.65 7.53
N ALA A 170 -52.12 -14.22 6.63
CA ALA A 170 -53.41 -14.89 6.50
C ALA A 170 -53.26 -16.29 5.93
N SER A 171 -52.26 -16.50 5.07
CA SER A 171 -51.99 -17.85 4.55
C SER A 171 -51.43 -18.75 5.64
N LYS A 172 -50.56 -18.21 6.50
CA LYS A 172 -50.00 -19.02 7.57
C LYS A 172 -50.95 -19.17 8.75
N SER A 173 -52.00 -18.35 8.84
CA SER A 173 -53.01 -18.55 9.86
C SER A 173 -54.17 -19.42 9.35
N MET A 174 -54.39 -19.45 8.04
CA MET A 174 -55.46 -20.24 7.45
C MET A 174 -54.99 -21.61 6.98
N LEU A 175 -53.81 -21.68 6.38
CA LEU A 175 -53.27 -22.94 5.86
C LEU A 175 -52.03 -23.37 6.64
N GLU A 180 -41.61 -22.93 4.03
CA GLU A 180 -42.72 -22.52 4.88
C GLU A 180 -42.25 -22.34 6.32
N ASP A 181 -41.32 -23.17 6.76
CA ASP A 181 -40.86 -23.12 8.14
C ASP A 181 -39.71 -22.15 8.31
N GLN A 182 -38.59 -22.40 7.63
CA GLN A 182 -37.44 -21.51 7.68
C GLN A 182 -37.26 -20.72 6.39
N GLU A 183 -38.10 -20.95 5.38
CA GLU A 183 -38.13 -20.14 4.18
C GLU A 183 -39.03 -18.94 4.32
N TYR A 184 -39.63 -18.75 5.50
CA TYR A 184 -40.53 -17.65 5.78
C TYR A 184 -39.82 -16.41 6.29
N GLN A 185 -38.88 -16.56 7.23
CA GLN A 185 -38.23 -15.39 7.81
C GLN A 185 -37.16 -14.80 6.89
N ARG A 186 -36.58 -15.60 6.00
CA ARG A 186 -35.68 -15.02 5.01
C ARG A 186 -36.43 -14.30 3.91
N LEU A 187 -37.69 -14.63 3.68
CA LEU A 187 -38.50 -13.88 2.73
C LEU A 187 -38.95 -12.56 3.33
N ILE A 188 -39.01 -12.47 4.66
CA ILE A 188 -39.25 -11.19 5.31
C ILE A 188 -37.97 -10.38 5.36
N HIS A 189 -36.83 -11.03 5.63
CA HIS A 189 -35.55 -10.33 5.64
C HIS A 189 -35.09 -9.92 4.25
N SER A 190 -35.65 -10.51 3.20
CA SER A 190 -35.31 -10.11 1.84
C SER A 190 -36.19 -8.96 1.34
N LEU A 191 -37.43 -8.88 1.79
CA LEU A 191 -38.34 -7.82 1.40
C LEU A 191 -38.28 -6.61 2.32
N SER A 192 -37.15 -6.39 2.98
CA SER A 192 -37.03 -5.24 3.87
C SER A 192 -36.82 -3.97 3.07
N ASN A 193 -36.84 -2.84 3.77
CA ASN A 193 -36.71 -1.53 3.16
C ASN A 193 -35.21 -1.20 3.03
N VAL A 194 -34.87 0.04 2.72
CA VAL A 194 -33.48 0.49 2.81
C VAL A 194 -33.16 0.62 4.29
N LYS A 195 -32.50 -0.39 4.84
CA LYS A 195 -32.46 -0.59 6.28
C LYS A 195 -31.32 0.16 6.94
N ASN A 196 -31.64 0.93 7.99
CA ASN A 196 -30.66 1.34 8.98
C ASN A 196 -30.62 0.26 10.06
N GLN A 197 -29.98 -0.85 9.70
CA GLN A 197 -30.13 -2.11 10.43
C GLN A 197 -28.88 -2.34 11.26
N SER A 198 -28.91 -1.84 12.49
CA SER A 198 -27.79 -2.01 13.42
C SER A 198 -27.90 -3.39 14.06
N LEU A 199 -27.39 -4.40 13.35
CA LEU A 199 -27.39 -5.78 13.83
C LEU A 199 -26.22 -5.95 14.80
N GLY A 200 -26.53 -5.94 16.09
CA GLY A 200 -25.52 -6.24 17.08
C GLY A 200 -25.51 -7.71 17.41
N LEU A 201 -25.15 -8.05 18.65
CA LEU A 201 -25.26 -9.44 19.09
C LEU A 201 -26.70 -9.86 19.31
N GLU A 202 -27.60 -8.90 19.53
CA GLU A 202 -29.03 -9.15 19.74
C GLU A 202 -29.72 -9.73 18.52
N ASN A 203 -29.10 -9.64 17.34
CA ASN A 203 -29.56 -10.41 16.19
C ASN A 203 -29.57 -11.90 16.50
N LEU A 204 -28.46 -12.41 17.05
CA LEU A 204 -28.22 -13.83 17.22
C LEU A 204 -29.18 -14.48 18.22
N GLU A 205 -29.89 -13.68 19.04
CA GLU A 205 -30.93 -14.24 19.88
C GLU A 205 -32.11 -14.72 19.05
N HIS A 206 -32.54 -13.95 18.04
CA HIS A 206 -33.72 -14.37 17.28
C HIS A 206 -33.36 -15.14 16.02
N LEU A 207 -32.14 -15.65 15.92
CA LEU A 207 -31.84 -16.74 15.01
C LEU A 207 -32.33 -18.05 15.63
N LYS A 208 -32.25 -19.15 14.88
CA LYS A 208 -32.98 -20.35 15.31
C LYS A 208 -32.25 -21.18 16.35
N ARG A 209 -30.93 -21.37 16.20
CA ARG A 209 -30.08 -22.20 17.08
C ARG A 209 -30.61 -23.64 17.14
N ASN A 210 -30.41 -24.34 16.02
CA ASN A 210 -30.67 -25.76 16.00
C ASN A 210 -29.44 -26.56 16.42
N SER A 211 -29.56 -27.88 16.35
CA SER A 211 -28.48 -28.79 16.70
C SER A 211 -28.24 -29.78 15.56
N LEU A 212 -27.04 -30.35 15.55
CA LEU A 212 -26.62 -31.23 14.47
C LEU A 212 -26.15 -32.59 15.00
N ASP A 213 -26.25 -32.82 16.32
CA ASP A 213 -25.65 -33.95 17.04
C ASP A 213 -24.14 -33.99 16.81
N TYR A 214 -23.55 -32.80 16.73
CA TYR A 214 -22.10 -32.62 16.67
C TYR A 214 -21.68 -31.60 17.72
N ASP A 215 -22.58 -30.65 18.00
CA ASP A 215 -22.35 -29.67 19.06
C ASP A 215 -22.32 -30.31 20.44
N GLU A 216 -23.06 -31.41 20.64
CA GLU A 216 -22.99 -32.15 21.90
C GLU A 216 -21.58 -32.73 22.10
N ARG A 217 -20.98 -33.25 21.05
CA ARG A 217 -19.62 -33.75 21.15
C ARG A 217 -18.58 -32.63 21.09
N LEU A 218 -18.92 -31.48 20.52
CA LEU A 218 -18.10 -30.29 20.71
C LEU A 218 -18.02 -29.91 22.17
N ASN A 219 -19.16 -29.94 22.87
CA ASN A 219 -19.17 -29.62 24.29
C ASN A 219 -18.50 -30.72 25.11
N GLU A 220 -18.63 -31.98 24.68
CA GLU A 220 -17.97 -33.09 25.34
C GLU A 220 -16.45 -33.05 25.15
N SER A 221 -15.98 -32.47 24.04
CA SER A 221 -14.54 -32.30 23.85
C SER A 221 -14.00 -31.02 24.46
N LEU A 222 -14.87 -30.04 24.71
CA LEU A 222 -14.38 -28.68 24.91
C LEU A 222 -14.77 -28.14 26.29
N PHE A 223 -15.92 -28.57 26.82
CA PHE A 223 -16.47 -27.95 28.02
C PHE A 223 -16.64 -28.90 29.20
N ILE A 224 -16.04 -30.09 29.18
CA ILE A 224 -16.20 -31.00 30.31
C ILE A 224 -15.38 -30.54 31.51
N GLY A 225 -14.10 -30.29 31.31
CA GLY A 225 -13.27 -29.90 32.42
C GLY A 225 -13.40 -28.47 32.90
N LEU A 226 -14.33 -27.68 32.33
CA LEU A 226 -14.58 -26.32 32.79
C LEU A 226 -15.75 -26.33 33.77
N LYS A 227 -15.53 -25.81 34.97
CA LYS A 227 -16.62 -25.73 35.93
C LYS A 227 -16.80 -24.32 36.48
N GLY A 228 -15.71 -23.55 36.55
CA GLY A 228 -15.77 -22.19 37.06
C GLY A 228 -16.20 -22.06 38.50
N ASP A 229 -15.84 -23.03 39.35
CA ASP A 229 -16.34 -23.08 40.72
C ASP A 229 -15.21 -23.42 41.69
N ILE A 230 -13.96 -23.26 41.27
CA ILE A 230 -12.82 -23.66 42.08
C ILE A 230 -12.66 -22.69 43.24
N ARG A 231 -12.48 -23.24 44.44
CA ARG A 231 -12.36 -22.42 45.65
C ARG A 231 -11.03 -21.66 45.66
N GLU A 232 -10.98 -20.63 46.49
CA GLU A 232 -9.78 -19.79 46.56
C GLU A 232 -8.63 -20.47 47.29
N SER A 233 -8.91 -21.49 48.09
CA SER A 233 -7.85 -22.17 48.82
C SER A 233 -7.28 -23.37 48.06
N THR A 234 -8.11 -24.01 47.23
CA THR A 234 -7.63 -25.15 46.46
C THR A 234 -6.68 -24.73 45.35
N VAL A 235 -6.82 -23.50 44.84
CA VAL A 235 -5.85 -22.99 43.87
C VAL A 235 -4.49 -22.80 44.53
N ARG A 236 -4.49 -22.27 45.76
CA ARG A 236 -3.24 -22.13 46.52
C ARG A 236 -2.62 -23.48 46.84
N GLU A 237 -3.45 -24.44 47.28
CA GLU A 237 -2.93 -25.77 47.63
C GLU A 237 -2.50 -26.54 46.39
N GLU A 238 -3.03 -26.20 45.21
CA GLU A 238 -2.54 -26.80 43.99
C GLU A 238 -1.24 -26.17 43.52
N LEU A 239 -1.16 -24.84 43.55
CA LEU A 239 -0.01 -24.15 43.00
C LEU A 239 1.24 -24.26 43.88
N ILE A 240 1.08 -24.40 45.20
CA ILE A 240 2.23 -24.63 46.06
C ILE A 240 2.81 -26.03 45.80
N LYS A 241 1.93 -27.03 45.61
CA LYS A 241 2.40 -28.36 45.25
C LYS A 241 3.00 -28.39 43.85
N LEU A 242 2.49 -27.54 42.95
CA LEU A 242 3.07 -27.45 41.61
C LEU A 242 4.46 -26.81 41.65
N LYS A 243 4.66 -25.79 42.49
CA LYS A 243 5.99 -25.22 42.66
C LYS A 243 6.94 -26.19 43.33
N MET A 244 6.44 -26.99 44.27
CA MET A 244 7.25 -28.03 44.89
C MET A 244 7.63 -29.12 43.90
N TRP A 245 6.75 -29.40 42.94
CA TRP A 245 7.10 -30.30 41.84
C TRP A 245 8.12 -29.67 40.91
N PHE A 246 7.94 -28.39 40.59
CA PHE A 246 8.72 -27.74 39.54
C PHE A 246 10.15 -27.46 40.00
N LYS A 247 10.32 -26.97 41.24
CA LYS A 247 11.64 -26.64 41.73
C LYS A 247 12.49 -27.88 41.98
N ASP A 248 11.90 -28.95 42.49
CA ASP A 248 12.64 -30.17 42.76
C ASP A 248 12.72 -31.11 41.56
N GLU A 249 11.90 -30.87 40.53
CA GLU A 249 11.81 -31.82 39.43
C GLU A 249 12.62 -31.38 38.21
N VAL A 250 12.31 -30.22 37.66
CA VAL A 250 12.80 -29.91 36.32
C VAL A 250 13.56 -28.58 36.31
N PHE A 251 13.61 -27.90 37.44
CA PHE A 251 14.56 -26.80 37.52
C PHE A 251 15.91 -27.29 38.04
N SER A 252 15.90 -28.27 38.94
CA SER A 252 17.15 -28.77 39.48
C SER A 252 17.89 -29.67 38.51
N LYS A 253 17.19 -30.30 37.57
CA LYS A 253 17.86 -31.10 36.54
C LYS A 253 18.22 -30.28 35.31
N GLY A 254 17.86 -29.00 35.28
CA GLY A 254 18.32 -28.10 34.25
C GLY A 254 17.62 -28.18 32.91
N LEU A 255 16.30 -28.02 32.90
CA LEU A 255 15.54 -27.78 31.68
C LEU A 255 14.95 -26.38 31.65
N GLY A 256 15.62 -25.43 32.28
CA GLY A 256 15.16 -24.07 32.26
C GLY A 256 15.35 -23.41 30.90
N LYS A 257 14.34 -22.65 30.50
CA LYS A 257 14.37 -21.89 29.26
C LYS A 257 15.15 -20.59 29.40
N PHE A 258 15.60 -20.26 30.61
CA PHE A 258 16.16 -18.96 30.94
C PHE A 258 17.47 -19.15 31.69
N LYS A 259 18.51 -18.38 31.32
CA LYS A 259 19.80 -18.45 31.99
C LYS A 259 20.30 -17.04 32.29
N LEU A 260 21.54 -16.94 32.77
CA LEU A 260 22.06 -15.74 33.42
C LEU A 260 22.98 -14.91 32.51
N THR A 261 22.88 -15.11 31.19
CA THR A 261 23.51 -14.43 30.05
C THR A 261 25.00 -14.66 29.88
N ASP A 262 25.71 -15.01 30.95
CA ASP A 262 27.16 -15.30 31.02
C ASP A 262 27.99 -14.41 30.08
N ARG A 263 27.91 -13.09 30.33
CA ARG A 263 28.21 -12.01 29.36
C ARG A 263 29.48 -12.13 28.55
N ARG A 264 30.48 -12.88 29.04
CA ARG A 264 31.64 -13.22 28.23
C ARG A 264 31.27 -14.16 27.08
N GLU A 265 30.30 -15.05 27.28
CA GLU A 265 30.01 -16.09 26.31
C GLU A 265 29.16 -15.58 25.15
N LEU A 266 28.32 -14.56 25.39
CA LEU A 266 27.47 -14.03 24.33
C LEU A 266 28.29 -13.39 23.21
N LEU A 267 29.39 -12.74 23.54
CA LEU A 267 30.24 -12.15 22.51
C LEU A 267 30.99 -13.21 21.71
N GLU A 268 31.36 -14.32 22.36
CA GLU A 268 31.97 -15.43 21.64
C GLU A 268 30.96 -16.11 20.71
N SER A 269 29.73 -16.29 21.18
CA SER A 269 28.68 -16.82 20.33
C SER A 269 28.28 -15.84 19.23
N LEU A 270 28.50 -14.54 19.45
CA LEU A 270 28.24 -13.56 18.42
C LEU A 270 29.32 -13.60 17.34
N SER A 271 30.58 -13.76 17.76
CA SER A 271 31.68 -13.91 16.80
C SER A 271 31.53 -15.19 15.99
N SER A 272 31.03 -16.26 16.62
CA SER A 272 30.68 -17.46 15.87
C SER A 272 29.39 -17.29 15.08
N LEU A 273 28.58 -16.28 15.41
CA LEU A 273 27.24 -16.16 14.85
C LEU A 273 27.27 -15.42 13.52
N GLY A 274 27.84 -14.21 13.51
CA GLY A 274 27.79 -13.37 12.33
C GLY A 274 29.08 -13.30 11.55
N ALA A 275 30.22 -13.27 12.25
CA ALA A 275 31.51 -13.18 11.59
C ALA A 275 31.85 -14.51 10.91
N HIS A 276 31.51 -14.62 9.63
CA HIS A 276 31.63 -15.87 8.89
C HIS A 276 33.10 -16.16 8.56
N LEU A 277 33.82 -16.65 9.57
CA LEU A 277 35.18 -17.10 9.35
C LEU A 277 35.25 -18.41 8.57
N ASP A 278 34.18 -19.20 8.62
CA ASP A 278 34.13 -20.43 7.82
C ASP A 278 33.97 -20.12 6.35
N SER A 279 33.27 -19.03 6.02
CA SER A 279 33.00 -18.68 4.63
C SER A 279 34.24 -18.11 3.96
N ASP A 280 34.26 -18.20 2.63
CA ASP A 280 35.39 -17.76 1.81
C ASP A 280 35.27 -16.32 1.35
N VAL A 281 34.62 -15.47 2.13
CA VAL A 281 34.40 -14.08 1.75
C VAL A 281 35.71 -13.30 1.93
N SER A 282 35.81 -12.18 1.24
CA SER A 282 36.95 -11.29 1.40
C SER A 282 36.69 -10.28 2.50
N SER A 283 37.76 -9.72 3.05
CA SER A 283 37.63 -8.70 4.08
C SER A 283 37.30 -7.33 3.49
N CYS A 284 37.58 -7.13 2.21
CA CYS A 284 37.23 -5.87 1.55
C CYS A 284 35.74 -5.83 1.25
N PRO A 285 35.01 -4.82 1.72
CA PRO A 285 33.57 -4.77 1.44
C PRO A 285 33.24 -4.47 -0.01
N PHE A 286 34.15 -3.84 -0.75
CA PHE A 286 33.85 -3.45 -2.12
C PHE A 286 33.97 -4.62 -3.09
N CYS A 287 34.91 -5.54 -2.85
CA CYS A 287 35.15 -6.64 -3.77
C CYS A 287 33.99 -7.63 -3.78
N ASN A 288 33.32 -7.80 -2.65
CA ASN A 288 32.27 -8.81 -2.53
C ASN A 288 30.91 -8.32 -2.98
N ASN A 289 30.61 -7.04 -2.77
CA ASN A 289 29.35 -6.48 -3.22
C ASN A 289 29.52 -5.95 -4.63
N LYS A 290 28.55 -6.28 -5.50
CA LYS A 290 28.65 -5.94 -6.90
C LYS A 290 28.30 -4.49 -7.19
N LEU A 291 27.93 -3.71 -6.18
CA LEU A 291 27.58 -2.31 -6.41
C LEU A 291 28.47 -1.35 -5.63
N MET A 292 29.03 -1.78 -4.49
CA MET A 292 30.01 -0.96 -3.80
C MET A 292 31.29 -0.81 -4.60
N GLU A 293 31.64 -1.84 -5.39
CA GLU A 293 32.78 -1.73 -6.29
C GLU A 293 32.53 -0.69 -7.37
N ILE A 294 31.29 -0.63 -7.86
CA ILE A 294 30.94 0.34 -8.90
C ILE A 294 30.90 1.75 -8.34
N VAL A 295 30.38 1.91 -7.12
CA VAL A 295 30.38 3.20 -6.45
C VAL A 295 31.81 3.66 -6.17
N TYR A 296 32.69 2.72 -5.81
CA TYR A 296 34.10 3.03 -5.60
C TYR A 296 34.79 3.43 -6.90
N ASN A 297 34.48 2.75 -8.00
CA ASN A 297 35.09 3.07 -9.28
C ASN A 297 34.59 4.40 -9.84
N VAL A 298 33.33 4.74 -9.54
CA VAL A 298 32.82 6.05 -9.94
C VAL A 298 33.48 7.15 -9.13
N THR A 299 33.52 7.00 -7.80
CA THR A 299 33.97 8.11 -6.97
C THR A 299 35.47 8.23 -6.87
N PHE A 300 36.24 7.29 -7.43
CA PHE A 300 37.70 7.44 -7.49
C PHE A 300 38.19 7.44 -8.93
N SER A 301 37.38 7.98 -9.82
CA SER A 301 37.83 8.43 -11.13
C SER A 301 37.56 9.91 -11.33
N SER A 302 37.08 10.60 -10.31
CA SER A 302 36.70 12.00 -10.40
C SER A 302 37.28 12.89 -9.30
N VAL A 303 37.77 12.33 -8.20
CA VAL A 303 38.33 13.16 -7.15
C VAL A 303 39.75 13.59 -7.49
N GLU A 304 40.57 12.67 -8.01
CA GLU A 304 41.97 12.97 -8.27
C GLU A 304 42.15 13.87 -9.50
N ARG A 305 41.23 13.78 -10.47
CA ARG A 305 41.20 14.61 -11.68
C ARG A 305 42.50 14.62 -12.50
N THR A 321 27.58 26.93 -24.03
CA THR A 321 26.87 25.68 -24.26
C THR A 321 25.50 25.93 -24.89
N ASN A 322 25.49 26.66 -26.00
CA ASN A 322 24.24 26.87 -26.72
C ASN A 322 23.78 25.61 -27.44
N ILE A 323 24.73 24.80 -27.93
CA ILE A 323 24.36 23.56 -28.59
C ILE A 323 23.88 22.53 -27.59
N GLU A 324 24.36 22.60 -26.34
CA GLU A 324 23.91 21.66 -25.30
C GLU A 324 22.46 21.95 -24.90
N LYS A 325 22.13 23.22 -24.69
CA LYS A 325 20.76 23.57 -24.36
C LYS A 325 19.83 23.40 -25.57
N HIS A 326 20.35 23.58 -26.79
CA HIS A 326 19.54 23.30 -27.97
C HIS A 326 19.27 21.80 -28.11
N TYR A 327 20.26 20.97 -27.80
CA TYR A 327 20.07 19.52 -27.92
C TYR A 327 19.15 19.00 -26.83
N LEU A 328 19.25 19.53 -25.62
CA LEU A 328 18.32 19.15 -24.56
C LEU A 328 16.92 19.67 -24.84
N SER A 329 16.79 20.83 -25.47
CA SER A 329 15.47 21.36 -25.81
C SER A 329 14.80 20.53 -26.89
N VAL A 330 15.56 20.14 -27.92
CA VAL A 330 14.96 19.29 -28.94
C VAL A 330 14.79 17.86 -28.43
N LEU A 331 15.54 17.45 -27.39
CA LEU A 331 15.30 16.16 -26.77
C LEU A 331 13.99 16.16 -25.99
N SER A 332 13.71 17.26 -25.27
CA SER A 332 12.42 17.38 -24.60
C SER A 332 11.27 17.54 -25.59
N LEU A 333 11.53 18.18 -26.74
CA LEU A 333 10.51 18.25 -27.78
C LEU A 333 10.27 16.89 -28.42
N CYS A 334 11.31 16.05 -28.53
CA CYS A 334 11.13 14.68 -29.01
C CYS A 334 10.37 13.84 -28.00
N ASN A 335 10.62 14.05 -26.70
CA ASN A 335 9.83 13.39 -25.68
C ASN A 335 8.37 13.83 -25.71
N LYS A 336 8.13 15.10 -26.05
CA LYS A 336 6.75 15.56 -26.18
C LYS A 336 6.09 15.03 -27.44
N ILE A 337 6.86 14.82 -28.51
CA ILE A 337 6.28 14.39 -29.78
C ILE A 337 6.14 12.87 -29.87
N LYS A 338 6.82 12.11 -29.00
CA LYS A 338 6.68 10.66 -29.07
C LYS A 338 5.34 10.21 -28.49
N GLY A 339 4.92 10.79 -27.37
CA GLY A 339 3.71 10.34 -26.70
C GLY A 339 2.39 10.78 -27.33
N LEU A 340 2.28 10.64 -28.65
CA LEU A 340 1.03 10.84 -29.38
C LEU A 340 0.72 9.68 -30.30
N LYS A 341 1.74 9.02 -30.86
CA LYS A 341 1.61 7.88 -31.79
C LYS A 341 0.79 8.28 -33.01
N VAL A 342 1.33 9.23 -33.77
CA VAL A 342 0.71 9.70 -35.00
C VAL A 342 1.19 8.93 -36.22
N PHE A 343 1.99 7.88 -36.00
CA PHE A 343 2.65 7.15 -37.08
C PHE A 343 2.14 5.72 -37.20
N ASN A 344 0.97 5.44 -36.64
CA ASN A 344 0.07 4.29 -36.83
C ASN A 344 0.66 2.92 -36.49
N THR A 345 1.91 2.86 -36.03
CA THR A 345 2.53 1.64 -35.53
C THR A 345 3.72 2.05 -34.68
N ARG A 346 4.11 1.16 -33.77
CA ARG A 346 5.09 1.49 -32.75
C ARG A 346 6.54 1.29 -33.20
N ARG A 347 6.77 1.14 -34.50
CA ARG A 347 8.12 0.96 -35.04
C ARG A 347 8.68 2.25 -35.64
N ASN A 348 7.94 2.87 -36.57
CA ASN A 348 8.43 4.08 -37.21
C ASN A 348 8.30 5.32 -36.31
N THR A 349 7.47 5.27 -35.27
CA THR A 349 7.36 6.36 -34.31
C THR A 349 8.46 6.34 -33.25
N LEU A 350 9.52 5.60 -33.51
CA LEU A 350 10.79 5.65 -32.83
C LEU A 350 11.93 5.97 -33.79
N LEU A 351 11.92 5.33 -34.97
CA LEU A 351 12.98 5.54 -35.96
C LEU A 351 12.88 6.91 -36.63
N PHE A 352 11.67 7.48 -36.72
CA PHE A 352 11.54 8.77 -37.39
C PHE A 352 12.17 9.90 -36.57
N LEU A 353 11.92 9.92 -35.26
CA LEU A 353 12.57 10.92 -34.45
C LEU A 353 13.97 10.51 -34.02
N ASP A 354 14.35 9.23 -34.20
CA ASP A 354 15.76 8.88 -34.27
C ASP A 354 16.44 9.57 -35.44
N LEU A 355 15.77 9.59 -36.60
CA LEU A 355 16.28 10.31 -37.76
C LEU A 355 16.34 11.81 -37.52
N ILE A 356 15.33 12.36 -36.83
CA ILE A 356 15.33 13.77 -36.45
C ILE A 356 16.53 14.09 -35.56
N MET A 357 16.80 13.22 -34.58
CA MET A 357 17.89 13.45 -33.65
C MET A 357 19.25 13.32 -34.33
N VAL A 358 19.39 12.38 -35.27
CA VAL A 358 20.70 12.24 -35.92
C VAL A 358 20.90 13.34 -36.97
N ASN A 359 19.82 13.86 -37.58
CA ASN A 359 19.95 15.01 -38.46
C ASN A 359 20.31 16.26 -37.67
N LEU A 360 19.79 16.40 -36.45
CA LEU A 360 20.19 17.54 -35.64
C LEU A 360 21.61 17.37 -35.13
N MET A 361 22.06 16.13 -34.93
CA MET A 361 23.46 15.88 -34.57
C MET A 361 24.39 16.28 -35.71
N VAL A 362 24.07 15.91 -36.94
CA VAL A 362 24.92 16.30 -38.06
C VAL A 362 24.76 17.77 -38.42
N ASP A 363 23.65 18.41 -38.00
CA ASP A 363 23.52 19.85 -38.18
C ASP A 363 24.36 20.63 -37.18
N ILE A 364 24.38 20.19 -35.92
CA ILE A 364 25.28 20.79 -34.93
C ILE A 364 26.74 20.51 -35.28
N SER A 365 27.01 19.36 -35.91
CA SER A 365 28.35 19.07 -36.39
C SER A 365 28.79 20.00 -37.52
N GLU A 366 27.84 20.56 -38.26
CA GLU A 366 28.13 21.55 -39.30
C GLU A 366 27.98 22.99 -38.80
N SER A 367 27.74 23.18 -37.51
CA SER A 367 27.53 24.53 -36.97
C SER A 367 28.86 25.19 -36.61
N CYS A 368 29.64 24.56 -35.74
CA CYS A 368 30.91 25.11 -35.27
C CYS A 368 32.04 24.14 -35.59
N GLN A 369 33.27 24.61 -35.34
CA GLN A 369 34.45 23.78 -35.60
C GLN A 369 34.60 22.68 -34.56
N ASP A 370 34.82 23.08 -33.31
CA ASP A 370 34.89 22.15 -32.18
C ASP A 370 33.57 22.25 -31.41
N ALA A 371 32.56 21.55 -31.91
CA ALA A 371 31.25 21.52 -31.29
C ALA A 371 30.88 20.13 -30.81
N ILE A 372 31.02 19.11 -31.66
CA ILE A 372 30.75 17.73 -31.26
C ILE A 372 31.89 17.16 -30.42
N GLU A 373 33.04 17.83 -30.37
CA GLU A 373 34.19 17.40 -29.59
C GLU A 373 34.19 18.01 -28.19
N SER A 374 34.01 19.32 -28.09
CA SER A 374 34.27 20.02 -26.83
C SER A 374 33.01 20.08 -25.96
N LEU A 375 31.86 20.42 -26.53
CA LEU A 375 30.65 20.62 -25.76
C LEU A 375 29.68 19.45 -25.86
N ARG A 376 30.11 18.34 -26.45
CA ARG A 376 29.29 17.14 -26.52
C ARG A 376 29.93 15.95 -25.84
N LYS A 377 31.23 15.75 -26.09
CA LYS A 377 31.97 14.68 -25.46
C LYS A 377 31.92 14.97 -23.96
N SER A 378 32.23 16.21 -23.59
CA SER A 378 32.16 16.61 -22.19
C SER A 378 30.73 16.66 -21.68
N GLY A 379 29.75 16.60 -22.57
CA GLY A 379 28.35 16.69 -22.20
C GLY A 379 27.56 15.42 -22.42
N LEU A 380 26.83 15.36 -23.54
CA LEU A 380 25.71 14.44 -23.69
C LEU A 380 26.03 13.17 -24.46
N ILE A 381 26.79 13.24 -25.55
CA ILE A 381 27.07 12.07 -26.38
C ILE A 381 28.54 11.72 -26.27
N VAL A 382 28.83 10.42 -26.26
CA VAL A 382 30.21 9.95 -26.10
C VAL A 382 30.58 9.14 -27.33
N GLY A 383 31.79 8.55 -27.31
CA GLY A 383 32.37 7.83 -28.43
C GLY A 383 31.52 6.73 -29.03
N GLN A 384 31.12 6.95 -30.28
CA GLN A 384 30.17 6.11 -31.03
C GLN A 384 28.87 5.95 -30.23
N MET A 385 28.21 7.09 -30.02
CA MET A 385 26.98 7.12 -29.23
C MET A 385 26.22 8.39 -29.58
N VAL A 386 24.89 8.27 -29.65
CA VAL A 386 24.02 9.44 -29.73
C VAL A 386 22.84 9.23 -28.77
N MET A 387 22.78 10.08 -27.75
CA MET A 387 21.73 9.97 -26.74
C MET A 387 20.41 10.46 -27.32
N LEU A 388 19.33 9.75 -27.04
CA LEU A 388 18.05 10.18 -27.59
C LEU A 388 16.80 9.82 -26.80
N VAL A 389 15.68 9.94 -27.51
CA VAL A 389 14.32 9.70 -27.04
C VAL A 389 14.00 9.19 -25.63
N ASN A 390 13.98 7.87 -25.47
CA ASN A 390 13.52 7.25 -24.22
C ASN A 390 14.74 6.92 -23.37
N ASP A 391 15.59 7.93 -23.14
CA ASP A 391 16.89 7.83 -22.50
C ASP A 391 17.76 6.78 -23.19
N ARG A 392 17.62 6.67 -24.52
CA ARG A 392 18.25 5.58 -25.25
C ARG A 392 19.60 5.96 -25.79
N VAL A 393 20.59 5.12 -25.50
CA VAL A 393 21.86 5.09 -26.19
C VAL A 393 21.65 4.30 -27.47
N LEU A 394 22.12 4.84 -28.60
CA LEU A 394 21.90 4.16 -29.88
C LEU A 394 23.16 3.71 -30.63
N ASP A 395 24.31 4.25 -30.25
CA ASP A 395 25.58 3.90 -30.90
C ASP A 395 25.51 4.01 -32.44
N ILE A 396 25.01 5.16 -32.86
CA ILE A 396 24.82 5.60 -34.25
C ILE A 396 24.91 4.72 -35.50
N LEU A 397 25.86 3.81 -35.62
CA LEU A 397 25.98 3.14 -36.92
C LEU A 397 24.78 2.25 -37.26
N GLU A 398 24.09 1.72 -36.25
CA GLU A 398 22.92 0.89 -36.47
C GLU A 398 21.80 1.66 -37.17
N ALA A 399 21.60 2.93 -36.78
CA ALA A 399 20.66 3.80 -37.49
C ALA A 399 21.07 4.00 -38.94
N ILE A 400 22.39 4.09 -39.18
CA ILE A 400 22.91 4.22 -40.54
C ILE A 400 22.60 2.95 -41.33
N LYS A 401 22.48 1.81 -40.64
CA LYS A 401 21.85 0.66 -41.26
C LYS A 401 20.35 0.87 -41.43
N LEU A 402 19.65 1.16 -40.33
CA LEU A 402 18.19 1.01 -40.26
C LEU A 402 17.45 1.98 -41.15
N ILE A 403 17.82 3.26 -41.11
CA ILE A 403 17.29 4.26 -42.03
C ILE A 403 17.54 3.85 -43.48
N ARG A 404 18.74 3.34 -43.77
CA ARG A 404 19.02 2.77 -45.08
C ARG A 404 18.15 1.55 -45.34
N LYS A 405 17.97 0.71 -44.32
CA LYS A 405 17.00 -0.38 -44.42
C LYS A 405 15.59 0.16 -44.62
N LYS A 406 15.29 1.31 -43.99
CA LYS A 406 14.00 1.94 -44.18
C LYS A 406 13.86 2.47 -45.60
N ILE A 407 14.96 2.95 -46.20
CA ILE A 407 14.83 3.39 -47.59
C ILE A 407 14.86 2.19 -48.52
N GLY A 408 15.24 1.01 -48.00
CA GLY A 408 14.96 -0.21 -48.72
C GLY A 408 13.48 -0.56 -48.70
N THR A 409 12.79 -0.21 -47.62
CA THR A 409 11.37 -0.54 -47.51
C THR A 409 10.52 0.54 -48.17
N ASN A 410 10.72 1.80 -47.77
CA ASN A 410 10.04 2.93 -48.38
C ASN A 410 11.08 3.83 -49.02
N PRO A 411 11.24 3.81 -50.36
CA PRO A 411 12.24 4.69 -50.98
C PRO A 411 11.87 6.15 -50.92
N ASN A 412 10.60 6.48 -51.18
CA ASN A 412 10.10 7.84 -51.03
C ASN A 412 9.41 7.91 -49.67
N TRP A 413 10.23 7.77 -48.62
CA TRP A 413 9.70 7.69 -47.26
C TRP A 413 9.33 9.04 -46.69
N VAL A 414 10.25 10.00 -46.71
CA VAL A 414 9.98 11.33 -46.16
C VAL A 414 9.35 12.16 -47.28
N LYS A 415 8.07 11.90 -47.52
CA LYS A 415 7.25 12.75 -48.37
C LYS A 415 5.86 13.00 -47.80
N ASN A 416 5.37 12.14 -46.90
CA ASN A 416 4.03 12.27 -46.33
C ASN A 416 4.09 12.17 -44.82
N CYS A 417 5.15 11.53 -44.30
CA CYS A 417 5.33 11.41 -42.86
C CYS A 417 5.83 12.70 -42.22
N SER A 418 6.19 13.71 -43.01
CA SER A 418 6.43 15.04 -42.48
C SER A 418 5.14 15.85 -42.47
N LYS A 419 4.32 15.70 -43.51
CA LYS A 419 3.05 16.39 -43.61
C LYS A 419 2.02 15.86 -42.64
N ILE A 420 2.18 14.62 -42.17
CA ILE A 420 1.32 14.12 -41.08
C ILE A 420 1.77 14.68 -39.74
N LEU A 421 2.96 15.27 -39.66
CA LEU A 421 3.32 16.16 -38.57
C LEU A 421 3.02 17.63 -38.90
N GLU A 422 2.39 17.90 -40.03
CA GLU A 422 1.80 19.20 -40.31
C GLU A 422 0.28 19.17 -40.12
N ARG A 423 -0.40 18.28 -40.83
CA ARG A 423 -1.84 18.11 -40.70
C ARG A 423 -2.14 16.83 -39.91
N SER A 424 -3.30 16.86 -39.21
CA SER A 424 -3.69 15.86 -38.21
C SER A 424 -2.56 15.65 -37.20
N HIS A 425 -2.20 16.73 -36.53
CA HIS A 425 -0.88 16.84 -35.92
C HIS A 425 -0.97 17.89 -34.82
N PRO A 426 0.09 18.02 -34.00
CA PRO A 426 0.24 19.26 -33.22
C PRO A 426 0.39 20.51 -34.07
N GLU A 427 0.92 20.37 -35.29
CA GLU A 427 1.09 21.38 -36.34
C GLU A 427 2.12 22.46 -35.98
N ILE A 428 2.77 22.37 -34.82
CA ILE A 428 3.92 23.21 -34.51
C ILE A 428 5.12 22.27 -34.42
N TRP A 429 5.94 22.26 -35.47
CA TRP A 429 7.19 21.51 -35.47
C TRP A 429 8.34 22.50 -35.48
N LEU A 430 9.09 22.55 -34.39
CA LEU A 430 10.18 23.50 -34.22
C LEU A 430 11.50 22.97 -34.75
N GLN A 431 11.47 21.90 -35.55
CA GLN A 431 12.67 21.40 -36.19
C GLN A 431 13.14 22.36 -37.28
N LEU A 432 14.44 22.36 -37.55
CA LEU A 432 14.99 23.27 -38.55
C LEU A 432 14.57 22.84 -39.96
N ASN A 433 15.01 21.67 -40.38
CA ASN A 433 14.51 21.06 -41.61
C ASN A 433 14.48 19.54 -41.54
N THR A 434 14.64 18.95 -40.35
CA THR A 434 15.02 17.55 -40.20
C THR A 434 13.91 16.56 -40.52
N LEU A 435 12.68 17.02 -40.77
CA LEU A 435 11.62 16.08 -41.12
C LEU A 435 11.84 15.50 -42.52
N ILE A 436 11.90 16.36 -43.54
CA ILE A 436 12.14 15.92 -44.91
C ILE A 436 13.62 15.76 -45.23
N ARG A 437 14.50 16.02 -44.27
CA ARG A 437 15.94 15.99 -44.52
C ARG A 437 16.40 14.55 -44.60
N GLN A 438 16.48 14.04 -45.82
CA GLN A 438 17.12 12.76 -46.09
C GLN A 438 18.59 12.89 -45.74
N PRO A 439 19.11 12.14 -44.77
CA PRO A 439 20.48 12.38 -44.30
C PRO A 439 21.53 11.92 -45.29
N ASP A 440 22.54 12.77 -45.46
CA ASP A 440 23.72 12.40 -46.23
C ASP A 440 24.46 11.29 -45.48
N PHE A 441 24.41 10.07 -46.03
CA PHE A 441 24.96 8.91 -45.36
C PHE A 441 26.48 8.99 -45.24
N ASN A 442 27.15 9.60 -46.22
CA ASN A 442 28.60 9.74 -46.18
C ASN A 442 29.03 10.69 -45.07
N SER A 443 28.22 11.72 -44.79
CA SER A 443 28.52 12.62 -43.67
C SER A 443 28.36 11.89 -42.34
N LEU A 444 27.32 11.07 -42.20
CA LEU A 444 27.14 10.32 -40.96
C LEU A 444 28.22 9.26 -40.77
N ILE A 445 28.70 8.66 -41.86
CA ILE A 445 29.85 7.76 -41.79
C ILE A 445 31.11 8.52 -41.39
N SER A 446 31.26 9.76 -41.88
CA SER A 446 32.44 10.55 -41.51
C SER A 446 32.44 10.94 -40.04
N ILE A 447 31.27 11.33 -39.50
CA ILE A 447 31.18 11.63 -38.08
C ILE A 447 31.33 10.36 -37.24
N ALA A 448 30.66 9.27 -37.62
CA ALA A 448 30.73 8.03 -36.84
C ALA A 448 32.09 7.36 -36.93
N GLN A 449 32.85 7.69 -37.97
CA GLN A 449 34.20 7.16 -38.15
C GLN A 449 35.21 8.00 -37.38
N TYR A 450 34.74 9.12 -36.82
CA TYR A 450 35.57 10.01 -36.04
C TYR A 450 35.57 9.58 -34.58
N LEU A 451 34.39 9.29 -34.05
CA LEU A 451 34.24 8.85 -32.68
C LEU A 451 34.70 7.40 -32.53
N VAL A 452 35.99 7.21 -32.26
CA VAL A 452 36.56 5.88 -32.11
C VAL A 452 36.65 5.46 -30.65
N SER A 453 35.53 4.99 -30.10
CA SER A 453 35.51 4.55 -28.71
C SER A 453 34.92 3.15 -28.59
N ASP A 454 35.44 2.39 -27.62
CA ASP A 454 34.99 1.03 -27.39
C ASP A 454 33.47 0.98 -27.24
N ARG A 455 32.88 -0.09 -27.78
CA ARG A 455 31.45 -0.30 -27.62
C ARG A 455 31.16 -0.69 -26.16
N PRO A 456 29.96 -0.39 -25.66
CA PRO A 456 29.65 -0.74 -24.28
C PRO A 456 29.48 -2.24 -24.09
N ILE A 457 30.02 -2.74 -22.98
CA ILE A 457 29.86 -4.13 -22.58
C ILE A 457 29.07 -4.12 -21.28
N MET A 458 28.26 -5.15 -21.07
CA MET A 458 27.34 -5.19 -19.95
C MET A 458 27.50 -6.54 -19.26
N ARG A 459 28.32 -6.55 -18.21
CA ARG A 459 28.78 -7.79 -17.57
C ARG A 459 27.67 -8.43 -16.74
N TYR A 460 27.54 -9.75 -16.88
CA TYR A 460 26.78 -10.55 -15.91
C TYR A 460 27.74 -11.11 -14.86
N SER A 461 27.23 -12.05 -14.06
CA SER A 461 27.99 -12.81 -13.04
C SER A 461 28.69 -11.95 -12.01
N LYS A 468 39.01 -11.87 -7.19
CA LYS A 468 40.33 -11.73 -7.81
C LYS A 468 41.26 -10.91 -6.93
N ILE A 469 42.07 -10.06 -7.55
CA ILE A 469 42.96 -9.19 -6.80
C ILE A 469 42.17 -8.02 -6.21
N CYS A 470 42.76 -7.39 -5.19
CA CYS A 470 42.06 -6.33 -4.47
C CYS A 470 42.98 -5.13 -4.30
N ARG A 471 42.43 -3.94 -4.57
CA ARG A 471 43.10 -2.69 -4.25
C ARG A 471 42.01 -1.64 -4.08
N HIS A 472 41.61 -1.38 -2.83
CA HIS A 472 40.48 -0.49 -2.58
C HIS A 472 40.72 0.49 -1.43
N LYS A 473 41.98 0.64 -1.00
CA LYS A 473 42.49 1.76 -0.20
C LYS A 473 41.91 1.85 1.22
N LEU A 474 41.27 0.78 1.71
CA LEU A 474 41.06 0.55 3.14
C LEU A 474 40.26 1.65 3.85
N PHE A 475 38.93 1.65 3.65
CA PHE A 475 37.96 2.66 4.11
C PHE A 475 38.20 3.26 5.49
N GLN A 476 38.69 2.45 6.44
CA GLN A 476 39.03 2.96 7.76
C GLN A 476 40.21 3.93 7.74
N GLU A 477 41.02 3.94 6.69
CA GLU A 477 42.20 4.78 6.61
C GLU A 477 41.96 6.03 5.75
N MET A 478 40.93 6.03 4.91
CA MET A 478 40.65 7.17 4.04
C MET A 478 40.08 8.33 4.85
N SER A 479 40.37 9.55 4.39
CA SER A 479 39.94 10.75 5.09
C SER A 479 38.44 10.93 4.96
N SER A 480 37.87 11.75 5.86
CA SER A 480 36.44 12.00 5.88
C SER A 480 35.97 12.90 4.75
N PHE A 481 36.89 13.49 3.97
CA PHE A 481 36.49 14.30 2.83
C PHE A 481 36.00 13.43 1.67
N GLU A 482 36.68 12.32 1.40
CA GLU A 482 36.28 11.43 0.32
C GLU A 482 35.30 10.36 0.77
N GLN A 483 35.07 10.21 2.07
CA GLN A 483 33.97 9.37 2.53
C GLN A 483 32.62 10.02 2.24
N MET A 484 32.57 11.34 2.22
CA MET A 484 31.37 12.05 1.77
C MET A 484 31.14 11.82 0.28
N ARG A 485 32.22 11.68 -0.49
CA ARG A 485 32.11 11.48 -1.93
C ARG A 485 31.47 10.15 -2.29
N LEU A 486 31.68 9.12 -1.45
CA LEU A 486 31.03 7.84 -1.66
C LEU A 486 29.52 7.97 -1.54
N PHE A 487 29.03 8.69 -0.53
CA PHE A 487 27.58 8.89 -0.40
C PHE A 487 27.05 9.83 -1.47
N LYS A 488 27.84 10.81 -1.91
CA LYS A 488 27.35 11.72 -2.95
C LYS A 488 27.23 11.01 -4.30
N THR A 489 28.24 10.20 -4.65
CA THR A 489 28.14 9.42 -5.88
C THR A 489 27.14 8.29 -5.75
N LEU A 490 26.89 7.80 -4.53
CA LEU A 490 25.81 6.85 -4.33
C LEU A 490 24.46 7.53 -4.52
N SER A 491 24.34 8.80 -4.12
CA SER A 491 23.12 9.55 -4.35
C SER A 491 22.89 9.80 -5.84
N SER A 492 23.97 10.12 -6.56
CA SER A 492 23.85 10.34 -8.00
C SER A 492 23.49 9.05 -8.74
N ILE A 493 24.18 7.95 -8.42
CA ILE A 493 23.88 6.68 -9.07
C ILE A 493 22.51 6.18 -8.64
N SER A 494 22.08 6.48 -7.41
CA SER A 494 20.80 6.01 -6.93
C SER A 494 19.66 6.80 -7.57
N LEU A 495 19.87 8.09 -7.82
CA LEU A 495 18.92 8.86 -8.60
C LEU A 495 18.83 8.33 -10.03
N SER A 496 19.96 7.89 -10.59
CA SER A 496 19.95 7.27 -11.91
C SER A 496 19.19 5.95 -11.90
N LEU A 497 19.24 5.21 -10.78
CA LEU A 497 18.42 4.00 -10.65
C LEU A 497 16.95 4.34 -10.52
N ILE A 498 16.61 5.34 -9.70
CA ILE A 498 15.22 5.64 -9.41
C ILE A 498 14.51 6.20 -10.64
N ASN A 499 15.18 7.03 -11.44
CA ASN A 499 14.50 7.50 -12.64
C ASN A 499 14.65 6.54 -13.83
N SER A 500 14.95 5.26 -13.58
CA SER A 500 14.84 4.25 -14.62
C SER A 500 13.44 3.68 -14.71
N MET A 501 12.55 4.06 -13.79
CA MET A 501 11.13 3.84 -13.99
C MET A 501 10.53 4.88 -14.93
N LYS A 502 11.21 6.02 -15.08
CA LYS A 502 10.73 7.13 -15.90
C LYS A 502 10.72 6.76 -17.38
N THR A 503 11.53 5.79 -17.78
CA THR A 503 11.43 5.20 -19.11
C THR A 503 10.05 4.55 -19.26
N SER A 504 9.44 4.74 -20.43
CA SER A 504 8.12 4.20 -20.71
C SER A 504 8.12 2.67 -20.65
N PHE A 505 6.96 2.11 -20.35
CA PHE A 505 6.88 0.69 -20.03
C PHE A 505 6.45 -0.18 -21.21
N SER A 506 6.04 0.41 -22.33
CA SER A 506 5.89 -0.37 -23.56
C SER A 506 7.21 -0.35 -24.31
N SER A 507 7.60 0.84 -24.80
CA SER A 507 8.95 1.27 -25.23
C SER A 507 9.76 0.19 -25.95
N ARG A 508 9.16 -0.38 -26.99
CA ARG A 508 9.79 -1.50 -27.69
C ARG A 508 10.97 -1.00 -28.52
N LEU A 509 12.10 -1.67 -28.37
CA LEU A 509 13.33 -1.28 -29.05
C LEU A 509 13.30 -1.65 -30.52
N LEU A 510 14.44 -1.48 -31.18
CA LEU A 510 14.58 -1.75 -32.60
C LEU A 510 15.38 -3.01 -32.93
N VAL A 511 16.04 -3.63 -31.95
CA VAL A 511 16.85 -4.83 -32.17
C VAL A 511 16.58 -5.84 -31.05
N ASN A 512 16.25 -7.07 -31.43
CA ASN A 512 16.17 -8.17 -30.47
C ASN A 512 17.55 -8.45 -29.87
N GLU A 513 17.61 -8.45 -28.54
CA GLU A 513 18.77 -8.86 -27.73
C GLU A 513 20.04 -8.08 -28.06
N PHE A 520 26.19 -16.09 -22.91
CA PHE A 520 25.34 -14.90 -22.89
C PHE A 520 25.70 -13.97 -21.74
N GLY A 521 26.88 -14.20 -21.14
CA GLY A 521 27.25 -13.45 -19.96
C GLY A 521 27.67 -12.03 -20.24
N ASN A 522 28.58 -11.82 -21.20
CA ASN A 522 29.13 -10.50 -21.47
C ASN A 522 28.62 -10.04 -22.82
N VAL A 523 27.72 -9.05 -22.80
CA VAL A 523 27.05 -8.57 -23.99
C VAL A 523 27.74 -7.30 -24.46
N ARG A 524 28.24 -7.32 -25.70
CA ARG A 524 28.61 -6.10 -26.39
C ARG A 524 27.32 -5.37 -26.78
N LEU A 525 27.08 -4.23 -26.16
CA LEU A 525 25.75 -3.64 -26.07
C LEU A 525 25.49 -2.78 -27.31
N ARG A 526 24.56 -3.23 -28.15
CA ARG A 526 24.24 -2.52 -29.39
C ARG A 526 23.57 -1.19 -29.11
N GLU A 527 22.40 -1.23 -28.47
CA GLU A 527 21.69 0.00 -28.11
C GLU A 527 20.86 -0.27 -26.86
N CYS A 528 20.91 0.67 -25.91
CA CYS A 528 20.35 0.42 -24.60
C CYS A 528 19.69 1.68 -24.05
N TYR A 529 18.87 1.49 -23.03
CA TYR A 529 18.39 2.58 -22.20
C TYR A 529 19.54 3.08 -21.32
N ALA A 530 19.50 4.35 -20.98
CA ALA A 530 20.64 4.95 -20.28
C ALA A 530 20.22 6.18 -19.50
N GLN A 531 20.41 6.14 -18.19
CA GLN A 531 20.27 7.36 -17.40
C GLN A 531 21.63 8.02 -17.23
N ARG A 532 21.61 9.32 -16.92
CA ARG A 532 22.83 10.08 -16.69
C ARG A 532 22.87 10.59 -15.26
N PHE A 533 24.05 11.05 -14.86
CA PHE A 533 24.27 11.66 -13.56
C PHE A 533 25.56 12.47 -13.60
N TYR A 534 25.55 13.65 -13.01
CA TYR A 534 26.66 14.58 -13.09
C TYR A 534 27.57 14.46 -11.87
N LEU A 535 28.85 14.72 -12.09
CA LEU A 535 29.82 14.74 -11.00
C LEU A 535 30.60 16.04 -10.93
N ALA A 536 30.99 16.59 -12.07
CA ALA A 536 31.69 17.88 -12.13
C ALA A 536 31.34 18.55 -13.45
N GLU A 537 32.12 19.57 -13.80
CA GLU A 537 31.90 20.25 -15.07
C GLU A 537 32.28 19.38 -16.26
N SER A 538 33.36 18.63 -16.15
CA SER A 538 33.90 17.87 -17.27
C SER A 538 33.20 16.53 -17.48
N LEU A 539 33.05 15.74 -16.43
CA LEU A 539 32.60 14.35 -16.59
C LEU A 539 31.14 14.19 -16.27
N VAL A 540 30.46 13.37 -17.07
CA VAL A 540 29.16 12.81 -16.74
C VAL A 540 29.34 11.30 -16.60
N GLY A 541 28.39 10.67 -15.91
CA GLY A 541 28.32 9.24 -15.84
C GLY A 541 27.20 8.71 -16.69
N PHE A 542 27.04 7.39 -16.67
CA PHE A 542 25.94 6.74 -17.37
C PHE A 542 25.47 5.55 -16.57
N LEU A 543 24.29 5.06 -16.95
CA LEU A 543 23.72 3.86 -16.37
C LEU A 543 22.98 3.15 -17.51
N PHE A 544 23.54 2.04 -17.96
CA PHE A 544 23.04 1.32 -19.12
C PHE A 544 22.19 0.14 -18.68
N TYR A 545 21.04 -0.04 -19.33
CA TYR A 545 20.19 -1.18 -19.06
C TYR A 545 19.32 -1.48 -20.26
N GLN A 546 18.94 -2.74 -20.42
CA GLN A 546 18.24 -3.21 -21.60
C GLN A 546 16.73 -3.25 -21.45
N LYS A 547 16.21 -3.54 -20.27
CA LYS A 547 14.79 -3.83 -20.09
C LYS A 547 14.08 -2.67 -19.41
N THR A 548 12.92 -2.30 -19.95
CA THR A 548 12.03 -1.36 -19.29
C THR A 548 11.19 -2.07 -18.25
N GLY A 549 10.78 -1.33 -17.22
CA GLY A 549 10.05 -1.92 -16.12
C GLY A 549 10.56 -1.42 -14.80
N GLU A 550 10.16 -2.11 -13.73
CA GLU A 550 10.50 -1.70 -12.37
C GLU A 550 11.21 -2.79 -11.58
N ARG A 551 11.36 -3.99 -12.14
CA ARG A 551 11.93 -5.12 -11.42
C ARG A 551 13.45 -4.99 -11.37
N SER A 552 14.12 -6.03 -10.90
CA SER A 552 15.58 -6.00 -10.81
C SER A 552 16.20 -6.13 -12.20
N ARG A 553 17.06 -5.18 -12.55
CA ARG A 553 17.74 -5.17 -13.84
C ARG A 553 19.22 -5.49 -13.68
N CYS A 554 19.86 -5.63 -14.84
CA CYS A 554 21.31 -5.72 -14.95
C CYS A 554 21.85 -4.37 -15.44
N TYR A 555 21.99 -3.46 -14.47
CA TYR A 555 22.50 -2.11 -14.74
C TYR A 555 23.98 -2.17 -15.09
N SER A 556 24.45 -1.13 -15.78
CA SER A 556 25.86 -1.05 -16.19
C SER A 556 26.26 0.41 -16.21
N VAL A 557 27.31 0.74 -15.46
CA VAL A 557 27.65 2.12 -15.11
C VAL A 557 28.98 2.49 -15.74
N TYR A 558 28.95 3.45 -16.67
CA TYR A 558 30.16 4.02 -17.25
C TYR A 558 30.28 5.48 -16.88
N LEU A 559 31.51 5.95 -16.68
CA LEU A 559 31.78 7.37 -16.65
C LEU A 559 32.25 7.83 -18.02
N SER A 560 32.49 9.14 -18.14
CA SER A 560 33.09 9.71 -19.34
C SER A 560 33.83 10.97 -18.89
N ASP A 561 35.15 10.85 -18.69
CA ASP A 561 35.91 11.91 -18.02
C ASP A 561 36.04 13.14 -18.91
N ASN A 562 36.48 12.95 -20.16
CA ASN A 562 36.47 14.03 -21.13
C ASN A 562 35.93 13.56 -22.48
N GLY A 563 35.16 12.47 -22.50
CA GLY A 563 34.68 11.88 -23.73
C GLY A 563 35.11 10.44 -23.92
N VAL A 564 36.07 9.95 -23.14
CA VAL A 564 36.50 8.56 -23.24
C VAL A 564 35.56 7.69 -22.41
N MET A 565 35.03 6.65 -23.03
CA MET A 565 34.24 5.67 -22.29
C MET A 565 35.17 4.78 -21.47
N SER A 566 34.74 4.47 -20.25
CA SER A 566 35.54 3.64 -19.36
C SER A 566 34.61 2.73 -18.58
N GLU A 567 34.86 1.42 -18.65
CA GLU A 567 34.03 0.47 -17.93
C GLU A 567 34.39 0.50 -16.45
N GLN A 568 33.37 0.48 -15.60
CA GLN A 568 33.56 0.50 -14.16
C GLN A 568 32.69 -0.53 -13.44
N GLY A 569 32.02 -1.39 -14.17
CA GLY A 569 31.27 -2.48 -13.59
C GLY A 569 29.89 -2.62 -14.21
N SER A 570 29.20 -3.66 -13.77
CA SER A 570 27.82 -3.90 -14.19
C SER A 570 27.15 -4.75 -13.12
N PHE A 571 26.21 -4.16 -12.39
CA PHE A 571 25.54 -4.86 -11.30
C PHE A 571 24.12 -5.26 -11.69
N TYR A 572 23.63 -6.28 -11.00
CA TYR A 572 22.25 -6.77 -11.13
C TYR A 572 21.56 -6.48 -9.81
N CYS A 573 20.65 -5.49 -9.79
CA CYS A 573 19.94 -5.18 -8.56
C CYS A 573 18.59 -4.57 -8.88
N ASP A 574 17.84 -4.29 -7.81
CA ASP A 574 16.46 -3.81 -7.84
C ASP A 574 16.41 -2.34 -7.50
N PRO A 575 15.87 -1.49 -8.38
CA PRO A 575 16.03 -0.04 -8.20
C PRO A 575 15.17 0.55 -7.10
N LYS A 576 13.93 0.10 -6.93
CA LYS A 576 12.97 0.69 -5.99
C LYS A 576 13.31 0.47 -4.54
N ARG A 577 14.40 -0.19 -4.16
CA ARG A 577 14.83 -0.23 -2.79
C ARG A 577 15.91 0.80 -2.49
N PHE A 578 16.19 1.70 -3.44
CA PHE A 578 17.20 2.73 -3.32
C PHE A 578 16.59 4.13 -3.24
N PHE A 579 15.39 4.26 -2.68
CA PHE A 579 14.84 5.60 -2.50
C PHE A 579 15.39 6.26 -1.25
N LEU A 580 16.00 5.48 -0.37
CA LEU A 580 16.65 6.04 0.82
C LEU A 580 17.83 6.95 0.50
N PRO A 581 18.84 6.58 -0.35
CA PRO A 581 19.97 7.51 -0.53
C PRO A 581 19.80 8.52 -1.65
N VAL A 582 18.57 8.76 -2.14
CA VAL A 582 18.40 9.35 -3.46
C VAL A 582 18.80 10.83 -3.48
N PHE A 583 18.69 11.54 -2.36
CA PHE A 583 19.27 12.88 -2.25
C PHE A 583 19.87 13.13 -0.87
N SER A 584 20.36 12.09 -0.21
CA SER A 584 20.66 12.19 1.21
C SER A 584 22.11 11.84 1.53
N ASP A 585 23.06 12.41 0.79
CA ASP A 585 24.43 12.50 1.26
C ASP A 585 24.48 13.17 2.63
N GLU A 586 23.90 14.36 2.72
CA GLU A 586 24.00 15.15 3.94
C GLU A 586 23.20 14.55 5.08
N VAL A 587 22.06 13.92 4.80
CA VAL A 587 21.21 13.37 5.86
C VAL A 587 21.89 12.17 6.52
N LEU A 588 22.38 11.25 5.71
CA LEU A 588 22.98 10.04 6.25
C LEU A 588 24.35 10.34 6.85
N ALA A 589 25.10 11.26 6.24
CA ALA A 589 26.35 11.70 6.83
C ALA A 589 26.12 12.43 8.15
N GLY A 590 25.01 13.16 8.25
CA GLY A 590 24.70 13.86 9.48
C GLY A 590 24.23 12.94 10.58
N MET A 591 23.43 11.93 10.24
CA MET A 591 23.00 11.01 11.29
C MET A 591 24.13 10.08 11.71
N CYS A 592 25.08 9.78 10.81
CA CYS A 592 26.27 9.05 11.22
C CYS A 592 27.20 9.90 12.07
N GLU A 593 27.31 11.20 11.78
CA GLU A 593 28.10 12.10 12.62
C GLU A 593 27.46 12.26 14.00
N GLU A 594 26.12 12.36 14.05
CA GLU A 594 25.42 12.42 15.33
C GLU A 594 25.58 11.14 16.12
N MET A 595 25.39 9.99 15.46
CA MET A 595 25.46 8.69 16.11
C MET A 595 26.87 8.37 16.58
N THR A 596 27.88 8.88 15.87
CA THR A 596 29.24 8.77 16.36
C THR A 596 29.51 9.76 17.49
N SER A 597 28.92 10.97 17.44
CA SER A 597 29.10 11.96 18.49
C SER A 597 28.33 11.65 19.75
N TRP A 598 27.53 10.58 19.76
CA TRP A 598 27.04 9.99 21.01
C TRP A 598 28.13 9.31 21.83
N LEU A 599 29.35 9.20 21.33
CA LEU A 599 30.39 8.41 21.97
C LEU A 599 31.58 9.29 22.33
N ASP A 600 31.30 10.43 22.96
CA ASP A 600 32.33 11.38 23.36
C ASP A 600 32.99 11.02 24.70
N PHE A 601 32.88 9.77 25.15
CA PHE A 601 33.51 9.33 26.38
C PHE A 601 34.85 8.68 26.16
N ASP A 602 35.07 8.04 25.01
CA ASP A 602 36.38 7.54 24.62
C ASP A 602 36.72 8.06 23.23
N THR A 603 37.88 8.71 23.11
CA THR A 603 38.24 9.37 21.87
C THR A 603 38.65 8.38 20.78
N GLY A 604 39.59 7.50 21.11
CA GLY A 604 40.06 6.51 20.15
C GLY A 604 39.00 5.51 19.76
N LEU A 605 38.12 5.15 20.70
CA LEU A 605 36.98 4.29 20.38
C LEU A 605 36.02 5.00 19.43
N MET A 606 35.86 6.32 19.59
CA MET A 606 35.02 7.11 18.70
C MET A 606 35.60 7.15 17.28
N ASN A 607 36.91 7.41 17.17
CA ASN A 607 37.54 7.46 15.86
C ASN A 607 37.67 6.07 15.24
N ASP A 608 37.57 5.01 16.03
CA ASP A 608 37.54 3.67 15.45
C ASP A 608 36.12 3.29 15.01
N THR A 609 35.10 3.74 15.76
CA THR A 609 33.73 3.35 15.46
C THR A 609 33.09 4.26 14.40
N GLY A 610 33.72 5.38 14.06
CA GLY A 610 33.22 6.24 13.00
C GLY A 610 33.19 5.59 11.63
N PRO A 611 34.36 5.27 11.07
CA PRO A 611 34.39 4.69 9.73
C PRO A 611 33.79 3.29 9.63
N ILE A 612 33.79 2.51 10.71
CA ILE A 612 33.20 1.18 10.58
C ILE A 612 31.66 1.26 10.53
N LEU A 613 31.06 2.22 11.24
CA LEU A 613 29.62 2.44 11.10
C LEU A 613 29.28 3.10 9.78
N ARG A 614 30.13 4.02 9.31
CA ARG A 614 29.86 4.67 8.03
C ARG A 614 29.97 3.68 6.87
N LEU A 615 30.92 2.73 6.99
CA LEU A 615 31.00 1.62 6.05
C LEU A 615 29.81 0.69 6.16
N LEU A 616 29.31 0.48 7.39
CA LEU A 616 28.12 -0.34 7.59
C LEU A 616 26.90 0.28 6.92
N VAL A 617 26.73 1.59 7.08
CA VAL A 617 25.61 2.31 6.46
C VAL A 617 25.74 2.29 4.95
N LEU A 618 26.97 2.42 4.44
CA LEU A 618 27.20 2.33 3.00
C LEU A 618 26.87 0.94 2.46
N ALA A 619 27.22 -0.11 3.22
CA ALA A 619 26.93 -1.47 2.78
C ALA A 619 25.44 -1.79 2.83
N ILE A 620 24.72 -1.20 3.79
CA ILE A 620 23.30 -1.47 3.94
C ILE A 620 22.48 -0.72 2.89
N LEU A 621 22.79 0.56 2.68
CA LEU A 621 22.22 1.32 1.57
C LEU A 621 22.53 0.66 0.24
N CYS A 622 23.78 0.24 0.03
CA CYS A 622 24.21 -0.17 -1.28
C CYS A 622 23.77 -1.61 -1.57
N SER A 623 23.37 -2.35 -0.53
CA SER A 623 22.83 -3.70 -0.67
C SER A 623 21.60 -3.87 0.21
N PRO A 624 20.42 -3.36 -0.21
CA PRO A 624 19.20 -3.59 0.57
C PRO A 624 18.59 -4.95 0.26
N SER A 625 18.65 -5.85 1.24
CA SER A 625 18.07 -7.18 1.11
C SER A 625 17.17 -7.44 2.31
N LYS A 626 16.47 -8.58 2.27
CA LYS A 626 15.60 -8.96 3.38
C LYS A 626 16.37 -9.71 4.47
N ARG A 627 17.42 -10.44 4.11
CA ARG A 627 18.11 -11.28 5.07
C ARG A 627 18.99 -10.49 6.02
N ASN A 628 19.73 -9.50 5.50
CA ASN A 628 20.47 -8.62 6.40
C ASN A 628 19.54 -7.69 7.16
N GLN A 629 18.38 -7.38 6.59
CA GLN A 629 17.33 -6.67 7.31
C GLN A 629 16.85 -7.48 8.51
N THR A 630 16.62 -8.78 8.31
CA THR A 630 16.21 -9.66 9.40
C THR A 630 17.32 -9.84 10.42
N PHE A 631 18.58 -9.84 9.98
CA PHE A 631 19.69 -9.95 10.92
C PHE A 631 19.82 -8.72 11.80
N LEU A 632 19.69 -7.54 11.20
CA LEU A 632 19.72 -6.31 11.97
C LEU A 632 18.48 -6.17 12.85
N GLN A 633 17.37 -6.79 12.47
CA GLN A 633 16.24 -6.90 13.38
C GLN A 633 16.57 -7.79 14.57
N GLY A 634 17.33 -8.86 14.34
CA GLY A 634 17.73 -9.71 15.47
C GLY A 634 18.75 -9.08 16.38
N LEU A 635 19.49 -8.09 15.89
CA LEU A 635 20.54 -7.50 16.72
C LEU A 635 20.00 -6.70 17.92
N ARG A 636 18.77 -6.16 17.85
CA ARG A 636 18.22 -5.52 19.04
C ARG A 636 17.81 -6.54 20.09
N TYR A 637 17.38 -7.74 19.66
CA TYR A 637 17.11 -8.81 20.62
C TYR A 637 18.41 -9.28 21.26
N PHE A 638 19.49 -9.35 20.47
CA PHE A 638 20.79 -9.66 21.06
C PHE A 638 21.26 -8.57 22.00
N LEU A 639 20.95 -7.32 21.68
CA LEU A 639 21.41 -6.22 22.52
C LEU A 639 20.65 -6.19 23.83
N MET A 640 19.36 -6.50 23.81
CA MET A 640 18.62 -6.64 25.06
C MET A 640 19.11 -7.85 25.85
N ALA A 641 19.43 -8.96 25.16
CA ALA A 641 19.88 -10.16 25.84
C ALA A 641 21.26 -9.96 26.49
N PHE A 642 22.12 -9.17 25.85
CA PHE A 642 23.39 -8.82 26.49
C PHE A 642 23.18 -7.74 27.55
N ALA A 643 22.15 -6.92 27.38
CA ALA A 643 21.92 -5.81 28.29
C ALA A 643 21.33 -6.28 29.61
N ASN A 644 20.23 -7.02 29.55
CA ASN A 644 19.55 -7.48 30.75
C ASN A 644 20.29 -8.66 31.37
N GLN A 645 19.73 -9.23 32.43
CA GLN A 645 20.43 -10.26 33.18
C GLN A 645 19.91 -11.67 32.92
N ILE A 646 18.72 -11.82 32.33
CA ILE A 646 18.13 -13.12 32.04
C ILE A 646 17.63 -13.10 30.60
N HIS A 647 17.91 -14.14 29.83
CA HIS A 647 17.46 -14.20 28.46
C HIS A 647 17.12 -15.65 28.09
N HIS A 648 16.37 -15.79 27.00
CA HIS A 648 15.84 -17.10 26.63
C HIS A 648 16.95 -17.97 26.03
N ILE A 649 16.75 -19.29 26.10
CA ILE A 649 17.81 -20.21 25.73
C ILE A 649 17.88 -20.42 24.21
N ASP A 650 16.79 -20.21 23.48
CA ASP A 650 16.68 -20.63 22.09
C ASP A 650 16.61 -19.44 21.13
N LEU A 651 17.38 -18.38 21.40
CA LEU A 651 17.36 -17.24 20.50
C LEU A 651 18.52 -17.24 19.51
N ILE A 652 19.66 -17.84 19.88
CA ILE A 652 20.84 -17.85 19.01
C ILE A 652 20.58 -18.67 17.76
N SER A 653 19.72 -19.68 17.86
CA SER A 653 19.27 -20.43 16.70
C SER A 653 18.27 -19.66 15.83
N LYS A 654 17.80 -18.49 16.29
CA LYS A 654 16.85 -17.69 15.54
C LYS A 654 17.42 -16.37 15.04
N LEU A 655 18.35 -15.76 15.78
CA LEU A 655 19.10 -14.55 15.40
C LEU A 655 19.95 -14.72 14.16
N VAL A 656 20.24 -15.92 13.66
CA VAL A 656 21.08 -16.10 12.51
C VAL A 656 20.20 -16.39 11.29
N VAL A 657 20.57 -15.82 10.16
CA VAL A 657 19.92 -16.11 8.88
C VAL A 657 20.97 -16.59 7.91
N GLU A 658 20.58 -17.56 7.08
CA GLU A 658 21.49 -18.12 6.09
C GLU A 658 21.73 -17.12 4.97
N CYS A 659 22.97 -16.67 4.84
CA CYS A 659 23.36 -15.71 3.82
C CYS A 659 23.22 -16.31 2.42
N LYS A 660 22.34 -15.74 1.61
CA LYS A 660 22.13 -16.26 0.26
C LYS A 660 23.27 -15.89 -0.66
N SER A 661 23.86 -14.71 -0.47
CA SER A 661 24.94 -14.22 -1.31
C SER A 661 26.12 -13.81 -0.42
N SER A 662 27.22 -13.43 -1.06
CA SER A 662 28.37 -12.87 -0.35
C SER A 662 28.17 -11.40 -0.02
N SER A 663 27.09 -10.80 -0.49
CA SER A 663 26.77 -9.41 -0.16
C SER A 663 26.27 -9.28 1.28
N GLU A 664 25.42 -10.21 1.73
CA GLU A 664 24.94 -10.18 3.09
C GLU A 664 26.04 -10.52 4.09
N VAL A 665 27.05 -11.27 3.66
CA VAL A 665 28.14 -11.64 4.55
C VAL A 665 28.95 -10.41 4.96
N VAL A 666 29.01 -9.42 4.07
CA VAL A 666 29.74 -8.18 4.35
C VAL A 666 29.11 -7.43 5.52
N VAL A 667 27.82 -7.14 5.43
CA VAL A 667 27.14 -6.40 6.48
C VAL A 667 27.03 -7.24 7.76
N GLN A 668 26.83 -8.56 7.64
CA GLN A 668 26.79 -9.40 8.83
C GLN A 668 28.15 -9.53 9.51
N ARG A 669 29.25 -9.33 8.79
CA ARG A 669 30.54 -9.22 9.46
C ARG A 669 30.77 -7.84 10.05
N LEU A 670 30.30 -6.79 9.36
CA LEU A 670 30.56 -5.42 9.82
C LEU A 670 29.82 -5.10 11.12
N ALA A 671 28.54 -5.49 11.21
CA ALA A 671 27.76 -5.19 12.40
C ALA A 671 28.25 -6.00 13.61
N VAL A 672 28.63 -7.25 13.37
CA VAL A 672 29.15 -8.09 14.46
C VAL A 672 30.52 -7.61 14.90
N GLY A 673 31.36 -7.17 13.96
CA GLY A 673 32.63 -6.57 14.32
C GLY A 673 32.47 -5.26 15.06
N LEU A 674 31.41 -4.51 14.76
CA LEU A 674 31.09 -3.30 15.51
C LEU A 674 30.68 -3.63 16.95
N PHE A 675 29.82 -4.65 17.11
CA PHE A 675 29.35 -5.01 18.44
C PHE A 675 30.49 -5.55 19.30
N ILE A 676 31.36 -6.37 18.71
CA ILE A 676 32.53 -6.85 19.45
C ILE A 676 33.55 -5.73 19.65
N ARG A 677 33.51 -4.70 18.79
CA ARG A 677 34.43 -3.57 18.94
C ARG A 677 34.10 -2.75 20.18
N LEU A 678 32.83 -2.42 20.40
CA LEU A 678 32.55 -1.60 21.58
C LEU A 678 31.73 -2.30 22.66
N LEU A 679 31.66 -3.64 22.65
CA LEU A 679 31.16 -4.37 23.81
C LEU A 679 32.24 -5.17 24.50
N GLY A 680 33.07 -5.89 23.75
CA GLY A 680 34.14 -6.66 24.34
C GLY A 680 35.50 -6.01 24.21
N GLY A 681 36.00 -5.47 25.31
CA GLY A 681 37.31 -4.86 25.35
C GLY A 681 38.23 -5.58 26.33
N GLU A 682 39.52 -5.20 26.26
CA GLU A 682 40.49 -5.75 27.18
C GLU A 682 40.33 -5.22 28.59
N SER A 683 39.70 -4.07 28.76
CA SER A 683 39.36 -3.52 30.06
C SER A 683 37.87 -3.76 30.33
N ASP A 684 37.36 -3.17 31.41
CA ASP A 684 35.94 -3.25 31.75
C ASP A 684 35.18 -2.32 30.81
N ALA A 685 34.84 -2.85 29.63
CA ALA A 685 34.25 -2.05 28.57
C ALA A 685 32.72 -2.09 28.63
N SER A 686 32.19 -1.77 29.81
CA SER A 686 30.76 -1.54 30.00
C SER A 686 30.54 -0.41 30.98
N SER A 687 31.36 0.65 30.87
CA SER A 687 31.31 1.74 31.83
C SER A 687 30.08 2.60 31.62
N PHE A 688 29.97 3.24 30.47
CA PHE A 688 28.79 4.05 30.13
C PHE A 688 27.92 3.20 29.22
N PHE A 689 27.16 2.29 29.83
CA PHE A 689 26.37 1.34 29.06
C PHE A 689 25.14 1.99 28.45
N SER A 690 24.72 3.16 28.96
CA SER A 690 23.55 3.83 28.41
C SER A 690 23.81 4.35 27.00
N ARG A 691 24.96 5.01 26.79
CA ARG A 691 25.30 5.52 25.46
C ARG A 691 25.63 4.37 24.50
N ARG A 692 26.26 3.31 25.02
CA ARG A 692 26.53 2.13 24.20
C ARG A 692 25.23 1.46 23.78
N PHE A 693 24.25 1.40 24.68
CA PHE A 693 22.96 0.82 24.34
C PHE A 693 22.21 1.68 23.34
N LYS A 694 22.29 3.00 23.49
CA LYS A 694 21.72 3.94 22.53
C LYS A 694 22.30 3.75 21.14
N TYR A 695 23.62 3.71 21.06
CA TYR A 695 24.33 3.59 19.79
C TYR A 695 24.06 2.25 19.13
N LEU A 696 24.16 1.15 19.89
CA LEU A 696 23.93 -0.17 19.29
C LEU A 696 22.45 -0.41 19.01
N LEU A 697 21.57 0.26 19.74
CA LEU A 697 20.15 0.16 19.44
C LEU A 697 19.84 0.85 18.13
N ASN A 698 20.50 1.96 17.86
CA ASN A 698 20.33 2.57 16.55
C ASN A 698 21.11 1.85 15.45
N VAL A 699 22.17 1.11 15.78
CA VAL A 699 22.77 0.21 14.81
C VAL A 699 21.78 -0.89 14.44
N SER A 700 21.01 -1.38 15.41
CA SER A 700 20.07 -2.45 15.10
C SER A 700 18.77 -1.94 14.47
N TYR A 701 18.35 -0.72 14.78
CA TYR A 701 17.22 -0.11 14.08
C TYR A 701 17.63 0.56 12.77
N LEU A 702 18.93 0.56 12.46
CA LEU A 702 19.42 0.97 11.15
C LEU A 702 19.07 -0.07 10.07
N CYS A 703 18.56 -1.22 10.48
CA CYS A 703 17.66 -2.10 9.74
C CYS A 703 16.63 -1.37 8.90
N HIS A 704 16.04 -0.31 9.46
CA HIS A 704 14.87 0.31 8.87
C HIS A 704 15.20 1.13 7.62
N LEU A 705 16.49 1.37 7.34
CA LEU A 705 16.89 2.04 6.11
C LEU A 705 16.56 1.19 4.88
N ILE A 706 16.53 -0.12 5.04
CA ILE A 706 16.18 -1.01 3.94
C ILE A 706 14.67 -0.92 3.71
N THR A 707 14.28 -0.79 2.44
CA THR A 707 12.89 -0.55 2.10
C THR A 707 12.07 -1.82 2.31
N LYS A 708 10.98 -1.71 3.05
CA LYS A 708 10.14 -2.87 3.38
C LYS A 708 9.11 -3.10 2.28
N GLU A 709 9.62 -3.51 1.11
CA GLU A 709 8.74 -3.83 -0.01
C GLU A 709 8.79 -5.28 -0.45
N THR A 710 9.62 -6.13 0.20
CA THR A 710 9.68 -7.59 0.03
C THR A 710 9.91 -7.99 -1.42
N PRO A 711 11.19 -7.99 -1.90
CA PRO A 711 11.55 -7.82 -3.32
C PRO A 711 10.73 -8.53 -4.40
N ASP A 712 10.14 -9.67 -4.08
CA ASP A 712 9.16 -10.30 -4.96
C ASP A 712 7.97 -10.73 -4.12
N ARG A 713 6.77 -10.51 -4.63
CA ARG A 713 5.57 -10.84 -3.86
C ARG A 713 5.22 -12.31 -3.93
N LEU A 714 5.56 -12.99 -5.03
CA LEU A 714 5.17 -14.39 -5.17
C LEU A 714 6.08 -15.31 -4.35
N THR A 715 7.29 -14.87 -4.03
CA THR A 715 8.12 -15.60 -3.07
C THR A 715 7.87 -15.16 -1.64
N ASP A 716 7.01 -14.17 -1.45
CA ASP A 716 6.58 -13.75 -0.12
C ASP A 716 5.21 -14.31 0.25
N GLN A 717 4.33 -14.52 -0.73
CA GLN A 717 3.07 -15.20 -0.44
C GLN A 717 3.30 -16.69 -0.15
N ILE A 718 4.33 -17.28 -0.75
CA ILE A 718 4.77 -18.62 -0.38
C ILE A 718 5.18 -18.68 1.09
N LYS A 719 5.98 -17.71 1.53
CA LYS A 719 6.43 -17.69 2.91
C LYS A 719 5.31 -17.32 3.87
N CYS A 720 4.35 -16.53 3.40
CA CYS A 720 3.17 -16.22 4.21
C CYS A 720 2.30 -17.45 4.44
N PHE A 721 2.02 -18.21 3.37
CA PHE A 721 1.22 -19.42 3.52
C PHE A 721 1.97 -20.50 4.27
N GLU A 722 3.30 -20.54 4.13
CA GLU A 722 4.10 -21.50 4.88
C GLU A 722 4.13 -21.15 6.37
N LYS A 723 4.25 -19.87 6.71
CA LYS A 723 4.13 -19.44 8.10
C LYS A 723 2.71 -19.67 8.64
N PHE A 724 1.71 -19.61 7.76
CA PHE A 724 0.35 -19.95 8.13
C PHE A 724 0.20 -21.42 8.50
N ILE A 725 0.76 -22.31 7.69
CA ILE A 725 0.37 -23.72 7.73
C ILE A 725 1.41 -24.63 8.39
N GLU A 726 2.58 -24.11 8.79
CA GLU A 726 3.54 -24.97 9.50
C GLU A 726 3.09 -25.41 10.89
N PRO A 727 2.61 -24.52 11.80
CA PRO A 727 2.10 -25.06 13.08
C PRO A 727 0.79 -25.80 12.94
N LYS A 728 0.04 -25.51 11.87
CA LYS A 728 -1.28 -26.10 11.67
C LYS A 728 -1.18 -27.57 11.28
N VAL A 729 -0.20 -27.92 10.46
CA VAL A 729 0.00 -29.32 10.10
C VAL A 729 1.08 -29.96 10.97
N LYS A 730 1.88 -29.17 11.68
CA LYS A 730 2.73 -29.71 12.73
C LYS A 730 1.90 -30.24 13.89
N PHE A 731 0.77 -29.58 14.17
CA PHE A 731 -0.17 -30.05 15.17
C PHE A 731 -1.20 -31.02 14.60
N GLY A 732 -1.48 -30.93 13.30
CA GLY A 732 -2.36 -31.89 12.66
C GLY A 732 -3.84 -31.53 12.67
N CYS A 733 -4.19 -30.37 12.12
CA CYS A 733 -5.58 -29.96 12.03
C CYS A 733 -6.01 -29.43 10.67
N ALA A 734 -5.09 -29.22 9.74
CA ALA A 734 -5.44 -28.65 8.45
C ALA A 734 -6.20 -29.67 7.62
N VAL A 735 -7.30 -29.23 7.00
CA VAL A 735 -8.13 -30.12 6.22
C VAL A 735 -8.11 -29.71 4.75
N VAL A 736 -8.82 -30.46 3.92
CA VAL A 736 -8.98 -30.16 2.50
C VAL A 736 -10.39 -29.57 2.45
N ASN A 737 -10.81 -29.03 1.29
CA ASN A 737 -11.97 -28.18 1.01
C ASN A 737 -13.25 -28.60 1.73
N PRO A 738 -13.75 -27.79 2.65
CA PRO A 738 -15.06 -28.05 3.26
C PRO A 738 -16.19 -27.75 2.28
N SER A 739 -17.41 -27.96 2.76
CA SER A 739 -18.58 -27.83 1.89
C SER A 739 -18.99 -26.39 1.62
N LEU A 740 -18.48 -25.43 2.40
CA LEU A 740 -18.69 -23.98 2.36
C LEU A 740 -20.10 -23.54 2.74
N ASN A 741 -21.04 -24.45 2.96
CA ASN A 741 -22.38 -24.09 3.45
C ASN A 741 -22.77 -25.06 4.56
N GLY A 742 -22.35 -24.72 5.78
CA GLY A 742 -22.71 -25.55 6.90
C GLY A 742 -21.83 -26.77 7.09
N LYS A 743 -22.35 -27.92 6.64
CA LYS A 743 -21.97 -29.24 7.13
C LYS A 743 -20.51 -29.58 6.90
N LEU A 744 -20.01 -30.49 7.74
CA LEU A 744 -18.71 -31.13 7.58
C LEU A 744 -18.91 -32.63 7.41
N THR A 745 -18.05 -33.26 6.62
CA THR A 745 -18.12 -34.70 6.47
C THR A 745 -17.59 -35.40 7.72
N VAL A 746 -17.82 -36.72 7.78
CA VAL A 746 -17.57 -37.48 9.00
C VAL A 746 -16.08 -37.60 9.29
N ASP A 747 -15.25 -37.71 8.25
CA ASP A 747 -13.80 -37.74 8.46
C ASP A 747 -13.27 -36.36 8.88
N GLN A 748 -13.83 -35.30 8.30
CA GLN A 748 -13.48 -33.95 8.73
C GLN A 748 -13.96 -33.69 10.15
N GLU A 749 -15.16 -34.19 10.48
CA GLU A 749 -15.66 -34.17 11.85
C GLU A 749 -14.71 -34.88 12.81
N ASP A 750 -14.18 -36.03 12.40
CA ASP A 750 -13.30 -36.81 13.27
C ASP A 750 -11.96 -36.13 13.47
N ILE A 751 -11.36 -35.61 12.40
CA ILE A 751 -10.06 -34.94 12.55
C ILE A 751 -10.23 -33.61 13.28
N MET A 752 -11.39 -32.95 13.16
CA MET A 752 -11.65 -31.72 13.88
C MET A 752 -11.80 -31.98 15.37
N ILE A 753 -12.59 -33.00 15.73
CA ILE A 753 -12.83 -33.27 17.14
C ILE A 753 -11.59 -33.88 17.79
N ASN A 754 -10.74 -34.56 17.01
CA ASN A 754 -9.50 -35.09 17.53
C ASN A 754 -8.46 -34.00 17.73
N GLY A 755 -8.43 -33.01 16.83
CA GLY A 755 -7.61 -31.83 17.08
C GLY A 755 -8.11 -31.01 18.24
N LEU A 756 -9.42 -31.05 18.51
CA LEU A 756 -9.96 -30.39 19.69
C LEU A 756 -9.50 -31.05 20.99
N LYS A 757 -9.67 -32.36 21.13
CA LYS A 757 -9.23 -32.92 22.40
C LYS A 757 -7.73 -33.22 22.44
N LYS A 758 -7.01 -33.05 21.33
CA LYS A 758 -5.56 -32.96 21.38
C LYS A 758 -5.12 -31.57 21.81
N PHE A 759 -5.90 -30.55 21.41
CA PHE A 759 -5.64 -29.18 21.83
C PHE A 759 -5.82 -29.01 23.34
N PHE A 760 -6.94 -29.50 23.85
CA PHE A 760 -7.30 -29.28 25.25
C PHE A 760 -6.76 -30.33 26.21
N SER A 761 -5.88 -31.24 25.79
CA SER A 761 -5.54 -32.30 26.74
C SER A 761 -4.48 -31.85 27.73
N LYS A 762 -3.21 -31.79 27.28
CA LYS A 762 -2.06 -31.12 27.89
C LYS A 762 -2.02 -31.05 29.42
N SER A 763 -1.92 -32.21 30.07
CA SER A 763 -1.99 -32.30 31.53
C SER A 763 -0.90 -31.47 32.20
N LEU A 764 -1.19 -31.02 33.42
CA LEU A 764 -0.39 -30.00 34.07
C LEU A 764 0.96 -30.51 34.55
N ARG A 765 1.16 -31.83 34.65
CA ARG A 765 2.40 -32.31 35.24
C ARG A 765 3.22 -33.21 34.33
N ASP A 766 3.38 -32.84 33.07
CA ASP A 766 4.47 -33.35 32.25
C ASP A 766 5.29 -32.18 31.73
N THR A 767 6.59 -32.18 32.03
CA THR A 767 7.43 -31.07 31.64
C THR A 767 7.80 -31.09 30.17
N GLU A 768 7.62 -32.21 29.49
CA GLU A 768 7.67 -32.25 28.04
C GLU A 768 6.34 -31.74 27.49
N ASP A 769 6.24 -31.73 26.16
CA ASP A 769 5.08 -31.21 25.41
C ASP A 769 4.83 -29.74 25.79
N VAL A 770 5.93 -29.00 25.95
CA VAL A 770 5.89 -27.62 26.44
C VAL A 770 5.89 -26.62 25.29
N GLN A 771 6.02 -27.09 24.04
CA GLN A 771 5.97 -26.23 22.86
C GLN A 771 4.76 -26.56 22.01
N THR A 772 3.98 -27.56 22.39
CA THR A 772 2.86 -28.03 21.60
C THR A 772 1.67 -27.10 21.79
N PRO A 773 1.09 -26.59 20.70
CA PRO A 773 -0.01 -25.62 20.82
C PRO A 773 -1.26 -26.21 21.43
N GLY A 774 -1.65 -25.65 22.57
CA GLY A 774 -2.82 -26.11 23.30
C GLY A 774 -2.81 -25.58 24.71
N VAL A 775 -3.94 -25.74 25.38
CA VAL A 775 -4.13 -25.18 26.72
C VAL A 775 -4.39 -26.31 27.71
N CYS A 776 -3.76 -26.21 28.87
CA CYS A 776 -4.09 -27.08 29.99
C CYS A 776 -5.46 -26.67 30.53
N LYS A 777 -6.47 -27.51 30.29
CA LYS A 777 -7.85 -27.20 30.65
C LYS A 777 -8.03 -27.13 32.17
N GLU A 778 -7.21 -27.87 32.92
CA GLU A 778 -7.29 -27.88 34.37
C GLU A 778 -6.81 -26.55 34.95
N LEU A 779 -5.66 -26.06 34.46
CA LEU A 779 -5.17 -24.77 34.93
C LEU A 779 -5.93 -23.61 34.32
N LEU A 780 -6.49 -23.78 33.11
CA LEU A 780 -7.42 -22.79 32.59
C LEU A 780 -8.68 -22.69 33.44
N ASN A 781 -9.12 -23.81 34.01
CA ASN A 781 -10.23 -23.79 34.96
C ASN A 781 -9.85 -23.03 36.23
N TYR A 782 -8.63 -23.25 36.74
CA TYR A 782 -8.15 -22.46 37.87
C TYR A 782 -8.12 -20.97 37.54
N CYS A 783 -7.68 -20.62 36.32
CA CYS A 783 -7.58 -19.24 35.89
C CYS A 783 -8.96 -18.57 35.84
N VAL A 784 -9.90 -19.16 35.12
CA VAL A 784 -11.19 -18.52 34.95
C VAL A 784 -12.00 -18.56 36.25
N SER A 785 -11.80 -19.59 37.09
CA SER A 785 -12.58 -19.68 38.32
C SER A 785 -11.99 -18.83 39.44
N LEU A 786 -10.72 -18.43 39.33
CA LEU A 786 -10.24 -17.40 40.24
C LEU A 786 -10.51 -16.00 39.66
N PHE A 787 -10.74 -15.91 38.35
CA PHE A 787 -11.23 -14.66 37.78
C PHE A 787 -12.68 -14.38 38.17
N ASN A 788 -13.48 -15.44 38.37
CA ASN A 788 -14.88 -15.24 38.80
C ASN A 788 -14.96 -14.59 40.16
N ARG A 789 -14.00 -14.84 41.05
CA ARG A 789 -13.90 -14.10 42.28
C ARG A 789 -13.07 -12.84 42.06
N GLY A 790 -13.33 -11.82 42.87
CA GLY A 790 -12.58 -10.58 42.78
C GLY A 790 -11.23 -10.65 43.46
N LYS A 791 -10.35 -11.52 42.99
CA LYS A 791 -9.05 -11.75 43.61
C LYS A 791 -7.89 -11.44 42.68
N LEU A 792 -8.15 -11.28 41.39
CA LEU A 792 -7.13 -10.78 40.48
C LEU A 792 -7.08 -9.27 40.56
N LYS A 793 -6.14 -8.66 39.85
CA LYS A 793 -6.13 -7.20 39.73
C LYS A 793 -7.06 -6.71 38.63
N VAL A 794 -7.70 -7.63 37.90
CA VAL A 794 -8.82 -7.33 37.04
C VAL A 794 -10.00 -8.16 37.49
N SER A 795 -11.18 -7.81 36.98
CA SER A 795 -12.40 -8.52 37.35
C SER A 795 -13.43 -8.32 36.25
N GLY A 796 -14.40 -9.23 36.21
CA GLY A 796 -15.42 -9.20 35.19
C GLY A 796 -16.61 -8.34 35.57
N GLU A 797 -16.39 -7.03 35.71
CA GLU A 797 -17.47 -6.14 36.12
C GLU A 797 -18.31 -5.70 34.92
N LEU A 798 -17.65 -5.28 33.83
CA LEU A 798 -18.29 -4.95 32.55
C LEU A 798 -19.32 -3.83 32.72
N LYS A 799 -18.78 -2.63 32.96
CA LYS A 799 -19.60 -1.43 32.90
C LYS A 799 -20.18 -1.26 31.49
N ASN A 800 -21.38 -0.65 31.44
CA ASN A 800 -22.16 -0.21 30.27
C ASN A 800 -22.15 -1.19 29.09
N ASN A 801 -22.81 -2.36 29.31
CA ASN A 801 -22.76 -3.63 28.59
C ASN A 801 -22.68 -3.55 27.06
N PRO A 802 -21.93 -4.46 26.43
CA PRO A 802 -21.57 -4.27 25.01
C PRO A 802 -22.68 -4.59 24.02
N PHE A 803 -23.84 -5.06 24.46
CA PHE A 803 -24.90 -5.49 23.54
C PHE A 803 -25.60 -4.27 22.94
N ARG A 804 -24.90 -3.64 22.00
CA ARG A 804 -25.37 -2.44 21.32
C ARG A 804 -24.63 -2.25 19.99
N VAL A 820 -20.03 -0.67 -5.83
CA VAL A 820 -18.98 -0.96 -4.86
C VAL A 820 -18.18 -2.16 -5.36
N VAL A 821 -16.88 -2.20 -5.05
CA VAL A 821 -16.00 -3.27 -5.47
C VAL A 821 -15.47 -3.98 -4.24
N ILE A 822 -15.70 -5.29 -4.19
CA ILE A 822 -15.17 -6.15 -3.13
C ILE A 822 -14.32 -7.23 -3.80
N PRO A 823 -13.11 -7.51 -3.31
CA PRO A 823 -12.27 -8.50 -3.99
C PRO A 823 -12.74 -9.92 -3.74
N LYS A 824 -12.25 -10.82 -4.58
CA LYS A 824 -12.35 -12.23 -4.27
C LYS A 824 -11.20 -12.62 -3.36
N LEU A 825 -11.43 -13.64 -2.55
CA LEU A 825 -10.49 -13.97 -1.49
C LEU A 825 -9.35 -14.88 -1.95
N ASP A 826 -9.38 -15.34 -3.19
CA ASP A 826 -8.31 -16.19 -3.70
C ASP A 826 -7.03 -15.44 -4.00
N GLU A 827 -7.05 -14.10 -4.00
CA GLU A 827 -5.85 -13.32 -4.32
C GLU A 827 -5.91 -11.96 -3.61
N LEU A 828 -5.14 -11.85 -2.54
CA LEU A 828 -4.99 -10.58 -1.82
C LEU A 828 -3.54 -10.13 -1.91
N GLY A 829 -3.34 -8.81 -1.77
CA GLY A 829 -2.05 -8.21 -2.01
C GLY A 829 -1.81 -7.83 -3.45
N ASN A 830 -2.69 -8.22 -4.37
CA ASN A 830 -2.56 -7.88 -5.77
C ASN A 830 -3.25 -6.56 -6.06
N ILE A 831 -3.24 -6.16 -7.33
CA ILE A 831 -3.82 -4.89 -7.74
C ILE A 831 -5.18 -5.05 -8.42
N LEU A 832 -5.45 -6.16 -9.08
CA LEU A 832 -6.75 -6.43 -9.67
C LEU A 832 -7.14 -7.86 -9.36
N SER A 833 -8.37 -8.04 -8.88
CA SER A 833 -8.91 -9.38 -8.71
C SER A 833 -9.18 -10.00 -10.08
N THR A 834 -9.43 -11.31 -10.07
CA THR A 834 -9.88 -11.98 -11.28
C THR A 834 -11.26 -11.47 -11.70
N TYR A 835 -12.05 -11.01 -10.74
CA TYR A 835 -13.36 -10.44 -11.02
C TYR A 835 -13.23 -9.09 -11.71
N ASP A 836 -12.42 -8.19 -11.15
CA ASP A 836 -12.28 -6.84 -11.69
C ASP A 836 -11.64 -6.85 -13.07
N LYS A 837 -10.67 -7.74 -13.28
CA LYS A 837 -9.96 -7.91 -14.54
C LYS A 837 -10.89 -8.38 -15.65
N GLU A 838 -12.07 -8.94 -15.33
CA GLU A 838 -13.14 -9.09 -16.30
C GLU A 838 -14.32 -8.18 -16.06
N LYS A 839 -14.44 -7.54 -14.88
CA LYS A 839 -15.53 -6.60 -14.65
C LYS A 839 -15.39 -5.36 -15.54
N LEU A 840 -14.17 -4.82 -15.64
CA LEU A 840 -14.04 -3.63 -16.48
C LEU A 840 -13.92 -3.98 -17.96
N VAL A 841 -13.47 -5.20 -18.28
CA VAL A 841 -13.64 -5.76 -19.62
C VAL A 841 -15.11 -5.80 -20.00
N SER A 842 -15.94 -6.29 -19.08
CA SER A 842 -17.38 -6.37 -19.27
C SER A 842 -18.00 -5.00 -19.44
N ALA A 843 -17.53 -4.01 -18.65
CA ALA A 843 -18.01 -2.65 -18.79
C ALA A 843 -17.66 -2.06 -20.15
N CYS A 844 -16.44 -2.29 -20.63
CA CYS A 844 -16.03 -1.75 -21.93
C CYS A 844 -16.78 -2.42 -23.08
N VAL A 845 -16.93 -3.75 -23.04
CA VAL A 845 -17.61 -4.45 -24.12
C VAL A 845 -19.10 -4.10 -24.13
N SER A 846 -19.71 -3.97 -22.94
CA SER A 846 -21.10 -3.56 -22.88
C SER A 846 -21.31 -2.12 -23.31
N SER A 847 -20.31 -1.25 -23.08
CA SER A 847 -20.42 0.13 -23.54
C SER A 847 -20.23 0.23 -25.04
N MET A 848 -19.39 -0.65 -25.61
CA MET A 848 -19.09 -0.53 -27.03
C MET A 848 -20.09 -1.28 -27.91
N ALA A 849 -20.69 -2.37 -27.44
CA ALA A 849 -21.56 -3.22 -28.25
C ALA A 849 -22.85 -2.53 -28.68
N GLU A 850 -23.17 -1.35 -28.15
CA GLU A 850 -24.32 -0.59 -28.60
C GLU A 850 -23.92 0.61 -29.46
N ARG A 851 -22.71 1.13 -29.29
CA ARG A 851 -22.37 2.44 -29.87
C ARG A 851 -22.00 2.36 -31.35
N PHE A 852 -21.48 1.22 -31.83
CA PHE A 852 -21.11 1.16 -33.24
C PHE A 852 -22.25 0.69 -34.14
N LYS A 853 -23.31 0.11 -33.56
CA LYS A 853 -24.48 -0.31 -34.32
C LYS A 853 -25.58 0.74 -34.32
N THR A 854 -25.23 2.01 -34.09
CA THR A 854 -26.23 3.07 -34.18
C THR A 854 -26.55 3.39 -35.64
N LYS A 855 -25.59 3.18 -36.53
CA LYS A 855 -25.78 3.39 -37.95
C LYS A 855 -25.48 2.16 -38.79
N GLY A 856 -24.62 1.25 -38.31
CA GLY A 856 -24.17 0.14 -39.10
C GLY A 856 -22.71 0.31 -39.47
N ARG A 857 -21.92 0.83 -38.53
CA ARG A 857 -20.51 1.10 -38.79
C ARG A 857 -19.70 -0.19 -38.85
N TYR A 858 -19.90 -1.07 -37.86
CA TYR A 858 -19.18 -2.34 -37.71
C TYR A 858 -17.66 -2.15 -37.66
N ASN A 859 -17.22 -1.14 -36.90
CA ASN A 859 -15.79 -0.94 -36.69
C ASN A 859 -15.57 -0.41 -35.28
N LEU A 860 -14.30 -0.24 -34.94
CA LEU A 860 -13.90 0.46 -33.73
C LEU A 860 -12.85 1.50 -34.06
N ASP A 861 -12.70 2.45 -33.13
CA ASP A 861 -11.57 3.36 -33.17
C ASP A 861 -10.46 2.74 -32.35
N PRO A 862 -9.24 2.58 -32.91
CA PRO A 862 -8.16 1.92 -32.13
C PRO A 862 -7.58 2.75 -31.00
N GLU A 863 -8.18 3.89 -30.70
CA GLU A 863 -7.84 4.67 -29.51
C GLU A 863 -9.02 4.88 -28.57
N SER A 864 -10.25 4.82 -29.07
CA SER A 864 -11.41 4.80 -28.19
C SER A 864 -11.55 3.46 -27.49
N THR A 865 -11.06 2.38 -28.12
CA THR A 865 -10.98 1.08 -27.47
C THR A 865 -9.80 1.00 -26.51
N ASP A 866 -8.94 2.01 -26.49
CA ASP A 866 -7.89 2.14 -25.49
C ASP A 866 -8.19 3.27 -24.52
N TYR A 867 -9.42 3.82 -24.57
CA TYR A 867 -9.84 4.95 -23.76
C TYR A 867 -10.79 4.56 -22.65
N LEU A 868 -11.72 3.63 -22.90
CA LEU A 868 -12.70 3.28 -21.89
C LEU A 868 -12.11 2.43 -20.78
N ILE A 869 -11.22 1.49 -21.14
CA ILE A 869 -10.43 0.77 -20.14
C ILE A 869 -9.58 1.74 -19.36
N LEU A 870 -8.93 2.67 -20.05
CA LEU A 870 -8.03 3.62 -19.43
C LEU A 870 -8.79 4.71 -18.68
N LYS A 871 -10.11 4.79 -18.86
CA LYS A 871 -10.92 5.65 -18.00
C LYS A 871 -11.40 4.92 -16.75
N ASN A 872 -12.06 3.77 -16.91
CA ASN A 872 -12.62 3.12 -15.73
C ASN A 872 -11.58 2.37 -14.89
N LEU A 873 -10.34 2.27 -15.39
CA LEU A 873 -9.21 1.83 -14.58
C LEU A 873 -8.50 3.00 -13.91
N THR A 874 -8.32 4.10 -14.63
CA THR A 874 -7.71 5.31 -14.09
C THR A 874 -8.16 6.53 -14.88
N SER A 886 -7.17 13.13 -29.65
CA SER A 886 -7.50 12.57 -28.34
C SER A 886 -6.38 11.65 -27.84
N GLN A 887 -5.15 11.92 -28.30
CA GLN A 887 -4.01 11.13 -27.88
C GLN A 887 -3.33 11.73 -26.67
N GLU A 888 -3.34 13.06 -26.57
CA GLU A 888 -3.02 13.74 -25.31
C GLU A 888 -3.99 13.30 -24.21
N GLU A 889 -5.26 13.09 -24.57
CA GLU A 889 -6.26 12.62 -23.62
C GLU A 889 -5.96 11.22 -23.11
N LEU A 890 -5.28 10.40 -23.93
CA LEU A 890 -4.88 9.07 -23.48
C LEU A 890 -3.61 9.13 -22.63
N SER A 891 -2.57 9.79 -23.15
CA SER A 891 -1.28 9.83 -22.46
C SER A 891 -1.26 10.76 -21.25
N LEU A 892 -2.34 11.53 -21.04
CA LEU A 892 -2.44 12.37 -19.85
C LEU A 892 -2.53 11.54 -18.58
N MET A 893 -3.29 10.44 -18.62
CA MET A 893 -3.45 9.57 -17.48
C MET A 893 -3.05 8.13 -17.77
N TYR A 894 -2.44 7.87 -18.93
CA TYR A 894 -1.78 6.58 -19.16
C TYR A 894 -0.52 6.45 -18.33
N GLU A 895 0.23 7.54 -18.16
CA GLU A 895 1.50 7.54 -17.47
C GLU A 895 1.36 7.80 -15.97
N THR A 896 0.19 7.56 -15.41
CA THR A 896 -0.06 7.71 -13.98
C THR A 896 -0.17 6.33 -13.34
N LEU A 897 0.54 5.35 -13.92
CA LEU A 897 0.39 3.96 -13.55
C LEU A 897 1.70 3.40 -12.99
N THR A 898 1.64 2.13 -12.62
CA THR A 898 2.78 1.34 -12.19
C THR A 898 2.92 0.21 -13.20
N GLU A 899 4.11 -0.43 -13.22
CA GLU A 899 4.39 -1.49 -14.22
C GLU A 899 3.40 -2.64 -14.12
N GLU A 900 3.03 -3.03 -12.90
CA GLU A 900 2.00 -4.03 -12.70
C GLU A 900 0.67 -3.57 -13.27
N GLN A 901 0.34 -2.29 -13.08
CA GLN A 901 -0.87 -1.74 -13.67
C GLN A 901 -0.75 -1.61 -15.20
N VAL A 902 0.46 -1.39 -15.72
CA VAL A 902 0.66 -1.34 -17.16
C VAL A 902 0.43 -2.71 -17.79
N GLU A 903 0.98 -3.77 -17.20
CA GLU A 903 0.77 -5.10 -17.74
C GLU A 903 -0.64 -5.62 -17.50
N SER A 904 -1.31 -5.17 -16.42
CA SER A 904 -2.72 -5.48 -16.27
C SER A 904 -3.56 -4.78 -17.33
N PHE A 905 -3.23 -3.52 -17.64
CA PHE A 905 -3.84 -2.81 -18.76
C PHE A 905 -3.58 -3.50 -20.08
N ASN A 906 -2.41 -4.11 -20.24
CA ASN A 906 -2.10 -4.82 -21.48
C ASN A 906 -2.91 -6.11 -21.59
N GLU A 907 -3.07 -6.84 -20.48
CA GLU A 907 -3.92 -8.03 -20.47
C GLU A 907 -5.38 -7.68 -20.76
N ILE A 908 -5.84 -6.55 -20.20
CA ILE A 908 -7.22 -6.14 -20.43
C ILE A 908 -7.42 -5.68 -21.87
N LYS A 909 -6.44 -4.95 -22.44
CA LYS A 909 -6.50 -4.58 -23.84
C LYS A 909 -6.48 -5.80 -24.75
N TYR A 910 -5.69 -6.82 -24.36
CA TYR A 910 -5.63 -8.09 -25.07
C TYR A 910 -6.99 -8.77 -25.13
N ASP A 911 -7.58 -9.09 -23.98
CA ASP A 911 -8.81 -9.87 -24.06
C ASP A 911 -10.03 -9.02 -24.44
N VAL A 912 -9.98 -7.69 -24.28
CA VAL A 912 -11.01 -6.83 -24.85
C VAL A 912 -10.96 -6.85 -26.37
N GLN A 913 -9.77 -6.69 -26.96
CA GLN A 913 -9.67 -6.70 -28.41
C GLN A 913 -9.92 -8.09 -29.00
N VAL A 914 -9.64 -9.14 -28.23
CA VAL A 914 -10.03 -10.48 -28.64
C VAL A 914 -11.55 -10.63 -28.65
N ALA A 915 -12.20 -10.22 -27.56
CA ALA A 915 -13.66 -10.37 -27.45
C ALA A 915 -14.40 -9.49 -28.46
N LEU A 916 -13.83 -8.33 -28.80
CA LEU A 916 -14.39 -7.51 -29.86
C LEU A 916 -14.14 -8.11 -31.22
N ALA A 917 -12.95 -8.69 -31.45
CA ALA A 917 -12.65 -9.31 -32.73
C ALA A 917 -13.48 -10.57 -32.97
N LYS A 918 -13.89 -11.25 -31.91
CA LYS A 918 -14.81 -12.37 -32.03
C LYS A 918 -16.23 -11.95 -32.39
N MET A 919 -16.58 -10.68 -32.18
CA MET A 919 -17.98 -10.28 -32.19
C MET A 919 -18.57 -10.24 -33.60
N ALA A 920 -17.78 -9.83 -34.59
CA ALA A 920 -18.26 -9.77 -35.97
C ALA A 920 -17.77 -10.94 -36.80
N ASP A 921 -17.48 -12.08 -36.17
CA ASP A 921 -16.98 -13.25 -36.89
C ASP A 921 -18.16 -14.11 -37.35
N ASN A 922 -18.29 -14.27 -38.66
CA ASN A 922 -19.35 -15.11 -39.24
C ASN A 922 -18.77 -16.14 -40.20
N SER A 950 -3.85 -24.97 -43.93
CA SER A 950 -3.35 -23.61 -43.74
C SER A 950 -2.52 -23.30 -42.46
N PRO A 951 -2.66 -24.06 -41.33
CA PRO A 951 -1.61 -23.97 -40.30
C PRO A 951 -0.49 -24.98 -40.51
N PHE A 952 -0.34 -25.49 -41.74
CA PHE A 952 0.53 -26.61 -42.05
C PHE A 952 1.96 -26.19 -42.38
N GLY A 953 2.43 -25.06 -41.87
CA GLY A 953 3.82 -24.68 -42.03
C GLY A 953 4.72 -25.47 -41.10
N VAL A 954 4.97 -26.73 -41.46
CA VAL A 954 5.59 -27.69 -40.56
C VAL A 954 7.10 -27.62 -40.75
N MET A 955 7.77 -26.89 -39.85
CA MET A 955 9.21 -27.03 -39.66
C MET A 955 9.48 -27.93 -38.46
N LYS A 956 8.86 -27.59 -37.33
CA LYS A 956 8.57 -28.56 -36.28
C LYS A 956 7.13 -29.02 -36.44
N GLU A 957 6.81 -30.15 -35.81
CA GLU A 957 5.51 -30.76 -35.99
C GLU A 957 4.41 -29.95 -35.30
N ILE A 958 3.21 -29.99 -35.88
CA ILE A 958 2.09 -29.21 -35.34
C ILE A 958 1.61 -29.81 -34.03
N ARG A 959 1.19 -31.07 -34.06
CA ARG A 959 0.62 -31.72 -32.88
C ARG A 959 1.66 -32.03 -31.81
N ALA A 960 2.95 -32.00 -32.13
CA ALA A 960 3.99 -32.25 -31.14
C ALA A 960 4.46 -30.99 -30.44
N GLU A 961 4.44 -29.83 -31.09
CA GLU A 961 4.84 -28.59 -30.45
C GLU A 961 3.68 -27.61 -30.32
N VAL A 962 3.06 -27.20 -31.44
CA VAL A 962 2.12 -26.09 -31.47
C VAL A 962 0.79 -26.49 -30.84
N SER A 963 0.15 -27.52 -31.41
CA SER A 963 -1.12 -28.00 -30.86
C SER A 963 -0.93 -28.63 -29.48
N LEU A 964 0.26 -29.19 -29.22
CA LEU A 964 0.56 -29.73 -27.90
C LEU A 964 0.62 -28.63 -26.85
N HIS A 965 1.27 -27.50 -27.16
CA HIS A 965 1.30 -26.40 -26.21
C HIS A 965 -0.04 -25.68 -26.13
N GLU A 966 -0.86 -25.77 -27.19
CA GLU A 966 -2.19 -25.18 -27.13
C GLU A 966 -3.20 -26.08 -26.43
N VAL A 967 -2.87 -27.36 -26.23
CA VAL A 967 -3.78 -28.25 -25.51
C VAL A 967 -3.32 -28.53 -24.07
N LYS A 968 -2.03 -28.38 -23.77
CA LYS A 968 -1.57 -28.61 -22.40
C LYS A 968 -1.98 -27.48 -21.47
N ASP A 969 -1.76 -26.24 -21.89
CA ASP A 969 -2.18 -25.08 -21.10
C ASP A 969 -3.62 -24.68 -21.37
N PHE A 970 -4.16 -25.06 -22.54
CA PHE A 970 -5.49 -24.76 -23.07
C PHE A 970 -5.74 -23.28 -23.33
N ASP A 971 -4.76 -22.40 -23.12
CA ASP A 971 -4.95 -20.96 -23.24
C ASP A 971 -3.86 -20.37 -24.11
N PRO A 972 -4.21 -19.62 -25.16
CA PRO A 972 -3.21 -18.82 -25.87
C PRO A 972 -2.71 -17.62 -25.07
N ASP A 973 -3.39 -17.26 -23.97
CA ASP A 973 -3.01 -16.10 -23.16
C ASP A 973 -1.75 -16.38 -22.36
N VAL A 974 -1.63 -17.56 -21.76
CA VAL A 974 -0.54 -17.83 -20.83
C VAL A 974 0.44 -18.83 -21.43
N LEU A 975 0.54 -18.86 -22.76
CA LEU A 975 1.57 -19.64 -23.44
C LEU A 975 2.95 -19.10 -23.07
N PRO A 976 3.80 -19.88 -22.41
CA PRO A 976 5.02 -19.33 -21.81
C PRO A 976 6.10 -19.11 -22.87
N SER A 977 7.24 -18.59 -22.40
CA SER A 977 8.38 -18.30 -23.24
C SER A 977 9.57 -19.22 -22.98
N ASP A 978 9.42 -20.20 -22.10
CA ASP A 978 10.49 -21.15 -21.81
C ASP A 978 10.26 -22.52 -22.45
N VAL A 979 9.09 -22.73 -23.07
CA VAL A 979 8.82 -24.01 -23.71
C VAL A 979 9.34 -24.05 -25.14
N TYR A 980 9.58 -22.90 -25.76
CA TYR A 980 10.03 -22.82 -27.13
C TYR A 980 11.42 -22.17 -27.21
N LYS A 981 11.86 -21.92 -28.44
CA LYS A 981 13.12 -21.27 -28.73
C LYS A 981 12.86 -19.83 -29.16
N GLU A 982 13.93 -19.05 -29.29
CA GLU A 982 13.79 -17.65 -29.65
C GLU A 982 13.53 -17.48 -31.15
N LEU A 983 14.18 -18.30 -31.98
CA LEU A 983 14.08 -18.13 -33.42
C LEU A 983 12.82 -18.78 -34.00
N CYS A 984 12.26 -19.79 -33.35
CA CYS A 984 11.05 -20.43 -33.85
C CYS A 984 9.83 -19.54 -33.69
N ASP A 985 9.87 -18.59 -32.76
CA ASP A 985 8.83 -17.57 -32.67
C ASP A 985 8.86 -16.61 -33.86
N ALA A 986 10.04 -16.40 -34.44
CA ALA A 986 10.21 -15.49 -35.56
C ALA A 986 9.94 -16.13 -36.91
N VAL A 987 10.27 -17.41 -37.08
CA VAL A 987 10.15 -18.02 -38.40
C VAL A 987 8.71 -18.45 -38.69
N TYR A 988 7.94 -18.80 -37.64
CA TYR A 988 6.51 -19.03 -37.83
C TYR A 988 5.80 -17.71 -38.06
N LYS A 989 6.33 -16.63 -37.48
CA LYS A 989 5.89 -15.28 -37.81
C LYS A 989 6.26 -14.90 -39.24
N SER A 990 7.36 -15.42 -39.76
CA SER A 990 7.90 -14.99 -41.05
C SER A 990 7.34 -15.78 -42.23
N SER A 991 6.12 -16.30 -42.12
CA SER A 991 5.47 -16.93 -43.24
C SER A 991 5.11 -15.90 -44.31
N GLU A 992 4.79 -16.39 -45.50
CA GLU A 992 4.49 -15.52 -46.63
C GLU A 992 3.15 -14.82 -46.44
N LYS A 993 2.90 -13.82 -47.27
CA LYS A 993 1.66 -13.05 -47.20
C LYS A 993 0.50 -13.88 -47.74
N CYS A 994 -0.54 -14.02 -46.93
CA CYS A 994 -1.72 -14.80 -47.29
C CYS A 994 -2.95 -14.04 -46.79
N ASN A 995 -4.09 -14.72 -46.73
CA ASN A 995 -5.34 -14.14 -46.26
C ASN A 995 -5.40 -13.93 -44.75
N PHE A 996 -4.36 -14.31 -44.01
CA PHE A 996 -4.30 -14.07 -42.57
C PHE A 996 -3.67 -12.74 -42.22
N PHE A 997 -3.02 -12.08 -43.18
CA PHE A 997 -2.38 -10.79 -42.98
C PHE A 997 -2.99 -9.75 -43.91
N LEU A 998 -2.67 -8.48 -43.63
CA LEU A 998 -2.89 -7.39 -44.57
C LEU A 998 -1.68 -6.49 -44.53
N GLU A 999 -1.54 -5.65 -45.55
CA GLU A 999 -0.59 -4.55 -45.56
C GLU A 999 -1.36 -3.24 -45.67
N GLU A 1000 -0.65 -2.14 -45.47
CA GLU A 1000 -1.30 -0.84 -45.44
C GLU A 1000 -1.91 -0.64 -44.04
N VAL A 1001 -1.42 -1.41 -43.07
CA VAL A 1001 -1.87 -1.39 -41.68
C VAL A 1001 -3.39 -1.35 -41.57
N LEU A 1002 -3.96 -0.16 -41.76
CA LEU A 1002 -5.42 0.00 -41.69
C LEU A 1002 -5.89 0.36 -40.26
N ASP A 1003 -5.52 1.59 -39.86
CA ASP A 1003 -5.98 2.15 -38.60
C ASP A 1003 -7.47 2.49 -38.58
N VAL A 1004 -8.17 2.38 -39.73
CA VAL A 1004 -9.62 2.46 -39.74
C VAL A 1004 -10.23 1.30 -38.95
N CYS A 1005 -9.65 0.09 -39.10
CA CYS A 1005 -9.92 -1.13 -38.34
C CYS A 1005 -11.38 -1.56 -38.36
N PRO A 1006 -11.89 -2.12 -39.46
CA PRO A 1006 -13.25 -2.68 -39.44
C PRO A 1006 -13.34 -3.89 -38.51
N LEU A 1007 -14.42 -3.94 -37.75
CA LEU A 1007 -14.57 -4.95 -36.71
C LEU A 1007 -14.86 -6.32 -37.33
N GLY A 1008 -14.23 -7.36 -36.78
CA GLY A 1008 -14.27 -8.67 -37.37
C GLY A 1008 -13.17 -8.93 -38.37
N LEU A 1009 -12.66 -7.90 -39.03
CA LEU A 1009 -11.45 -8.00 -39.84
C LEU A 1009 -10.20 -7.66 -39.05
N LEU A 1010 -10.27 -7.76 -37.71
CA LEU A 1010 -9.06 -7.77 -36.88
C LEU A 1010 -8.31 -9.09 -36.97
N LEU A 1011 -8.93 -10.11 -37.57
CA LEU A 1011 -8.25 -11.38 -37.83
C LEU A 1011 -7.06 -11.20 -38.75
N LYS A 1012 -7.12 -10.23 -39.66
CA LYS A 1012 -6.02 -9.90 -40.53
C LYS A 1012 -5.39 -8.55 -40.21
N ASN A 1013 -5.97 -7.79 -39.27
CA ASN A 1013 -5.46 -6.47 -38.88
C ASN A 1013 -4.67 -6.51 -37.59
N LEU A 1014 -5.23 -7.10 -36.53
CA LEU A 1014 -4.63 -7.03 -35.20
C LEU A 1014 -3.34 -7.85 -35.12
N THR A 1015 -3.17 -8.84 -36.00
CA THR A 1015 -1.95 -9.64 -36.01
C THR A 1015 -0.81 -8.90 -36.70
N THR A 1016 -1.11 -8.13 -37.75
CA THR A 1016 -0.10 -7.40 -38.50
C THR A 1016 0.47 -6.19 -37.76
N SER A 1017 -0.09 -5.84 -36.60
CA SER A 1017 0.49 -4.76 -35.80
C SER A 1017 1.73 -5.21 -35.04
N SER A 1018 2.13 -6.48 -35.17
CA SER A 1018 3.43 -6.96 -34.75
C SER A 1018 4.19 -7.65 -35.86
N TYR A 1019 3.61 -7.72 -37.07
CA TYR A 1019 4.36 -8.15 -38.23
C TYR A 1019 5.16 -7.01 -38.84
N MET A 1020 4.65 -5.78 -38.72
CA MET A 1020 5.39 -4.58 -39.10
C MET A 1020 6.10 -3.95 -37.92
N GLU A 1021 5.95 -4.51 -36.72
CA GLU A 1021 6.56 -3.99 -35.52
C GLU A 1021 7.52 -5.05 -34.97
N GLU A 1022 8.37 -4.64 -34.04
CA GLU A 1022 9.58 -5.37 -33.69
C GLU A 1022 9.34 -6.65 -32.91
N GLU A 1023 8.28 -6.73 -32.09
CA GLU A 1023 8.03 -7.92 -31.29
C GLU A 1023 7.49 -9.05 -32.16
N TYR A 1024 7.77 -10.28 -31.74
CA TYR A 1024 7.50 -11.47 -32.52
C TYR A 1024 6.56 -12.46 -31.84
N PHE A 1025 6.75 -12.71 -30.54
CA PHE A 1025 5.94 -13.70 -29.83
C PHE A 1025 4.50 -13.24 -29.63
N MET A 1026 4.28 -11.93 -29.59
CA MET A 1026 2.94 -11.39 -29.54
C MET A 1026 2.20 -11.67 -30.85
N CYS A 1027 2.90 -11.55 -31.98
CA CYS A 1027 2.34 -11.98 -33.26
C CYS A 1027 2.19 -13.50 -33.31
N PHE A 1028 3.06 -14.25 -32.62
CA PHE A 1028 2.91 -15.70 -32.56
C PHE A 1028 1.66 -16.11 -31.81
N LYS A 1029 1.36 -15.42 -30.70
CA LYS A 1029 0.12 -15.69 -29.97
C LYS A 1029 -1.10 -15.24 -30.74
N TYR A 1030 -1.00 -14.15 -31.51
CA TYR A 1030 -2.11 -13.77 -32.37
C TYR A 1030 -2.31 -14.74 -33.53
N LEU A 1031 -1.23 -15.37 -34.01
CA LEU A 1031 -1.40 -16.39 -35.05
C LEU A 1031 -1.90 -17.70 -34.48
N LEU A 1032 -1.61 -17.97 -33.21
CA LEU A 1032 -2.13 -19.19 -32.59
C LEU A 1032 -3.62 -19.07 -32.31
N ILE A 1033 -4.08 -17.89 -31.91
CA ILE A 1033 -5.51 -17.67 -31.75
C ILE A 1033 -6.20 -17.41 -33.09
N GLN A 1034 -5.42 -17.30 -34.16
CA GLN A 1034 -5.98 -17.03 -35.49
C GLN A 1034 -6.55 -18.30 -36.11
N GLY A 1035 -5.72 -19.31 -36.33
CA GLY A 1035 -6.11 -20.48 -37.08
C GLY A 1035 -6.80 -21.56 -36.27
N HIS A 1036 -7.66 -21.12 -35.32
CA HIS A 1036 -8.55 -21.97 -34.54
C HIS A 1036 -7.79 -23.01 -33.72
N PHE A 1037 -6.69 -22.57 -33.11
CA PHE A 1037 -6.00 -23.35 -32.08
C PHE A 1037 -6.41 -22.89 -30.68
N ASP A 1038 -7.57 -22.24 -30.58
CA ASP A 1038 -8.15 -21.85 -29.30
C ASP A 1038 -8.98 -22.97 -28.69
N GLN A 1039 -9.61 -23.80 -29.51
CA GLN A 1039 -10.40 -24.94 -29.04
C GLN A 1039 -9.51 -26.01 -28.43
N ALA A 1078 -52.83 -33.03 -6.39
CA ALA A 1078 -52.24 -31.79 -6.85
C ALA A 1078 -50.88 -31.57 -6.20
N ASP A 1079 -49.81 -31.75 -6.99
CA ASP A 1079 -48.45 -31.58 -6.49
C ASP A 1079 -47.93 -30.16 -6.70
N LYS A 1080 -48.14 -29.58 -7.88
CA LYS A 1080 -47.67 -28.22 -8.14
C LYS A 1080 -48.48 -27.17 -7.39
N LEU A 1081 -49.70 -27.51 -6.96
CA LEU A 1081 -50.44 -26.62 -6.07
C LEU A 1081 -49.88 -26.66 -4.66
N ASP A 1082 -49.31 -27.80 -4.26
CA ASP A 1082 -48.59 -27.87 -2.99
C ASP A 1082 -47.18 -27.33 -3.12
N LYS A 1083 -46.57 -27.45 -4.30
CA LYS A 1083 -45.26 -26.88 -4.57
C LYS A 1083 -45.34 -25.45 -5.11
N SER A 1084 -46.43 -24.73 -4.84
CA SER A 1084 -46.55 -23.36 -5.32
C SER A 1084 -45.66 -22.42 -4.50
N TYR A 1085 -45.59 -22.64 -3.18
CA TYR A 1085 -44.74 -21.80 -2.35
C TYR A 1085 -43.27 -22.15 -2.57
N PHE A 1086 -42.40 -21.18 -2.35
CA PHE A 1086 -40.97 -21.36 -2.57
C PHE A 1086 -40.40 -22.28 -1.51
N THR A 1087 -40.20 -23.54 -1.86
CA THR A 1087 -39.70 -24.58 -0.98
C THR A 1087 -38.19 -24.67 -1.20
N ASN A 1088 -37.54 -25.69 -0.63
CA ASN A 1088 -36.11 -25.90 -0.84
C ASN A 1088 -35.79 -26.24 -2.29
N ALA A 1089 -36.73 -26.85 -3.01
CA ALA A 1089 -36.56 -27.09 -4.44
C ALA A 1089 -36.96 -25.88 -5.29
N ALA A 1090 -37.41 -24.80 -4.68
CA ALA A 1090 -37.86 -23.61 -5.38
C ALA A 1090 -37.24 -22.35 -4.78
N LEU A 1091 -35.92 -22.41 -4.55
CA LEU A 1091 -35.22 -21.31 -3.90
C LEU A 1091 -34.71 -20.27 -4.90
N ARG A 1092 -34.36 -20.68 -6.11
CA ARG A 1092 -33.69 -19.81 -7.07
C ARG A 1092 -34.58 -19.39 -8.22
N ASN A 1093 -35.90 -19.34 -8.02
CA ASN A 1093 -36.79 -18.89 -9.10
C ASN A 1093 -36.76 -17.37 -9.24
N LEU A 1094 -36.72 -16.65 -8.12
CA LEU A 1094 -36.80 -15.19 -8.13
C LEU A 1094 -35.42 -14.58 -8.33
N CYS A 1095 -35.39 -13.24 -8.28
CA CYS A 1095 -34.16 -12.49 -8.36
C CYS A 1095 -33.79 -11.81 -7.05
N PHE A 1096 -34.75 -11.71 -6.13
CA PHE A 1096 -34.58 -11.01 -4.86
C PHE A 1096 -34.81 -11.91 -3.66
N TYR A 1097 -34.82 -13.24 -3.87
CA TYR A 1097 -35.31 -14.16 -2.84
C TYR A 1097 -34.37 -14.25 -1.66
N SER A 1098 -33.06 -14.05 -1.87
CA SER A 1098 -32.02 -14.03 -0.85
C SER A 1098 -31.96 -15.36 -0.08
N GLU A 1099 -31.53 -16.39 -0.83
CA GLU A 1099 -31.25 -17.70 -0.24
C GLU A 1099 -30.07 -17.63 0.74
N ASP A 1100 -29.20 -16.64 0.61
CA ASP A 1100 -27.95 -16.55 1.35
C ASP A 1100 -28.08 -15.64 2.57
N SER A 1101 -29.22 -15.66 3.24
CA SER A 1101 -29.44 -14.83 4.41
C SER A 1101 -29.10 -15.58 5.69
N PRO A 1102 -28.72 -14.85 6.75
CA PRO A 1102 -28.58 -15.53 8.06
C PRO A 1102 -29.95 -15.88 8.63
N THR A 1103 -30.30 -17.16 8.54
CA THR A 1103 -31.66 -17.61 8.80
C THR A 1103 -31.76 -18.57 9.97
N GLU A 1104 -30.97 -19.63 9.97
CA GLU A 1104 -31.06 -20.64 11.02
C GLU A 1104 -29.67 -21.24 11.20
N PHE A 1105 -28.91 -20.70 12.16
CA PHE A 1105 -27.50 -21.04 12.22
C PHE A 1105 -27.29 -22.36 12.93
N THR A 1106 -26.41 -23.18 12.37
CA THR A 1106 -25.91 -24.37 13.03
C THR A 1106 -24.80 -23.96 13.99
N SER A 1107 -24.33 -24.89 14.82
CA SER A 1107 -23.20 -24.60 15.70
C SER A 1107 -21.87 -24.54 14.96
N ILE A 1108 -21.85 -24.71 13.65
CA ILE A 1108 -20.62 -24.70 12.86
C ILE A 1108 -20.61 -23.60 11.80
N SER A 1109 -21.76 -23.01 11.48
CA SER A 1109 -21.86 -22.00 10.44
C SER A 1109 -22.97 -21.04 10.81
N SER A 1110 -23.45 -20.27 9.83
CA SER A 1110 -24.43 -19.23 10.07
C SER A 1110 -25.55 -19.22 9.04
N ASN A 1111 -25.78 -20.35 8.36
CA ASN A 1111 -26.83 -20.62 7.36
C ASN A 1111 -26.66 -19.80 6.08
N SER A 1112 -25.65 -18.94 6.00
CA SER A 1112 -25.34 -18.18 4.79
C SER A 1112 -23.98 -18.53 4.23
N GLY A 1113 -22.94 -18.49 5.04
CA GLY A 1113 -21.63 -18.88 4.60
C GLY A 1113 -20.95 -19.80 5.59
N ASN A 1114 -19.62 -19.78 5.60
CA ASN A 1114 -18.85 -20.62 6.52
C ASN A 1114 -17.63 -19.87 7.05
N LEU A 1115 -17.75 -18.54 7.16
CA LEU A 1115 -16.76 -17.63 7.76
C LEU A 1115 -15.42 -17.69 7.03
N LYS A 1116 -15.46 -17.23 5.78
CA LYS A 1116 -14.26 -17.17 4.96
C LYS A 1116 -13.29 -16.09 5.43
N PHE A 1117 -12.04 -16.21 5.01
CA PHE A 1117 -11.01 -15.20 5.20
C PHE A 1117 -10.11 -15.22 3.98
N GLY A 1118 -8.95 -14.58 4.08
CA GLY A 1118 -7.98 -14.61 3.00
C GLY A 1118 -6.56 -14.61 3.51
N LEU A 1119 -5.58 -14.55 2.61
CA LEU A 1119 -4.19 -14.44 2.99
C LEU A 1119 -3.55 -13.21 2.35
N SER A 1120 -2.91 -12.38 3.17
CA SER A 1120 -2.07 -11.32 2.68
C SER A 1120 -1.04 -11.01 3.77
N TYR A 1121 -0.01 -10.27 3.39
CA TYR A 1121 1.04 -9.90 4.31
C TYR A 1121 1.03 -8.40 4.56
N LYS A 1122 1.65 -8.00 5.67
CA LYS A 1122 1.53 -6.65 6.20
C LYS A 1122 2.63 -5.73 5.70
N GLU A 1123 3.67 -6.27 5.07
CA GLU A 1123 4.92 -5.57 4.73
C GLU A 1123 5.54 -4.93 5.97
N GLN A 1124 5.73 -5.76 6.98
CA GLN A 1124 6.44 -5.36 8.18
C GLN A 1124 7.94 -5.28 7.83
N VAL A 1125 8.72 -4.66 8.71
CA VAL A 1125 10.12 -4.34 8.43
C VAL A 1125 10.96 -5.59 8.29
N GLY A 1126 11.11 -6.34 9.38
CA GLY A 1126 11.93 -7.54 9.29
C GLY A 1126 11.22 -8.74 8.71
N SER A 1127 10.21 -9.23 9.39
CA SER A 1127 9.47 -10.42 8.99
C SER A 1127 8.01 -10.06 8.77
N ASN A 1128 7.45 -10.55 7.67
CA ASN A 1128 6.08 -10.21 7.26
C ASN A 1128 5.07 -10.79 8.23
N ARG A 1129 4.34 -9.90 8.91
CA ARG A 1129 3.13 -10.31 9.61
C ARG A 1129 2.08 -10.72 8.59
N GLU A 1130 1.45 -11.87 8.81
CA GLU A 1130 0.36 -12.22 7.94
C GLU A 1130 -0.90 -11.45 8.34
N LEU A 1131 -1.81 -11.31 7.40
CA LEU A 1131 -2.99 -10.47 7.60
C LEU A 1131 -4.14 -11.06 6.81
N TYR A 1132 -5.22 -11.42 7.48
CA TYR A 1132 -6.35 -12.06 6.83
C TYR A 1132 -7.36 -10.98 6.49
N VAL A 1133 -7.59 -10.75 5.21
CA VAL A 1133 -8.69 -9.90 4.77
C VAL A 1133 -9.95 -10.75 4.86
N GLY A 1134 -10.87 -10.36 5.73
CA GLY A 1134 -12.09 -11.12 5.88
C GLY A 1134 -13.08 -10.84 4.77
N ASP A 1135 -14.01 -11.76 4.61
CA ASP A 1135 -15.18 -11.50 3.79
C ASP A 1135 -16.10 -10.53 4.54
N LEU A 1136 -17.02 -9.90 3.82
CA LEU A 1136 -17.76 -8.76 4.39
C LEU A 1136 -18.71 -9.19 5.51
N ASN A 1137 -19.41 -10.30 5.31
CA ASN A 1137 -20.20 -10.90 6.40
C ASN A 1137 -19.29 -11.30 7.55
N THR A 1138 -18.09 -11.81 7.24
CA THR A 1138 -17.17 -12.16 8.31
C THR A 1138 -16.53 -10.93 8.92
N LYS A 1139 -16.44 -9.82 8.16
CA LYS A 1139 -16.05 -8.55 8.76
C LYS A 1139 -17.08 -8.08 9.77
N LEU A 1140 -18.36 -8.24 9.46
CA LEU A 1140 -19.42 -7.88 10.40
C LEU A 1140 -19.38 -8.76 11.64
N MET A 1141 -19.35 -10.07 11.44
CA MET A 1141 -19.32 -11.01 12.56
C MET A 1141 -18.01 -10.95 13.34
N THR A 1142 -16.97 -10.39 12.75
CA THR A 1142 -15.73 -10.10 13.46
C THR A 1142 -15.86 -8.83 14.29
N ARG A 1143 -16.47 -7.78 13.72
CA ARG A 1143 -16.64 -6.51 14.42
C ARG A 1143 -17.58 -6.65 15.61
N LEU A 1144 -18.54 -7.59 15.56
CA LEU A 1144 -19.42 -7.81 16.70
C LEU A 1144 -18.65 -8.28 17.92
N VAL A 1145 -17.86 -9.34 17.77
CA VAL A 1145 -17.06 -9.88 18.87
C VAL A 1145 -15.95 -8.90 19.24
N GLU A 1146 -15.46 -8.13 18.27
CA GLU A 1146 -14.40 -7.17 18.51
C GLU A 1146 -14.89 -6.00 19.35
N ASP A 1147 -16.09 -5.48 19.06
CA ASP A 1147 -16.66 -4.41 19.87
C ASP A 1147 -17.10 -4.92 21.23
N PHE A 1148 -17.58 -6.18 21.31
CA PHE A 1148 -17.84 -6.82 22.59
C PHE A 1148 -16.59 -6.84 23.47
N SER A 1149 -15.48 -7.31 22.90
CA SER A 1149 -14.25 -7.40 23.69
C SER A 1149 -13.63 -6.03 23.96
N GLU A 1150 -13.86 -5.06 23.09
CA GLU A 1150 -13.35 -3.71 23.36
C GLU A 1150 -14.12 -3.08 24.51
N ALA A 1151 -15.43 -3.31 24.58
CA ALA A 1151 -16.19 -2.80 25.71
C ALA A 1151 -15.91 -3.61 26.99
N VAL A 1152 -15.48 -4.87 26.85
CA VAL A 1152 -14.99 -5.60 28.02
C VAL A 1152 -13.68 -4.99 28.52
N GLY A 1153 -12.73 -4.79 27.61
CA GLY A 1153 -11.41 -4.26 27.99
C GLY A 1153 -11.42 -2.81 28.40
N ASN A 1154 -12.48 -2.08 28.07
CA ASN A 1154 -12.67 -0.74 28.62
C ASN A 1154 -12.81 -0.79 30.14
N SER A 1155 -13.52 -1.80 30.66
CA SER A 1155 -13.60 -1.99 32.09
C SER A 1155 -12.33 -2.60 32.67
N MET A 1156 -11.52 -3.24 31.84
CA MET A 1156 -10.29 -3.88 32.31
C MET A 1156 -9.20 -2.84 32.47
N LYS A 1157 -8.42 -3.00 33.55
CA LYS A 1157 -7.51 -1.94 33.98
C LYS A 1157 -6.06 -2.13 33.57
N TYR A 1158 -5.66 -3.31 33.10
CA TYR A 1158 -4.26 -3.54 32.74
C TYR A 1158 -4.08 -3.90 31.27
N THR A 1159 -5.02 -3.52 30.42
CA THR A 1159 -4.81 -3.65 28.98
C THR A 1159 -4.32 -2.32 28.42
N CYS A 1160 -3.57 -2.40 27.33
CA CYS A 1160 -3.25 -1.21 26.55
C CYS A 1160 -3.09 -1.64 25.08
N LEU A 1161 -4.21 -1.59 24.36
CA LEU A 1161 -4.25 -1.70 22.92
C LEU A 1161 -5.01 -0.56 22.30
N ASN A 1162 -5.90 0.07 23.05
CA ASN A 1162 -6.69 1.20 22.60
C ASN A 1162 -6.41 2.49 23.36
N SER A 1163 -5.98 2.40 24.61
CA SER A 1163 -5.94 3.55 25.50
C SER A 1163 -4.58 4.24 25.45
N GLU A 1164 -4.60 5.56 25.26
CA GLU A 1164 -3.43 6.37 25.57
C GLU A 1164 -3.16 6.40 27.06
N LYS A 1165 -4.22 6.30 27.88
CA LYS A 1165 -4.11 6.47 29.32
C LYS A 1165 -3.31 5.36 29.96
N GLU A 1166 -3.68 4.10 29.70
CA GLU A 1166 -3.01 3.00 30.38
C GLU A 1166 -1.65 2.70 29.76
N PHE A 1167 -1.48 2.99 28.47
CA PHE A 1167 -0.16 2.87 27.86
C PHE A 1167 0.79 3.94 28.42
N GLU A 1168 0.27 5.14 28.69
CA GLU A 1168 1.08 6.17 29.33
C GLU A 1168 1.37 5.83 30.79
N ARG A 1169 0.43 5.19 31.48
CA ARG A 1169 0.71 4.73 32.83
C ARG A 1169 1.72 3.59 32.84
N ALA A 1170 1.71 2.76 31.81
CA ALA A 1170 2.74 1.72 31.66
C ALA A 1170 4.11 2.34 31.41
N ILE A 1171 4.14 3.41 30.61
CA ILE A 1171 5.38 4.17 30.39
C ILE A 1171 5.89 4.79 31.69
N CYS A 1172 5.01 5.40 32.47
CA CYS A 1172 5.41 6.06 33.72
C CYS A 1172 5.87 5.04 34.76
N ASP A 1173 5.13 3.94 34.91
CA ASP A 1173 5.51 2.86 35.80
C ASP A 1173 6.83 2.22 35.37
N MET A 1174 7.05 2.13 34.06
CA MET A 1174 8.28 1.54 33.54
C MET A 1174 9.47 2.44 33.82
N LYS A 1175 9.30 3.75 33.65
CA LYS A 1175 10.36 4.71 33.97
C LYS A 1175 10.72 4.68 35.45
N MET A 1176 9.70 4.70 36.32
CA MET A 1176 10.00 4.70 37.75
C MET A 1176 10.51 3.35 38.25
N ALA A 1177 10.21 2.26 37.55
CA ALA A 1177 10.76 0.97 37.95
C ALA A 1177 12.19 0.78 37.49
N VAL A 1178 12.53 1.25 36.28
CA VAL A 1178 13.92 1.17 35.84
C VAL A 1178 14.78 2.16 36.62
N ASN A 1179 14.19 3.29 37.04
CA ASN A 1179 14.89 4.20 37.95
C ASN A 1179 15.04 3.57 39.33
N ASN A 1180 14.03 2.84 39.80
CA ASN A 1180 14.07 2.20 41.11
C ASN A 1180 15.03 1.01 41.12
N GLY A 1181 15.40 0.49 39.96
CA GLY A 1181 16.19 -0.71 39.89
C GLY A 1181 15.40 -1.99 40.05
N ASP A 1182 14.09 -1.92 39.96
CA ASP A 1182 13.25 -3.10 39.99
C ASP A 1182 13.49 -3.94 38.74
N LEU A 1183 13.52 -5.25 38.92
CA LEU A 1183 13.62 -6.14 37.78
C LEU A 1183 12.34 -6.09 36.97
N SER A 1184 12.47 -5.71 35.72
CA SER A 1184 11.30 -5.43 34.87
C SER A 1184 11.50 -6.18 33.56
N CYS A 1185 10.61 -7.11 33.29
CA CYS A 1185 10.78 -8.00 32.15
C CYS A 1185 10.48 -7.29 30.84
N SER A 1186 10.56 -8.06 29.76
CA SER A 1186 9.97 -7.67 28.49
C SER A 1186 9.67 -8.97 27.75
N TYR A 1187 8.45 -9.47 27.90
CA TYR A 1187 8.11 -10.72 27.22
C TYR A 1187 7.71 -10.43 25.77
N ASP A 1188 7.37 -11.50 25.08
CA ASP A 1188 6.78 -11.47 23.75
C ASP A 1188 6.09 -12.81 23.61
N HIS A 1189 5.45 -13.05 22.47
CA HIS A 1189 4.78 -14.33 22.27
C HIS A 1189 5.04 -14.82 20.86
N SER A 1190 5.70 -15.97 20.75
CA SER A 1190 6.02 -16.55 19.46
C SER A 1190 4.75 -17.11 18.85
N LYS A 1191 4.38 -16.56 17.69
CA LYS A 1191 3.25 -17.00 16.88
C LYS A 1191 1.94 -16.89 17.66
N TRP A 1192 1.62 -15.67 18.12
CA TRP A 1192 0.38 -15.45 18.85
C TRP A 1192 -0.83 -15.72 17.97
N GLY A 1193 -0.73 -15.41 16.69
CA GLY A 1193 -1.73 -15.76 15.72
C GLY A 1193 -1.87 -17.25 15.44
N PRO A 1194 -0.87 -17.86 14.80
CA PRO A 1194 -1.04 -19.24 14.32
C PRO A 1194 -1.13 -20.32 15.40
N THR A 1195 -0.91 -19.99 16.68
CA THR A 1195 -0.98 -21.00 17.74
C THR A 1195 -2.38 -21.15 18.31
N MET A 1196 -2.97 -20.06 18.79
CA MET A 1196 -4.17 -20.20 19.59
C MET A 1196 -5.39 -20.44 18.71
N SER A 1197 -6.47 -20.85 19.37
CA SER A 1197 -7.69 -21.28 18.74
C SER A 1197 -8.88 -20.51 19.29
N PRO A 1198 -9.95 -20.36 18.52
CA PRO A 1198 -11.19 -19.81 19.09
C PRO A 1198 -11.88 -20.76 20.06
N ALA A 1199 -11.58 -22.06 20.00
CA ALA A 1199 -12.08 -22.99 21.01
C ALA A 1199 -11.55 -22.67 22.39
N LEU A 1200 -10.32 -22.14 22.47
CA LEU A 1200 -9.80 -21.58 23.70
C LEU A 1200 -10.65 -20.42 24.18
N PHE A 1201 -11.12 -19.59 23.26
CA PHE A 1201 -11.96 -18.46 23.63
C PHE A 1201 -13.32 -18.93 24.12
N LEU A 1202 -13.85 -20.01 23.54
CA LEU A 1202 -15.05 -20.65 24.07
C LEU A 1202 -14.84 -21.16 25.49
N ALA A 1203 -13.72 -21.87 25.71
CA ALA A 1203 -13.42 -22.42 27.02
C ALA A 1203 -13.13 -21.33 28.05
N LEU A 1204 -12.75 -20.14 27.61
CA LEU A 1204 -12.60 -19.03 28.53
C LEU A 1204 -13.94 -18.35 28.80
N LEU A 1205 -14.76 -18.16 27.77
CA LEU A 1205 -16.04 -17.45 27.93
C LEU A 1205 -17.12 -18.30 28.58
N GLN A 1206 -16.93 -19.62 28.68
CA GLN A 1206 -17.94 -20.46 29.31
C GLN A 1206 -18.12 -20.14 30.79
N MET A 1207 -17.03 -19.76 31.47
CA MET A 1207 -17.08 -19.53 32.91
C MET A 1207 -16.77 -18.08 33.27
N LEU A 1208 -16.89 -17.15 32.33
CA LEU A 1208 -16.87 -15.73 32.67
C LEU A 1208 -18.25 -15.32 33.14
N GLU A 1209 -18.29 -14.46 34.16
CA GLU A 1209 -19.58 -14.05 34.69
C GLU A 1209 -20.09 -12.76 34.06
N LEU A 1210 -19.22 -11.74 33.93
CA LEU A 1210 -19.52 -10.41 33.38
C LEU A 1210 -20.78 -9.80 33.99
N ARG A 1211 -20.74 -9.61 35.32
CA ARG A 1211 -21.91 -9.18 36.08
C ARG A 1211 -22.05 -7.67 35.96
N THR A 1212 -22.94 -7.24 35.06
CA THR A 1212 -23.16 -5.84 34.75
C THR A 1212 -23.66 -5.07 35.97
N PRO A 1213 -23.17 -3.86 36.22
CA PRO A 1213 -23.68 -3.08 37.35
C PRO A 1213 -25.12 -2.60 37.20
N VAL A 1214 -25.70 -2.69 36.00
CA VAL A 1214 -27.14 -2.46 35.84
C VAL A 1214 -27.93 -3.57 36.53
N ASP A 1215 -27.69 -4.82 36.13
CA ASP A 1215 -28.35 -5.97 36.71
C ASP A 1215 -27.28 -6.94 37.21
N ARG A 1216 -27.21 -7.11 38.53
CA ARG A 1216 -26.19 -7.96 39.15
C ARG A 1216 -26.55 -9.41 38.87
N SER A 1217 -26.10 -9.88 37.72
CA SER A 1217 -26.38 -11.23 37.24
C SER A 1217 -25.39 -11.60 36.16
N LYS A 1218 -25.11 -12.89 36.04
CA LYS A 1218 -24.30 -13.39 34.94
C LYS A 1218 -25.05 -13.20 33.63
N ILE A 1219 -24.50 -12.38 32.75
CA ILE A 1219 -25.15 -12.09 31.48
C ILE A 1219 -25.00 -13.28 30.54
N ASP A 1220 -25.80 -13.28 29.48
CA ASP A 1220 -25.69 -14.33 28.47
C ASP A 1220 -24.52 -14.06 27.54
N LEU A 1221 -23.55 -14.98 27.54
CA LEU A 1221 -22.41 -14.89 26.64
C LEU A 1221 -22.61 -15.77 25.42
N ASP A 1222 -23.79 -16.39 25.28
CA ASP A 1222 -24.07 -17.28 24.16
C ASP A 1222 -24.14 -16.51 22.85
N SER A 1223 -24.42 -15.20 22.90
CA SER A 1223 -24.35 -14.38 21.71
C SER A 1223 -22.90 -14.15 21.25
N VAL A 1224 -21.92 -14.44 22.10
CA VAL A 1224 -20.51 -14.30 21.73
C VAL A 1224 -19.95 -15.70 21.54
N LYS A 1225 -20.48 -16.67 22.28
CA LYS A 1225 -20.01 -18.05 22.15
C LYS A 1225 -20.50 -18.70 20.87
N SER A 1226 -21.73 -18.44 20.44
CA SER A 1226 -22.25 -19.03 19.21
C SER A 1226 -21.74 -18.35 17.95
N ILE A 1227 -20.88 -17.35 18.07
CA ILE A 1227 -20.21 -16.75 16.94
C ILE A 1227 -18.69 -16.97 17.00
N LEU A 1228 -18.12 -17.15 18.19
CA LEU A 1228 -16.79 -17.75 18.23
C LEU A 1228 -16.80 -19.23 17.90
N LYS A 1229 -17.95 -19.91 17.97
CA LYS A 1229 -18.07 -21.22 17.34
C LYS A 1229 -18.05 -21.13 15.82
N TRP A 1230 -18.38 -19.97 15.26
CA TRP A 1230 -18.24 -19.79 13.82
C TRP A 1230 -16.80 -19.46 13.46
N HIS A 1231 -16.15 -18.65 14.30
CA HIS A 1231 -14.72 -18.40 14.13
C HIS A 1231 -13.85 -19.62 14.41
N LEU A 1232 -14.34 -20.57 15.19
CA LEU A 1232 -13.61 -21.83 15.34
C LEU A 1232 -13.57 -22.60 14.03
N HIS A 1233 -14.65 -22.53 13.26
CA HIS A 1233 -14.71 -23.23 11.98
C HIS A 1233 -14.73 -22.16 10.89
N LYS A 1234 -13.54 -21.64 10.58
CA LYS A 1234 -13.38 -20.63 9.54
C LYS A 1234 -12.72 -21.28 8.34
N VAL A 1235 -13.21 -20.95 7.16
CA VAL A 1235 -12.70 -21.53 5.92
C VAL A 1235 -11.70 -20.53 5.37
N VAL A 1236 -10.46 -20.66 5.81
CA VAL A 1236 -9.37 -19.81 5.37
C VAL A 1236 -9.01 -20.19 3.94
N GLU A 1237 -9.03 -19.22 3.03
CA GLU A 1237 -8.69 -19.47 1.64
C GLU A 1237 -7.19 -19.69 1.48
N VAL A 1238 -6.78 -19.98 0.26
CA VAL A 1238 -5.36 -19.95 -0.09
C VAL A 1238 -5.15 -18.80 -1.07
N PRO A 1239 -3.94 -18.29 -1.22
CA PRO A 1239 -3.65 -17.48 -2.40
C PRO A 1239 -3.70 -18.34 -3.65
N ILE A 1240 -4.25 -17.79 -4.72
CA ILE A 1240 -4.22 -18.50 -6.00
C ILE A 1240 -2.82 -18.46 -6.59
N ASN A 1241 -1.99 -17.51 -6.17
CA ASN A 1241 -0.62 -17.42 -6.62
C ASN A 1241 0.32 -18.36 -5.86
N VAL A 1242 -0.17 -19.05 -4.83
CA VAL A 1242 0.61 -20.10 -4.19
C VAL A 1242 0.03 -21.48 -4.53
N ALA A 1243 -1.20 -21.54 -5.03
CA ALA A 1243 -1.72 -22.79 -5.57
C ALA A 1243 -1.26 -23.03 -7.00
N GLU A 1244 -0.55 -22.06 -7.60
CA GLU A 1244 0.16 -22.26 -8.85
C GLU A 1244 1.67 -22.26 -8.66
N ALA A 1245 2.16 -21.74 -7.52
CA ALA A 1245 3.58 -21.82 -7.22
C ALA A 1245 3.94 -23.12 -6.51
N TYR A 1246 2.94 -23.81 -5.95
CA TYR A 1246 3.10 -25.18 -5.47
C TYR A 1246 2.57 -26.20 -6.46
N CYS A 1247 2.17 -25.77 -7.66
CA CYS A 1247 1.77 -26.68 -8.70
C CYS A 1247 2.89 -26.94 -9.70
N ILE A 1248 4.00 -26.20 -9.58
CA ILE A 1248 5.12 -26.38 -10.51
C ILE A 1248 5.87 -27.66 -10.17
N GLY A 1249 6.38 -27.77 -8.94
CA GLY A 1249 7.11 -28.95 -8.52
C GLY A 1249 6.22 -30.11 -8.14
N SER A 1264 10.61 -27.17 2.98
CA SER A 1264 9.49 -27.23 2.05
C SER A 1264 8.41 -28.17 2.54
N LEU A 1265 8.12 -28.10 3.85
CA LEU A 1265 7.16 -29.03 4.45
C LEU A 1265 5.73 -28.71 4.02
N SER A 1266 5.43 -27.44 3.76
CA SER A 1266 4.15 -27.10 3.15
C SER A 1266 4.09 -27.54 1.69
N GLU A 1267 5.24 -27.47 1.00
CA GLU A 1267 5.33 -28.03 -0.35
C GLU A 1267 5.23 -29.54 -0.32
N GLU A 1268 5.62 -30.19 0.78
CA GLU A 1268 5.33 -31.59 0.95
C GLU A 1268 3.85 -31.82 1.26
N PHE A 1269 3.21 -30.89 1.98
CA PHE A 1269 1.81 -31.06 2.36
C PHE A 1269 0.87 -30.95 1.17
N PHE A 1270 1.10 -29.97 0.30
CA PHE A 1270 0.25 -29.87 -0.90
C PHE A 1270 0.51 -30.98 -1.91
N HIS A 1271 1.66 -31.63 -1.85
CA HIS A 1271 1.97 -32.71 -2.79
C HIS A 1271 1.67 -34.09 -2.22
N GLN A 1272 1.39 -34.20 -0.92
CA GLN A 1272 0.90 -35.46 -0.38
C GLN A 1272 -0.62 -35.53 -0.33
N THR A 1273 -1.31 -34.39 -0.41
CA THR A 1273 -2.76 -34.40 -0.54
C THR A 1273 -3.21 -34.46 -1.99
N MET A 1274 -2.29 -34.52 -2.95
CA MET A 1274 -2.67 -34.84 -4.32
C MET A 1274 -2.86 -36.34 -4.50
N GLN A 1275 -2.15 -37.15 -3.69
CA GLN A 1275 -2.38 -38.58 -3.65
C GLN A 1275 -3.70 -38.92 -2.96
N LEU A 1276 -4.25 -37.98 -2.20
CA LEU A 1276 -5.62 -38.03 -1.68
C LEU A 1276 -6.59 -37.59 -2.75
N SER A 1277 -7.80 -37.19 -2.34
CA SER A 1277 -8.81 -36.64 -3.26
C SER A 1277 -8.23 -35.49 -4.08
N GLY A 1278 -8.18 -35.70 -5.39
CA GLY A 1278 -7.37 -34.91 -6.30
C GLY A 1278 -7.85 -33.51 -6.64
N GLN A 1279 -8.85 -33.01 -5.92
CA GLN A 1279 -9.22 -31.61 -6.06
C GLN A 1279 -8.15 -30.73 -5.43
N ILE A 1280 -8.06 -29.50 -5.90
CA ILE A 1280 -7.01 -28.59 -5.44
C ILE A 1280 -7.30 -28.15 -4.01
N PRO A 1281 -6.34 -28.30 -3.09
CA PRO A 1281 -6.58 -27.87 -1.70
C PRO A 1281 -6.58 -26.35 -1.55
N SER A 1282 -7.72 -25.75 -1.88
CA SER A 1282 -7.87 -24.30 -1.91
C SER A 1282 -8.44 -23.72 -0.63
N HIS A 1283 -8.90 -24.56 0.29
CA HIS A 1283 -9.54 -24.12 1.52
C HIS A 1283 -8.97 -24.90 2.70
N ILE A 1284 -8.91 -24.25 3.86
CA ILE A 1284 -8.44 -24.89 5.10
C ILE A 1284 -9.36 -24.49 6.24
N MET A 1285 -9.93 -25.47 6.92
CA MET A 1285 -10.62 -25.29 8.18
C MET A 1285 -9.80 -25.95 9.27
N SER A 1286 -9.68 -25.31 10.43
CA SER A 1286 -8.84 -25.87 11.48
C SER A 1286 -9.33 -25.44 12.85
N VAL A 1287 -8.87 -26.18 13.86
CA VAL A 1287 -9.08 -25.79 15.25
C VAL A 1287 -8.33 -24.51 15.55
N LEU A 1288 -7.01 -24.52 15.36
CA LEU A 1288 -6.13 -23.45 15.79
C LEU A 1288 -5.93 -22.48 14.62
N ASP A 1289 -6.67 -21.37 14.64
CA ASP A 1289 -6.51 -20.36 13.61
C ASP A 1289 -6.06 -19.02 14.15
N MET A 1290 -6.91 -18.33 14.94
CA MET A 1290 -6.73 -16.95 15.41
C MET A 1290 -6.23 -15.99 14.32
N GLY A 1291 -7.12 -15.52 13.46
CA GLY A 1291 -6.79 -14.45 12.54
C GLY A 1291 -6.11 -13.23 13.15
N GLN A 1292 -4.90 -12.93 12.67
CA GLN A 1292 -4.11 -11.81 13.19
C GLN A 1292 -4.78 -10.50 12.80
N GLY A 1293 -5.19 -9.73 13.80
CA GLY A 1293 -6.02 -8.57 13.59
C GLY A 1293 -7.50 -8.85 13.43
N ILE A 1294 -7.89 -10.13 13.42
CA ILE A 1294 -9.30 -10.51 13.34
C ILE A 1294 -9.87 -10.64 14.73
N LEU A 1295 -9.25 -11.47 15.56
CA LEU A 1295 -9.73 -11.70 16.91
C LEU A 1295 -8.74 -11.11 17.89
N HIS A 1296 -8.32 -9.86 17.59
CA HIS A 1296 -7.18 -9.25 18.27
C HIS A 1296 -7.53 -8.90 19.72
N ASN A 1297 -8.57 -8.09 19.93
CA ASN A 1297 -8.93 -7.71 21.29
C ASN A 1297 -9.57 -8.86 22.07
N THR A 1298 -10.19 -9.82 21.37
CA THR A 1298 -10.74 -10.98 22.06
C THR A 1298 -9.63 -11.87 22.60
N SER A 1299 -8.47 -11.85 21.94
CA SER A 1299 -7.26 -12.43 22.51
C SER A 1299 -6.61 -11.51 23.52
N ASP A 1300 -6.86 -10.20 23.45
CA ASP A 1300 -6.32 -9.30 24.45
C ASP A 1300 -7.00 -9.50 25.80
N LEU A 1301 -8.31 -9.79 25.81
CA LEU A 1301 -8.95 -10.11 27.09
C LEU A 1301 -8.41 -11.42 27.65
N TYR A 1302 -8.11 -12.39 26.77
CA TYR A 1302 -7.50 -13.65 27.21
C TYR A 1302 -6.11 -13.41 27.78
N GLY A 1303 -5.28 -12.66 27.06
CA GLY A 1303 -3.94 -12.33 27.50
C GLY A 1303 -3.89 -11.26 28.56
N LEU A 1304 -5.03 -10.75 29.01
CA LEU A 1304 -5.14 -9.98 30.23
C LEU A 1304 -5.56 -10.85 31.41
N ILE A 1305 -6.59 -11.69 31.22
CA ILE A 1305 -7.10 -12.52 32.31
C ILE A 1305 -6.06 -13.55 32.73
N THR A 1306 -5.48 -14.27 31.75
CA THR A 1306 -4.46 -15.25 32.06
C THR A 1306 -3.18 -14.61 32.57
N GLU A 1307 -2.85 -13.40 32.10
CA GLU A 1307 -1.65 -12.75 32.58
C GLU A 1307 -1.83 -12.24 34.00
N GLN A 1308 -3.02 -11.77 34.36
CA GLN A 1308 -3.24 -11.41 35.75
C GLN A 1308 -3.33 -12.66 36.63
N PHE A 1309 -3.74 -13.80 36.06
CA PHE A 1309 -3.64 -15.06 36.78
C PHE A 1309 -2.19 -15.42 37.08
N LEU A 1310 -1.30 -15.25 36.10
CA LEU A 1310 0.12 -15.48 36.34
C LEU A 1310 0.71 -14.46 37.31
N CYS A 1311 0.24 -13.22 37.24
CA CYS A 1311 0.70 -12.16 38.13
C CYS A 1311 0.20 -12.37 39.56
N TYR A 1312 -0.92 -13.05 39.72
CA TYR A 1312 -1.39 -13.44 41.05
C TYR A 1312 -0.67 -14.67 41.57
N ALA A 1313 -0.35 -15.60 40.67
CA ALA A 1313 0.45 -16.77 41.05
C ALA A 1313 1.85 -16.37 41.53
N LEU A 1314 2.49 -15.42 40.83
CA LEU A 1314 3.80 -14.96 41.25
C LEU A 1314 3.73 -14.03 42.45
N ASP A 1315 2.55 -13.50 42.77
CA ASP A 1315 2.37 -12.73 43.99
C ASP A 1315 2.46 -13.62 45.23
N LEU A 1316 1.87 -14.82 45.16
CA LEU A 1316 1.81 -15.71 46.31
C LEU A 1316 2.97 -16.70 46.38
N LEU A 1317 3.37 -17.27 45.25
CA LEU A 1317 4.33 -18.36 45.26
C LEU A 1317 5.77 -17.89 45.46
N TYR A 1318 6.11 -16.69 44.98
CA TYR A 1318 7.48 -16.20 45.09
C TYR A 1318 7.55 -14.84 45.77
N ASP A 1319 6.56 -14.56 46.63
CA ASP A 1319 6.36 -13.42 47.55
C ASP A 1319 6.89 -12.07 47.06
N VAL A 1320 6.60 -11.73 45.81
CA VAL A 1320 6.87 -10.42 45.26
C VAL A 1320 5.53 -9.75 44.96
N ILE A 1321 5.59 -8.48 44.57
CA ILE A 1321 4.39 -7.76 44.15
C ILE A 1321 4.52 -7.27 42.71
N PRO A 1322 4.21 -8.10 41.73
CA PRO A 1322 4.34 -7.69 40.33
C PRO A 1322 3.10 -6.96 39.81
N VAL A 1323 3.32 -6.23 38.72
CA VAL A 1323 2.26 -5.51 38.01
C VAL A 1323 2.52 -5.65 36.51
N SER A 1324 1.53 -6.15 35.77
CA SER A 1324 1.75 -6.58 34.40
C SER A 1324 0.78 -5.92 33.45
N TYR A 1325 1.30 -5.46 32.31
CA TYR A 1325 0.51 -4.88 31.24
C TYR A 1325 0.40 -5.88 30.09
N THR A 1326 -0.32 -5.48 29.05
CA THR A 1326 -0.62 -6.38 27.94
C THR A 1326 -0.98 -5.56 26.72
N SER A 1327 -0.33 -5.82 25.59
CA SER A 1327 -0.72 -5.25 24.31
C SER A 1327 -1.14 -6.32 23.31
N SER A 1328 -1.55 -7.49 23.82
CA SER A 1328 -2.07 -8.67 23.12
C SER A 1328 -1.02 -9.44 22.32
N ASP A 1329 0.17 -8.88 22.18
CA ASP A 1329 1.32 -9.63 21.70
C ASP A 1329 2.59 -9.35 22.48
N ASP A 1330 2.73 -8.17 23.06
CA ASP A 1330 3.91 -7.75 23.79
C ASP A 1330 3.45 -7.39 25.20
N GLN A 1331 4.25 -7.77 26.18
CA GLN A 1331 3.90 -7.59 27.58
C GLN A 1331 5.04 -6.97 28.34
N ILE A 1332 4.76 -6.59 29.58
CA ILE A 1332 5.78 -6.29 30.57
C ILE A 1332 5.21 -6.57 31.95
N THR A 1333 5.94 -7.36 32.75
CA THR A 1333 5.56 -7.70 34.11
C THR A 1333 6.59 -7.08 35.02
N LEU A 1334 6.34 -5.84 35.44
CA LEU A 1334 7.25 -5.11 36.29
C LEU A 1334 7.20 -5.73 37.68
N VAL A 1335 8.34 -6.23 38.16
CA VAL A 1335 8.39 -7.04 39.37
C VAL A 1335 9.17 -6.29 40.44
N LYS A 1336 8.50 -5.95 41.53
CA LYS A 1336 9.19 -5.41 42.70
C LYS A 1336 9.91 -6.54 43.41
N THR A 1337 11.03 -6.19 44.05
CA THR A 1337 11.84 -7.19 44.74
C THR A 1337 12.10 -6.76 46.18
N PRO A 1338 12.08 -7.68 47.13
CA PRO A 1338 12.42 -7.35 48.51
C PRO A 1338 13.94 -7.24 48.68
N SER A 1339 14.35 -6.97 49.93
CA SER A 1339 15.74 -6.80 50.36
C SER A 1339 16.49 -5.73 49.56
N ALA A 1348 21.84 -8.95 40.45
CA ALA A 1348 21.36 -10.11 41.20
C ALA A 1348 20.06 -10.65 40.60
N ALA A 1349 20.12 -11.87 40.07
CA ALA A 1349 18.99 -12.51 39.42
C ALA A 1349 18.85 -13.96 39.89
N GLU A 1350 18.87 -14.15 41.21
CA GLU A 1350 18.76 -15.48 41.81
C GLU A 1350 17.33 -16.01 41.86
N TRP A 1351 16.35 -15.29 41.31
CA TRP A 1351 14.98 -15.78 41.19
C TRP A 1351 14.66 -16.24 39.77
N LEU A 1352 15.62 -16.96 39.19
CA LEU A 1352 15.40 -17.68 37.93
C LEU A 1352 14.26 -18.70 38.04
N GLU A 1353 14.08 -19.26 39.25
CA GLU A 1353 12.92 -20.08 39.64
C GLU A 1353 11.60 -19.50 39.14
N MET A 1354 11.32 -18.28 39.60
CA MET A 1354 10.10 -17.55 39.29
C MET A 1354 9.90 -17.37 37.79
N ILE A 1355 10.98 -17.09 37.07
CA ILE A 1355 10.81 -16.65 35.69
C ILE A 1355 10.65 -17.86 34.78
N CYS A 1356 11.41 -18.92 35.05
CA CYS A 1356 11.21 -20.18 34.32
C CYS A 1356 9.85 -20.77 34.63
N PHE A 1357 9.37 -20.61 35.87
CA PHE A 1357 8.06 -21.13 36.22
C PHE A 1357 6.93 -20.33 35.58
N HIS A 1358 7.12 -19.01 35.44
CA HIS A 1358 6.18 -18.18 34.70
C HIS A 1358 6.13 -18.59 33.23
N GLU A 1359 7.30 -18.87 32.65
CA GLU A 1359 7.35 -19.35 31.26
C GLU A 1359 6.65 -20.69 31.12
N PHE A 1360 6.82 -21.58 32.10
CA PHE A 1360 6.20 -22.90 32.07
C PHE A 1360 4.68 -22.79 32.16
N LEU A 1361 4.17 -21.97 33.09
CA LEU A 1361 2.73 -21.83 33.22
C LEU A 1361 2.12 -21.11 32.03
N SER A 1362 2.82 -20.12 31.47
CA SER A 1362 2.33 -19.47 30.27
C SER A 1362 2.37 -20.38 29.06
N SER A 1363 3.31 -21.34 29.04
CA SER A 1363 3.30 -22.37 28.00
C SER A 1363 2.14 -23.34 28.17
N LYS A 1364 1.71 -23.58 29.41
CA LYS A 1364 0.54 -24.44 29.63
C LYS A 1364 -0.79 -23.78 29.28
N LEU A 1365 -0.81 -22.50 28.92
CA LEU A 1365 -2.02 -21.78 28.55
C LEU A 1365 -1.89 -21.19 27.15
N ASN A 1366 -1.10 -21.85 26.30
CA ASN A 1366 -0.58 -21.51 24.98
C ASN A 1366 -0.27 -20.02 24.79
N LYS A 1367 0.34 -19.41 25.80
CA LYS A 1367 1.01 -18.14 25.65
C LYS A 1367 2.50 -18.45 25.63
N PHE A 1368 2.96 -18.89 24.47
CA PHE A 1368 4.33 -19.39 24.35
C PHE A 1368 5.28 -18.20 24.31
N VAL A 1369 6.04 -18.06 25.40
CA VAL A 1369 7.02 -16.99 25.52
C VAL A 1369 8.08 -17.16 24.45
N SER A 1370 8.20 -16.15 23.60
CA SER A 1370 9.11 -16.22 22.47
C SER A 1370 10.55 -16.18 22.94
N PRO A 1371 11.49 -16.73 22.17
CA PRO A 1371 12.91 -16.50 22.47
C PRO A 1371 13.36 -15.04 22.31
N LYS A 1372 12.55 -14.20 21.67
CA LYS A 1372 12.78 -12.77 21.64
C LYS A 1372 12.64 -12.12 23.01
N SER A 1373 11.95 -12.78 23.94
CA SER A 1373 11.73 -12.23 25.28
C SER A 1373 13.02 -12.15 26.07
N VAL A 1374 13.26 -11.00 26.68
CA VAL A 1374 14.42 -10.75 27.52
C VAL A 1374 13.95 -10.05 28.78
N ILE A 1375 14.44 -10.49 29.95
CA ILE A 1375 14.01 -9.98 31.24
C ILE A 1375 15.23 -9.58 32.07
N GLY A 1376 15.24 -8.36 32.60
CA GLY A 1376 16.28 -7.98 33.53
C GLY A 1376 16.12 -6.54 33.97
N THR A 1377 17.05 -6.11 34.81
CA THR A 1377 16.93 -4.87 35.56
C THR A 1377 17.56 -3.68 34.86
N PHE A 1378 17.90 -3.79 33.58
CA PHE A 1378 18.56 -2.70 32.86
C PHE A 1378 17.74 -2.12 31.73
N VAL A 1379 17.13 -2.95 30.89
CA VAL A 1379 16.39 -2.50 29.72
C VAL A 1379 15.00 -3.13 29.75
N ALA A 1380 13.97 -2.30 29.58
CA ALA A 1380 12.60 -2.76 29.50
C ALA A 1380 11.95 -2.19 28.26
N GLU A 1381 11.67 -3.04 27.26
CA GLU A 1381 10.94 -2.62 26.08
C GLU A 1381 9.45 -2.89 26.26
N PHE A 1382 8.64 -2.12 25.54
CA PHE A 1382 7.21 -2.41 25.40
C PHE A 1382 6.73 -1.63 24.18
N LYS A 1383 6.29 -2.37 23.16
CA LYS A 1383 5.83 -1.83 21.87
C LYS A 1383 6.89 -0.93 21.22
N SER A 1384 8.15 -1.38 21.31
CA SER A 1384 9.33 -0.75 20.72
C SER A 1384 9.58 0.67 21.27
N ARG A 1385 9.61 0.79 22.59
CA ARG A 1385 9.94 2.04 23.28
C ARG A 1385 10.80 1.69 24.49
N PHE A 1386 12.11 1.87 24.39
CA PHE A 1386 13.07 1.20 25.27
C PHE A 1386 13.52 2.18 26.33
N PHE A 1387 13.45 1.79 27.60
CA PHE A 1387 13.75 2.69 28.71
C PHE A 1387 15.02 2.22 29.43
N VAL A 1388 15.94 3.15 29.67
CA VAL A 1388 17.14 2.90 30.44
C VAL A 1388 17.05 3.79 31.69
N MET A 1389 17.85 3.46 32.71
CA MET A 1389 17.85 4.20 33.98
C MET A 1389 18.21 5.67 33.79
N GLY A 1390 17.36 6.54 34.29
CA GLY A 1390 17.60 7.97 34.32
C GLY A 1390 17.33 8.70 33.02
N GLU A 1391 17.05 7.99 31.94
CA GLU A 1391 16.92 8.61 30.64
C GLU A 1391 15.94 7.79 29.80
N GLU A 1392 15.98 8.01 28.49
CA GLU A 1392 15.19 7.26 27.53
C GLU A 1392 15.97 7.29 26.22
N THR A 1393 15.97 6.17 25.49
CA THR A 1393 16.75 6.11 24.27
C THR A 1393 16.08 6.93 23.18
N PRO A 1394 16.81 7.85 22.53
CA PRO A 1394 16.21 8.69 21.48
C PRO A 1394 15.74 7.89 20.28
N LEU A 1395 16.49 6.85 19.91
CA LEU A 1395 16.15 5.87 18.86
C LEU A 1395 15.97 6.60 17.53
N LEU A 1396 17.10 7.14 17.07
CA LEU A 1396 17.11 8.17 16.03
C LEU A 1396 16.77 7.60 14.66
N THR A 1397 17.42 6.50 14.29
CA THR A 1397 17.43 6.08 12.90
C THR A 1397 16.10 5.52 12.42
N LYS A 1398 15.21 5.08 13.31
CA LYS A 1398 13.89 4.66 12.87
C LYS A 1398 13.07 5.85 12.40
N PHE A 1399 13.14 6.96 13.13
CA PHE A 1399 12.40 8.15 12.73
C PHE A 1399 13.08 8.86 11.56
N VAL A 1400 14.41 8.79 11.48
CA VAL A 1400 15.10 9.33 10.31
C VAL A 1400 14.76 8.53 9.06
N SER A 1401 14.80 7.19 9.15
CA SER A 1401 14.41 6.36 8.02
C SER A 1401 12.91 6.42 7.73
N ALA A 1402 12.10 6.81 8.71
CA ALA A 1402 10.70 7.11 8.42
C ALA A 1402 10.59 8.39 7.61
N ALA A 1403 11.35 9.42 7.99
CA ALA A 1403 11.31 10.70 7.29
C ALA A 1403 11.88 10.59 5.88
N LEU A 1404 12.87 9.71 5.67
CA LEU A 1404 13.47 9.59 4.35
C LEU A 1404 12.66 8.66 3.45
N HIS A 1405 12.00 7.65 4.02
CA HIS A 1405 11.01 6.88 3.30
C HIS A 1405 9.67 7.59 3.38
N ASN A 1406 8.60 6.86 3.00
CA ASN A 1406 7.18 7.23 2.91
C ASN A 1406 6.93 8.64 2.38
N VAL A 1407 7.71 9.05 1.38
CA VAL A 1407 7.52 10.35 0.74
C VAL A 1407 6.33 10.19 -0.17
N LYS A 1408 5.15 10.50 0.36
CA LYS A 1408 3.91 10.40 -0.40
C LYS A 1408 3.72 11.70 -1.17
N CYS A 1409 3.34 11.55 -2.43
CA CYS A 1409 3.47 12.63 -3.42
C CYS A 1409 2.12 12.87 -4.09
N LYS A 1410 1.42 13.90 -3.64
CA LYS A 1410 0.26 14.40 -4.38
C LYS A 1410 0.49 15.82 -4.89
N THR A 1411 0.78 16.76 -4.01
CA THR A 1411 1.17 18.13 -4.33
C THR A 1411 2.29 18.48 -3.36
N PRO A 1412 3.25 19.34 -3.75
CA PRO A 1412 4.32 19.72 -2.83
C PRO A 1412 3.86 20.46 -1.59
N THR A 1413 2.70 21.13 -1.64
CA THR A 1413 2.06 21.62 -0.42
C THR A 1413 1.68 20.47 0.51
N GLN A 1414 0.99 19.45 -0.03
CA GLN A 1414 0.67 18.26 0.75
C GLN A 1414 1.90 17.45 1.11
N LEU A 1415 2.90 17.42 0.21
CA LEU A 1415 4.10 16.63 0.43
C LEU A 1415 4.93 17.21 1.57
N SER A 1416 5.12 18.51 1.58
CA SER A 1416 5.80 19.19 2.68
C SER A 1416 4.85 19.53 3.83
N GLU A 1417 3.57 19.17 3.74
CA GLU A 1417 2.73 19.07 4.92
C GLU A 1417 3.01 17.77 5.67
N THR A 1418 2.98 16.66 4.93
CA THR A 1418 3.16 15.33 5.52
C THR A 1418 4.58 15.17 6.06
N ILE A 1419 5.58 15.61 5.30
CA ILE A 1419 6.95 15.46 5.78
C ILE A 1419 7.30 16.50 6.85
N ASP A 1420 6.56 17.61 6.93
CA ASP A 1420 6.73 18.49 8.09
C ASP A 1420 6.13 17.86 9.34
N THR A 1421 5.02 17.14 9.19
CA THR A 1421 4.45 16.38 10.31
C THR A 1421 5.41 15.29 10.78
N ILE A 1422 6.04 14.58 9.83
CA ILE A 1422 6.98 13.53 10.17
C ILE A 1422 8.26 14.12 10.78
N CYS A 1423 8.69 15.29 10.33
CA CYS A 1423 9.85 15.94 10.96
C CYS A 1423 9.50 16.48 12.34
N ASP A 1424 8.23 16.84 12.57
CA ASP A 1424 7.80 17.21 13.91
C ASP A 1424 7.84 16.01 14.84
N GLN A 1425 7.34 14.86 14.37
CA GLN A 1425 7.44 13.61 15.16
C GLN A 1425 8.88 13.18 15.37
N CYS A 1426 9.76 13.48 14.41
CA CYS A 1426 11.16 13.11 14.50
C CYS A 1426 11.92 13.99 15.46
N ILE A 1427 11.62 15.30 15.49
CA ILE A 1427 12.30 16.21 16.41
C ILE A 1427 11.61 16.23 17.78
N ALA A 1428 10.46 15.56 17.91
CA ALA A 1428 9.88 15.32 19.23
C ALA A 1428 10.79 14.45 20.09
N ASN A 1429 11.55 13.57 19.48
CA ASN A 1429 12.50 12.71 20.17
C ASN A 1429 13.86 13.37 20.38
N GLY A 1430 14.05 14.57 19.85
CA GLY A 1430 15.30 15.28 20.01
C GLY A 1430 16.45 14.67 19.26
N VAL A 1431 16.32 14.62 17.93
CA VAL A 1431 17.41 14.09 17.12
C VAL A 1431 18.53 15.13 16.97
N SER A 1432 18.25 16.25 16.31
CA SER A 1432 19.05 17.48 16.25
C SER A 1432 18.21 18.50 15.49
N THR A 1433 18.79 19.66 15.23
CA THR A 1433 18.28 20.56 14.21
C THR A 1433 19.16 20.57 12.96
N LYS A 1434 20.21 19.75 12.92
CA LYS A 1434 20.99 19.57 11.71
C LYS A 1434 20.40 18.48 10.83
N ILE A 1435 20.04 17.34 11.44
CA ILE A 1435 19.49 16.22 10.67
C ILE A 1435 18.12 16.58 10.11
N VAL A 1436 17.30 17.32 10.86
CA VAL A 1436 15.98 17.70 10.38
C VAL A 1436 16.11 18.74 9.26
N ALA A 1437 17.09 19.64 9.38
CA ALA A 1437 17.36 20.59 8.30
C ALA A 1437 17.87 19.90 7.04
N ARG A 1438 18.62 18.81 7.20
CA ARG A 1438 19.11 18.10 6.02
C ARG A 1438 18.02 17.24 5.38
N ILE A 1439 17.09 16.70 6.19
CA ILE A 1439 15.88 16.08 5.66
C ILE A 1439 15.05 17.12 4.92
N SER A 1440 15.03 18.35 5.41
CA SER A 1440 14.33 19.44 4.75
C SER A 1440 14.98 19.79 3.41
N LYS A 1441 16.32 19.81 3.38
CA LYS A 1441 17.03 20.00 2.12
C LYS A 1441 16.75 18.88 1.13
N ARG A 1442 16.67 17.64 1.62
CA ARG A 1442 16.38 16.51 0.75
C ARG A 1442 14.98 16.58 0.16
N VAL A 1443 13.98 16.88 1.00
CA VAL A 1443 12.61 16.94 0.50
C VAL A 1443 12.41 18.15 -0.40
N ASN A 1444 13.15 19.24 -0.15
CA ASN A 1444 13.08 20.39 -1.04
C ASN A 1444 13.76 20.09 -2.38
N GLN A 1445 14.82 19.26 -2.37
CA GLN A 1445 15.41 18.82 -3.63
C GLN A 1445 14.53 17.80 -4.35
N LEU A 1446 13.74 17.03 -3.61
CA LEU A 1446 12.77 16.13 -4.24
C LEU A 1446 11.68 16.92 -4.93
N ILE A 1447 11.28 18.05 -4.34
CA ILE A 1447 10.33 18.94 -5.00
C ILE A 1447 10.96 19.61 -6.22
N ARG A 1448 12.18 20.12 -6.06
CA ARG A 1448 12.84 20.87 -7.12
C ARG A 1448 13.23 19.98 -8.30
N TYR A 1449 13.52 18.71 -8.04
CA TYR A 1449 13.83 17.77 -9.12
C TYR A 1449 12.60 17.45 -9.96
N SER A 1450 11.41 17.59 -9.38
CA SER A 1450 10.17 17.28 -10.07
C SER A 1450 9.71 18.37 -11.03
N GLY A 1451 10.49 19.43 -11.22
CA GLY A 1451 10.13 20.50 -12.12
C GLY A 1451 9.23 21.56 -11.54
N TYR A 1452 8.90 21.47 -10.24
CA TYR A 1452 8.06 22.46 -9.60
C TYR A 1452 8.77 23.79 -9.38
N GLY A 1453 10.10 23.78 -9.37
CA GLY A 1453 10.82 24.97 -8.96
C GLY A 1453 10.72 25.15 -7.46
N ASP A 1454 11.11 26.32 -6.99
CA ASP A 1454 11.06 26.61 -5.57
C ASP A 1454 10.16 27.80 -5.32
N THR A 1455 9.52 27.78 -4.15
CA THR A 1455 8.48 28.71 -3.76
C THR A 1455 8.75 29.09 -2.31
N PRO A 1456 8.32 30.28 -1.86
CA PRO A 1456 8.61 30.67 -0.47
C PRO A 1456 7.97 29.79 0.60
N PHE A 1457 6.92 29.02 0.28
CA PHE A 1457 6.42 28.07 1.25
C PHE A 1457 7.27 26.80 1.26
N GLY A 1458 7.24 26.06 0.16
CA GLY A 1458 8.10 24.90 -0.11
C GLY A 1458 8.08 23.87 0.99
N ALA A 1459 9.23 23.25 1.21
CA ALA A 1459 9.49 22.58 2.47
C ALA A 1459 9.83 23.62 3.53
N ILE A 1460 9.82 23.20 4.79
CA ILE A 1460 10.22 24.11 5.84
C ILE A 1460 11.73 24.28 5.84
N GLU A 1461 12.19 25.37 6.44
CA GLU A 1461 13.48 25.96 6.12
C GLU A 1461 14.64 25.18 6.74
N ASP A 1462 15.84 25.69 6.53
CA ASP A 1462 17.06 25.17 7.12
C ASP A 1462 17.41 26.02 8.32
N GLN A 1463 18.08 25.40 9.30
CA GLN A 1463 18.41 25.98 10.60
C GLN A 1463 17.13 26.48 11.31
N ASP A 1464 16.28 25.51 11.64
CA ASP A 1464 15.01 25.74 12.33
C ASP A 1464 15.13 25.18 13.74
N VAL A 1465 15.48 26.06 14.69
CA VAL A 1465 16.00 25.62 15.97
C VAL A 1465 14.96 25.63 17.09
N LYS A 1466 13.98 26.55 17.05
CA LYS A 1466 12.99 26.64 18.12
C LYS A 1466 11.55 26.54 17.62
N ASP A 1467 11.29 26.72 16.32
CA ASP A 1467 9.95 26.74 15.76
C ASP A 1467 9.22 25.39 15.80
N TRP A 1468 9.82 24.36 16.38
CA TRP A 1468 9.12 23.09 16.57
C TRP A 1468 8.36 23.08 17.89
N VAL A 1469 9.02 23.50 18.97
CA VAL A 1469 8.36 23.62 20.27
C VAL A 1469 7.28 24.70 20.22
N ASP A 1470 7.67 25.92 19.87
CA ASP A 1470 6.75 27.04 19.76
C ASP A 1470 6.36 27.17 18.29
N GLY A 1471 5.25 26.54 17.91
CA GLY A 1471 4.74 26.76 16.58
C GLY A 1471 4.38 25.53 15.77
N SER A 1472 3.29 25.63 15.03
CA SER A 1472 2.89 24.62 14.05
C SER A 1472 3.50 25.00 12.70
N ARG A 1473 3.01 24.39 11.62
CA ARG A 1473 3.54 24.68 10.29
C ARG A 1473 3.29 26.14 9.88
N GLY A 1474 2.22 26.75 10.39
CA GLY A 1474 1.97 28.17 10.15
C GLY A 1474 3.09 29.06 10.64
N TYR A 1475 3.61 28.81 11.84
CA TYR A 1475 4.74 29.56 12.35
C TYR A 1475 6.02 29.26 11.61
N ARG A 1476 6.21 28.03 11.14
CA ARG A 1476 7.42 27.70 10.39
C ARG A 1476 7.42 28.33 9.02
N LEU A 1477 6.26 28.42 8.37
CA LEU A 1477 6.19 29.13 7.09
C LEU A 1477 6.29 30.64 7.29
N GLN A 1478 5.79 31.15 8.42
CA GLN A 1478 6.06 32.53 8.81
C GLN A 1478 7.55 32.80 8.94
N ARG A 1479 8.27 31.89 9.63
CA ARG A 1479 9.72 32.00 9.77
C ARG A 1479 10.44 31.91 8.44
N LYS A 1480 9.98 31.04 7.53
CA LYS A 1480 10.64 30.89 6.24
C LYS A 1480 10.43 32.11 5.37
N ILE A 1481 9.24 32.73 5.44
CA ILE A 1481 9.01 33.93 4.65
C ILE A 1481 9.76 35.13 5.24
N GLU A 1482 9.83 35.24 6.57
CA GLU A 1482 10.55 36.35 7.16
C GLU A 1482 12.04 36.08 7.29
N ALA A 1483 12.52 34.91 6.86
CA ALA A 1483 13.95 34.67 6.74
C ALA A 1483 14.49 34.99 5.35
N ILE A 1484 13.61 35.24 4.38
CA ILE A 1484 14.06 35.79 3.11
C ILE A 1484 14.55 37.22 3.31
N PHE A 1485 13.86 37.99 4.14
CA PHE A 1485 14.26 39.35 4.49
C PHE A 1485 15.21 39.24 5.67
N TYR A 1486 16.52 39.20 5.38
CA TYR A 1486 17.51 39.07 6.44
C TYR A 1486 17.82 40.40 7.12
N ASP A 1487 17.19 41.50 6.68
CA ASP A 1487 17.33 42.77 7.38
C ASP A 1487 16.20 43.02 8.36
N ASP A 1488 15.04 42.40 8.12
CA ASP A 1488 13.81 42.54 8.91
C ASP A 1488 13.37 44.00 8.98
N LYS A 1489 13.38 44.67 7.83
CA LYS A 1489 12.85 46.02 7.68
C LYS A 1489 11.59 46.07 6.86
N GLU A 1490 11.45 45.19 5.87
CA GLU A 1490 10.24 45.11 5.06
C GLU A 1490 9.16 44.24 5.70
N THR A 1491 9.41 43.70 6.90
CA THR A 1491 8.44 42.88 7.58
C THR A 1491 8.01 43.41 8.95
N SER A 1492 8.75 44.36 9.54
CA SER A 1492 8.28 44.95 10.79
C SER A 1492 7.08 45.85 10.56
N PHE A 1493 6.98 46.45 9.37
CA PHE A 1493 5.83 47.29 9.06
C PHE A 1493 4.56 46.45 8.89
N ILE A 1494 4.67 45.30 8.21
CA ILE A 1494 3.49 44.45 8.05
C ILE A 1494 3.15 43.72 9.36
N ARG A 1495 4.12 43.52 10.26
CA ARG A 1495 3.77 43.02 11.58
C ARG A 1495 3.13 44.10 12.45
N ASN A 1496 3.49 45.37 12.24
CA ASN A 1496 2.78 46.45 12.92
C ASN A 1496 1.35 46.59 12.38
N CYS A 1497 1.17 46.39 11.08
CA CYS A 1497 -0.16 46.32 10.49
C CYS A 1497 -0.96 45.16 11.06
N ALA A 1498 -0.31 44.02 11.27
CA ALA A 1498 -0.98 42.88 11.89
C ALA A 1498 -1.32 43.14 13.35
N ARG A 1499 -0.48 43.91 14.06
CA ARG A 1499 -0.84 44.35 15.41
C ARG A 1499 -2.06 45.28 15.39
N LYS A 1500 -2.13 46.18 14.41
CA LYS A 1500 -3.28 47.07 14.30
C LYS A 1500 -4.55 46.30 13.99
N VAL A 1501 -4.46 45.24 13.18
CA VAL A 1501 -5.65 44.42 12.93
C VAL A 1501 -5.98 43.57 14.15
N PHE A 1502 -4.96 43.07 14.87
CA PHE A 1502 -5.19 42.12 15.94
C PHE A 1502 -5.75 42.79 17.19
N ASN A 1503 -5.26 43.99 17.53
CA ASN A 1503 -5.83 44.72 18.66
C ASN A 1503 -7.25 45.19 18.39
N ASP A 1504 -7.60 45.41 17.11
CA ASP A 1504 -8.98 45.73 16.78
C ASP A 1504 -9.88 44.50 16.83
N ILE A 1505 -9.40 43.35 16.36
CA ILE A 1505 -10.27 42.18 16.21
C ILE A 1505 -10.48 41.43 17.51
N LYS A 1506 -9.68 41.71 18.55
CA LYS A 1506 -9.67 40.88 19.74
C LYS A 1506 -10.85 41.20 20.66
N ARG A 1507 -10.84 40.64 21.87
CA ARG A 1507 -11.97 40.72 22.78
C ARG A 1507 -12.12 42.12 23.37
N GLY A 1508 -13.32 42.38 23.90
CA GLY A 1508 -13.67 43.69 24.42
C GLY A 1508 -14.17 44.68 23.38
N ARG A 1509 -14.10 44.35 22.10
CA ARG A 1509 -14.44 45.27 21.03
C ARG A 1509 -14.73 44.45 19.77
N ILE A 1510 -15.46 45.07 18.83
CA ILE A 1510 -15.85 44.35 17.62
C ILE A 1510 -14.96 44.73 16.43
N PHE A 1511 -15.03 46.00 15.99
CA PHE A 1511 -14.23 46.59 14.91
C PHE A 1511 -14.24 45.73 13.64
N GLU A 1512 -15.43 45.65 13.04
CA GLU A 1512 -15.75 44.97 11.78
C GLU A 1512 -15.29 43.51 11.77
N GLU A 1513 -15.97 42.71 12.60
CA GLU A 1513 -15.86 41.26 12.52
C GLU A 1513 -16.35 40.68 11.19
N ASN A 1514 -17.07 41.45 10.38
CA ASN A 1514 -17.55 41.02 9.08
C ASN A 1514 -16.50 41.22 7.98
N LEU A 1515 -15.35 40.58 8.17
CA LEU A 1515 -14.33 40.48 7.14
C LEU A 1515 -14.47 39.22 6.30
N ILE A 1516 -15.70 38.72 6.17
CA ILE A 1516 -15.96 37.50 5.43
C ILE A 1516 -15.81 37.73 3.93
N ASN A 1517 -16.25 38.88 3.45
CA ASN A 1517 -16.30 39.13 2.01
C ASN A 1517 -15.05 39.82 1.48
N LEU A 1518 -14.30 40.55 2.31
CA LEU A 1518 -13.13 41.27 1.81
C LEU A 1518 -11.96 40.33 1.55
N ILE A 1519 -11.83 39.27 2.32
CA ILE A 1519 -10.74 38.32 2.12
C ILE A 1519 -10.98 37.46 0.88
N GLY A 1520 -12.23 37.03 0.67
CA GLY A 1520 -12.58 36.12 -0.41
C GLY A 1520 -12.53 36.71 -1.81
N ARG A 1521 -12.26 38.01 -1.96
CA ARG A 1521 -12.18 38.59 -3.30
C ARG A 1521 -10.86 38.23 -3.97
N GLY A 1522 -9.76 38.29 -3.25
CA GLY A 1522 -8.47 38.01 -3.83
C GLY A 1522 -7.37 38.23 -2.81
N GLY A 1523 -6.14 38.21 -3.31
CA GLY A 1523 -4.97 38.41 -2.47
C GLY A 1523 -4.41 39.81 -2.54
N ASP A 1524 -4.55 40.44 -3.71
CA ASP A 1524 -4.04 41.79 -3.90
C ASP A 1524 -4.92 42.81 -3.18
N GLU A 1525 -6.20 42.89 -3.56
CA GLU A 1525 -7.09 43.93 -3.06
C GLU A 1525 -7.42 43.74 -1.59
N ALA A 1526 -7.38 42.51 -1.08
CA ALA A 1526 -7.59 42.30 0.35
C ALA A 1526 -6.41 42.80 1.17
N LEU A 1527 -5.18 42.60 0.66
CA LEU A 1527 -4.02 43.15 1.34
C LEU A 1527 -4.01 44.67 1.30
N THR A 1528 -4.41 45.26 0.17
CA THR A 1528 -4.51 46.72 0.11
C THR A 1528 -5.58 47.25 1.05
N GLY A 1529 -6.72 46.56 1.14
CA GLY A 1529 -7.78 46.98 2.04
C GLY A 1529 -7.41 46.88 3.50
N PHE A 1530 -6.73 45.79 3.89
CA PHE A 1530 -6.28 45.65 5.27
C PHE A 1530 -5.18 46.66 5.59
N LEU A 1531 -4.30 46.94 4.63
CA LEU A 1531 -3.22 47.88 4.89
C LEU A 1531 -3.72 49.32 4.95
N GLN A 1532 -4.81 49.63 4.25
CA GLN A 1532 -5.39 50.96 4.36
C GLN A 1532 -6.39 51.09 5.51
N TYR A 1533 -6.92 49.96 6.00
CA TYR A 1533 -7.78 50.03 7.18
C TYR A 1533 -6.96 50.10 8.46
N ALA A 1534 -5.82 49.42 8.50
CA ALA A 1534 -4.90 49.59 9.62
C ALA A 1534 -4.26 50.97 9.60
N GLY A 1535 -4.14 51.57 8.42
CA GLY A 1535 -3.78 52.96 8.31
C GLY A 1535 -2.37 53.25 7.85
N CYS A 1536 -2.21 53.51 6.57
CA CYS A 1536 -1.00 54.07 5.99
C CYS A 1536 -1.36 54.66 4.63
N SER A 1537 -0.36 55.16 3.91
CA SER A 1537 -0.57 55.75 2.60
C SER A 1537 -0.63 54.66 1.54
N GLU A 1538 -0.81 55.08 0.29
CA GLU A 1538 -0.74 54.17 -0.86
C GLU A 1538 0.68 53.95 -1.32
N GLN A 1539 1.66 54.68 -0.77
CA GLN A 1539 3.06 54.45 -1.11
C GLN A 1539 3.57 53.16 -0.48
N GLU A 1540 3.07 52.81 0.72
CA GLU A 1540 3.38 51.51 1.28
C GLU A 1540 2.73 50.39 0.49
N VAL A 1541 1.54 50.65 -0.08
CA VAL A 1541 0.91 49.71 -1.00
C VAL A 1541 1.77 49.55 -2.25
N ASN A 1542 2.38 50.65 -2.71
CA ASN A 1542 3.22 50.59 -3.90
C ASN A 1542 4.51 49.82 -3.63
N ARG A 1543 5.10 50.00 -2.46
CA ARG A 1543 6.38 49.34 -2.17
C ARG A 1543 6.21 47.92 -1.66
N VAL A 1544 5.02 47.55 -1.17
CA VAL A 1544 4.78 46.19 -0.69
C VAL A 1544 4.31 45.27 -1.80
N LEU A 1545 3.37 45.73 -2.64
CA LEU A 1545 2.68 44.84 -3.58
C LEU A 1545 3.48 44.56 -4.85
N ASN A 1546 4.79 44.83 -4.86
CA ASN A 1546 5.64 44.37 -5.95
C ASN A 1546 6.28 43.02 -5.66
N TYR A 1547 6.44 42.65 -4.39
CA TYR A 1547 6.99 41.35 -4.00
C TYR A 1547 5.96 40.28 -4.34
N ARG A 1548 6.14 39.60 -5.47
CA ARG A 1548 5.17 38.63 -5.96
C ARG A 1548 5.83 37.30 -6.24
N TRP A 1549 5.47 36.28 -5.47
CA TRP A 1549 5.86 34.91 -5.77
C TRP A 1549 4.92 34.35 -6.82
N VAL A 1550 5.48 33.60 -7.75
CA VAL A 1550 4.69 32.98 -8.81
C VAL A 1550 4.09 31.70 -8.29
N ASN A 1551 2.78 31.55 -8.45
CA ASN A 1551 2.03 30.42 -7.94
C ASN A 1551 1.79 29.41 -9.06
N LEU A 1552 1.46 28.20 -8.68
CA LEU A 1552 1.03 27.18 -9.62
C LEU A 1552 -0.31 26.57 -9.24
N SER A 1553 -0.57 26.43 -7.95
CA SER A 1553 -1.89 26.02 -7.45
C SER A 1553 -2.73 27.23 -7.06
N SER A 1554 -2.87 28.19 -7.97
CA SER A 1554 -3.67 29.38 -7.68
C SER A 1554 -5.13 29.14 -8.02
N PHE A 1555 -5.42 28.84 -9.28
CA PHE A 1555 -6.79 28.68 -9.73
C PHE A 1555 -7.36 27.32 -9.35
N GLY A 1556 -6.49 26.35 -9.07
CA GLY A 1556 -6.89 25.04 -8.60
C GLY A 1556 -5.74 24.35 -7.90
N ASP A 1557 -5.57 23.06 -8.18
CA ASP A 1557 -4.41 22.31 -7.74
C ASP A 1557 -3.63 21.82 -8.95
N LEU A 1558 -2.43 21.29 -8.69
CA LEU A 1558 -1.59 20.73 -9.75
C LEU A 1558 -2.20 19.39 -10.14
N ARG A 1559 -2.97 19.38 -11.24
CA ARG A 1559 -3.68 18.19 -11.65
C ARG A 1559 -2.70 17.19 -12.26
N LEU A 1560 -2.47 16.09 -11.56
CA LEU A 1560 -1.53 15.05 -11.97
C LEU A 1560 -2.20 13.68 -11.82
N VAL A 1561 -3.47 13.61 -12.22
CA VAL A 1561 -4.22 12.37 -12.19
C VAL A 1561 -4.27 11.76 -13.59
N VAL A 1578 -13.31 23.77 -4.12
CA VAL A 1578 -13.24 23.29 -2.75
C VAL A 1578 -11.79 23.35 -2.21
N PRO A 1579 -11.61 23.97 -1.06
CA PRO A 1579 -10.27 24.10 -0.49
C PRO A 1579 -9.87 22.90 0.35
N THR A 1580 -8.72 23.03 1.00
CA THR A 1580 -8.26 22.04 1.95
C THR A 1580 -9.01 22.17 3.27
N LEU A 1581 -9.59 23.35 3.52
CA LEU A 1581 -10.48 23.59 4.67
C LEU A 1581 -11.65 22.62 4.70
N ILE A 1582 -12.42 22.57 3.60
CA ILE A 1582 -13.61 21.74 3.55
C ILE A 1582 -13.23 20.27 3.47
N LYS A 1583 -12.07 19.95 2.88
CA LYS A 1583 -11.56 18.58 2.86
C LYS A 1583 -11.22 18.09 4.26
N THR A 1584 -10.56 18.93 5.06
CA THR A 1584 -10.24 18.57 6.43
C THR A 1584 -11.49 18.47 7.29
N LEU A 1585 -12.46 19.38 7.07
CA LEU A 1585 -13.69 19.33 7.84
C LEU A 1585 -14.57 18.14 7.47
N GLN A 1586 -14.52 17.67 6.22
CA GLN A 1586 -15.26 16.46 5.89
C GLN A 1586 -14.50 15.20 6.26
N SER A 1587 -13.17 15.27 6.37
CA SER A 1587 -12.43 14.13 6.92
C SER A 1587 -12.64 14.00 8.42
N LYS A 1588 -12.88 15.11 9.11
CA LYS A 1588 -13.18 15.04 10.54
C LYS A 1588 -14.64 14.68 10.79
N LEU A 1589 -15.56 15.34 10.07
CA LEU A 1589 -16.98 15.25 10.35
C LEU A 1589 -17.56 13.89 9.97
N SER A 1590 -16.95 13.18 9.01
CA SER A 1590 -17.44 11.86 8.64
C SER A 1590 -17.14 10.79 9.68
N ARG A 1591 -16.23 11.06 10.61
CA ARG A 1591 -15.92 10.10 11.66
C ARG A 1591 -15.47 10.81 12.94
N SER A 1612 3.15 -0.71 -5.50
CA SER A 1612 2.78 0.43 -4.68
C SER A 1612 3.92 0.86 -3.77
N SER A 1613 5.13 0.91 -4.32
CA SER A 1613 6.31 1.29 -3.56
C SER A 1613 6.41 2.80 -3.45
N VAL A 1614 7.42 3.26 -2.71
CA VAL A 1614 7.60 4.69 -2.51
C VAL A 1614 8.25 5.32 -3.74
N ALA A 1615 9.27 4.66 -4.30
CA ALA A 1615 10.02 5.24 -5.41
C ALA A 1615 9.20 5.24 -6.70
N SER A 1616 8.40 4.20 -6.92
CA SER A 1616 7.53 4.14 -8.08
C SER A 1616 6.31 5.05 -7.95
N GLY A 1617 6.10 5.67 -6.79
CA GLY A 1617 5.12 6.72 -6.64
C GLY A 1617 5.74 8.07 -6.91
N PHE A 1618 6.99 8.24 -6.46
CA PHE A 1618 7.73 9.48 -6.73
C PHE A 1618 8.03 9.66 -8.21
N ILE A 1619 8.27 8.56 -8.93
CA ILE A 1619 8.53 8.68 -10.37
C ILE A 1619 7.23 8.91 -11.14
N GLY A 1620 6.13 8.29 -10.71
CA GLY A 1620 4.83 8.64 -11.27
C GLY A 1620 4.37 10.04 -10.93
N PHE A 1621 4.92 10.62 -9.87
CA PHE A 1621 4.71 12.03 -9.53
C PHE A 1621 5.52 12.95 -10.43
N CYS A 1622 6.83 12.69 -10.56
CA CYS A 1622 7.69 13.51 -11.40
C CYS A 1622 7.35 13.38 -12.89
N LYS A 1623 6.81 12.25 -13.30
CA LYS A 1623 6.39 12.04 -14.68
C LYS A 1623 5.12 12.80 -15.00
N SER A 1624 4.26 12.99 -14.01
CA SER A 1624 2.97 13.66 -14.19
C SER A 1624 2.98 15.10 -13.66
N MET A 1625 4.12 15.60 -13.24
CA MET A 1625 4.27 17.03 -12.92
C MET A 1625 4.96 17.81 -14.01
N GLY A 1626 5.99 17.25 -14.66
CA GLY A 1626 6.56 17.87 -15.84
C GLY A 1626 5.64 17.92 -17.03
N SER A 1627 4.55 17.16 -17.02
CA SER A 1627 3.56 17.19 -18.08
C SER A 1627 2.55 18.32 -17.83
N LYS A 1628 1.45 18.30 -18.57
CA LYS A 1628 0.48 19.40 -18.62
C LYS A 1628 -0.39 19.37 -17.37
N CYS A 1629 0.06 20.04 -16.33
CA CYS A 1629 -0.59 19.99 -15.02
C CYS A 1629 -1.20 21.31 -14.56
N VAL A 1630 -0.47 22.41 -14.65
CA VAL A 1630 -0.93 23.69 -14.11
C VAL A 1630 -2.00 24.27 -15.01
N ARG A 1631 -3.02 24.90 -14.40
CA ARG A 1631 -4.18 25.42 -15.10
C ARG A 1631 -4.12 26.94 -15.22
N ASP A 1632 -4.88 27.46 -16.19
CA ASP A 1632 -5.10 28.89 -16.37
C ASP A 1632 -6.54 29.23 -16.00
N GLY A 1633 -6.88 30.51 -16.17
CA GLY A 1633 -8.21 30.98 -15.83
C GLY A 1633 -9.28 30.44 -16.77
N LYS A 1634 -8.95 30.27 -18.04
CA LYS A 1634 -9.83 29.58 -18.96
C LYS A 1634 -9.76 28.07 -18.74
N GLY A 1635 -10.70 27.35 -19.35
CA GLY A 1635 -10.65 25.91 -19.30
C GLY A 1635 -9.49 25.35 -20.10
N GLY A 1636 -8.48 24.86 -19.41
CA GLY A 1636 -7.27 24.38 -20.07
C GLY A 1636 -6.14 24.25 -19.09
N PHE A 1637 -5.04 23.68 -19.59
CA PHE A 1637 -3.86 23.39 -18.78
C PHE A 1637 -2.61 23.66 -19.60
N LEU A 1638 -1.47 23.74 -18.92
CA LEU A 1638 -0.19 24.02 -19.57
C LEU A 1638 0.94 23.46 -18.71
N TYR A 1639 2.19 23.77 -19.09
CA TYR A 1639 3.38 23.28 -18.43
C TYR A 1639 3.87 24.26 -17.37
N ILE A 1640 4.74 23.77 -16.49
CA ILE A 1640 5.32 24.63 -15.45
C ILE A 1640 6.47 25.45 -16.03
N LYS A 1641 7.29 24.86 -16.88
CA LYS A 1641 8.39 25.59 -17.51
C LYS A 1641 7.88 26.67 -18.46
N GLU A 1642 6.70 26.47 -19.04
CA GLU A 1642 6.08 27.50 -19.87
C GLU A 1642 5.67 28.70 -19.03
N VAL A 1643 5.24 28.45 -17.79
CA VAL A 1643 4.93 29.55 -16.87
C VAL A 1643 6.21 30.23 -16.40
N TYR A 1644 7.24 29.45 -16.11
CA TYR A 1644 8.52 30.02 -15.69
C TYR A 1644 9.31 30.63 -16.84
N SER A 1645 8.85 30.49 -18.09
CA SER A 1645 9.50 31.15 -19.21
C SER A 1645 8.97 32.56 -19.45
N GLY A 1646 7.77 32.86 -18.99
CA GLY A 1646 7.26 34.22 -19.04
C GLY A 1646 7.80 35.02 -17.87
N ILE A 1647 9.07 35.43 -17.98
CA ILE A 1647 9.81 35.97 -16.85
C ILE A 1647 10.78 37.02 -17.38
N ASN A 1648 11.18 37.92 -16.49
CA ASN A 1648 12.14 38.98 -16.80
C ASN A 1648 13.14 39.09 -15.65
N VAL A 1649 14.07 40.02 -15.79
CA VAL A 1649 15.13 40.25 -14.80
C VAL A 1649 14.97 41.66 -14.26
N CYS A 1650 14.88 41.77 -12.93
CA CYS A 1650 14.47 43.00 -12.25
C CYS A 1650 15.47 43.31 -11.12
N ILE A 1651 16.75 43.42 -11.50
CA ILE A 1651 17.96 43.48 -10.68
C ILE A 1651 17.85 44.35 -9.42
N CYS A 1652 17.17 45.49 -9.53
CA CYS A 1652 17.21 46.54 -8.51
C CYS A 1652 16.44 46.12 -7.26
N GLU A 1653 17.16 45.42 -6.38
CA GLU A 1653 16.88 45.29 -4.93
C GLU A 1653 15.69 44.37 -4.63
N ILE A 1654 14.93 43.95 -5.64
CA ILE A 1654 13.71 43.18 -5.44
C ILE A 1654 13.87 41.75 -5.95
N CYS A 1655 14.12 41.58 -7.25
CA CYS A 1655 14.25 40.24 -7.80
C CYS A 1655 15.56 39.58 -7.40
N ALA A 1656 16.58 40.37 -7.12
CA ALA A 1656 17.88 39.86 -6.67
C ALA A 1656 17.99 39.78 -5.16
N LEU A 1657 16.89 39.98 -4.44
CA LEU A 1657 16.91 39.79 -2.99
C LEU A 1657 17.03 38.31 -2.64
N LYS A 1658 16.17 37.49 -3.24
CA LYS A 1658 16.36 36.04 -3.25
C LYS A 1658 16.10 35.58 -4.67
N PRO A 1659 17.09 34.96 -5.33
CA PRO A 1659 16.98 34.71 -6.77
C PRO A 1659 15.99 33.60 -7.09
N LYS A 1660 15.13 33.87 -8.09
CA LYS A 1660 14.10 32.97 -8.60
C LYS A 1660 13.07 32.60 -7.54
N ILE A 1661 12.94 33.44 -6.51
CA ILE A 1661 11.98 33.26 -5.43
C ILE A 1661 11.14 34.53 -5.34
N ILE A 1662 11.83 35.66 -5.27
CA ILE A 1662 11.21 36.98 -5.14
C ILE A 1662 11.25 37.65 -6.50
N TYR A 1663 10.18 38.35 -6.86
CA TYR A 1663 10.11 39.03 -8.15
C TYR A 1663 9.55 40.42 -7.97
N CYS A 1664 9.65 41.21 -9.05
CA CYS A 1664 8.95 42.47 -9.17
C CYS A 1664 7.53 42.24 -9.68
N ASN A 1665 6.69 43.26 -9.54
CA ASN A 1665 5.40 43.24 -10.20
C ASN A 1665 5.57 43.36 -11.71
N ASP A 1666 6.54 44.15 -12.16
CA ASP A 1666 6.77 44.34 -13.59
C ASP A 1666 7.58 43.22 -14.21
N SER A 1667 8.36 42.48 -13.43
CA SER A 1667 9.12 41.34 -13.95
C SER A 1667 8.22 40.17 -14.30
N LEU A 1668 7.01 40.13 -13.75
CA LEU A 1668 6.02 39.11 -14.06
C LEU A 1668 4.93 39.66 -14.97
N ASN A 1669 5.32 40.47 -15.96
CA ASN A 1669 4.36 41.16 -16.81
C ASN A 1669 3.66 40.18 -17.76
N LYS A 1670 4.42 39.28 -18.38
CA LYS A 1670 3.84 38.36 -19.35
C LYS A 1670 2.97 37.31 -18.67
N VAL A 1671 3.38 36.87 -17.49
CA VAL A 1671 2.60 35.93 -16.69
C VAL A 1671 2.31 36.63 -15.37
N SER A 1672 1.16 37.30 -15.29
CA SER A 1672 0.77 38.05 -14.11
C SER A 1672 -0.41 37.44 -13.37
N GLN A 1673 -1.05 36.42 -13.93
CA GLN A 1673 -2.19 35.79 -13.28
C GLN A 1673 -1.78 34.91 -12.11
N PHE A 1674 -0.50 34.57 -11.98
CA PHE A 1674 -0.02 33.78 -10.86
C PHE A 1674 0.78 34.59 -9.85
N SER A 1675 0.95 35.90 -10.09
CA SER A 1675 1.80 36.74 -9.25
C SER A 1675 1.07 37.07 -7.95
N LYS A 1676 1.19 36.16 -6.97
CA LYS A 1676 0.54 36.47 -5.70
C LYS A 1676 1.57 37.02 -4.73
N PRO A 1677 1.19 37.90 -3.80
CA PRO A 1677 2.19 38.50 -2.90
C PRO A 1677 2.70 37.54 -1.84
N ILE A 1678 3.98 37.71 -1.49
CA ILE A 1678 4.49 37.04 -0.30
C ILE A 1678 4.11 37.80 0.96
N LEU A 1679 3.81 39.10 0.84
CA LEU A 1679 3.47 39.87 2.03
C LEU A 1679 2.03 39.62 2.46
N TRP A 1680 1.13 39.35 1.51
CA TRP A 1680 -0.23 38.97 1.88
C TRP A 1680 -0.26 37.62 2.57
N ASP A 1681 0.48 36.64 2.03
CA ASP A 1681 0.52 35.33 2.68
C ASP A 1681 1.27 35.39 4.01
N TYR A 1682 2.27 36.26 4.11
CA TYR A 1682 2.93 36.47 5.39
C TYR A 1682 2.00 37.12 6.40
N PHE A 1683 1.15 38.06 5.94
CA PHE A 1683 0.15 38.69 6.80
C PHE A 1683 -0.88 37.67 7.27
N SER A 1684 -1.29 36.78 6.36
CA SER A 1684 -2.23 35.71 6.71
C SER A 1684 -1.61 34.74 7.72
N LEU A 1685 -0.32 34.45 7.57
CA LEU A 1685 0.36 33.58 8.53
C LEU A 1685 0.53 34.26 9.88
N VAL A 1686 0.77 35.58 9.91
CA VAL A 1686 0.90 36.25 11.20
C VAL A 1686 -0.45 36.35 11.90
N LEU A 1687 -1.55 36.53 11.15
CA LEU A 1687 -2.87 36.48 11.78
C LEU A 1687 -3.24 35.06 12.22
N THR A 1688 -2.78 34.04 11.50
CA THR A 1688 -3.02 32.66 11.92
C THR A 1688 -2.24 32.33 13.19
N ASN A 1689 -0.97 32.75 13.26
CA ASN A 1689 -0.18 32.58 14.47
C ASN A 1689 -0.52 33.60 15.54
N ALA A 1690 -1.46 34.50 15.28
CA ALA A 1690 -2.19 35.20 16.33
C ALA A 1690 -3.43 34.43 16.78
N CYS A 1691 -4.02 33.63 15.89
CA CYS A 1691 -5.13 32.76 16.30
C CYS A 1691 -4.64 31.55 17.09
N GLU A 1692 -3.79 30.74 16.47
CA GLU A 1692 -3.45 29.42 17.02
C GLU A 1692 -2.52 29.54 18.22
N LEU A 1693 -1.77 30.62 18.31
CA LEU A 1693 -0.90 30.94 19.44
C LEU A 1693 -0.68 32.46 19.42
N GLY A 1694 0.37 32.94 20.09
CA GLY A 1694 0.98 34.20 19.74
C GLY A 1694 0.96 35.20 20.88
N GLU A 1695 0.77 36.48 20.51
CA GLU A 1695 1.20 37.71 21.19
C GLU A 1695 2.71 37.84 21.29
N TRP A 1696 3.46 36.95 20.64
CA TRP A 1696 4.90 37.04 20.51
C TRP A 1696 5.37 36.82 19.08
N VAL A 1697 4.48 36.50 18.14
CA VAL A 1697 4.84 36.39 16.74
C VAL A 1697 4.88 37.72 16.03
N PHE A 1698 4.63 38.81 16.74
CA PHE A 1698 4.68 40.15 16.17
C PHE A 1698 6.01 40.84 16.42
N SER A 1699 6.76 40.37 17.41
CA SER A 1699 7.98 41.03 17.83
C SER A 1699 9.13 40.74 16.86
N THR A 1700 10.16 41.59 16.94
CA THR A 1700 11.37 41.40 16.15
C THR A 1700 12.15 40.21 16.70
N VAL A 1701 12.65 39.37 15.79
CA VAL A 1701 13.49 38.23 16.13
C VAL A 1701 14.78 38.74 16.78
N LYS A 1702 14.96 38.45 18.06
CA LYS A 1702 16.02 39.04 18.85
C LYS A 1702 17.34 38.32 18.59
N GLU A 1703 18.38 38.74 19.33
CA GLU A 1703 19.71 38.18 19.18
C GLU A 1703 20.01 37.25 20.34
N PRO A 1704 20.02 35.93 20.14
CA PRO A 1704 20.32 35.02 21.25
C PRO A 1704 21.81 35.00 21.56
N GLN A 1705 22.17 34.17 22.54
CA GLN A 1705 23.55 34.01 22.94
C GLN A 1705 24.00 32.55 22.81
N LEU A 1710 27.90 27.57 27.31
CA LEU A 1710 28.06 26.27 26.68
C LEU A 1710 27.67 25.14 27.64
N ASN A 1711 27.41 23.97 27.07
CA ASN A 1711 27.07 22.78 27.86
C ASN A 1711 27.47 21.56 27.03
N ASN A 1712 27.18 20.37 27.56
CA ASN A 1712 27.55 19.14 26.89
C ASN A 1712 26.71 18.91 25.63
N GLN A 1713 27.30 18.21 24.66
CA GLN A 1713 26.65 18.02 23.36
C GLN A 1713 25.58 16.94 23.43
N ASN A 1714 25.70 16.00 24.37
CA ASN A 1714 24.79 14.87 24.43
C ASN A 1714 24.05 14.87 25.77
N PHE A 1715 23.52 16.02 26.16
CA PHE A 1715 22.71 16.15 27.37
C PHE A 1715 21.36 16.74 26.96
N PHE A 1716 20.42 15.89 26.62
CA PHE A 1716 19.09 16.32 26.21
C PHE A 1716 18.13 16.27 27.39
N TRP A 1717 17.10 17.10 27.33
CA TRP A 1717 16.16 17.26 28.42
C TRP A 1717 14.80 17.69 27.85
N ALA A 1718 13.76 17.51 28.66
CA ALA A 1718 12.39 17.66 28.20
C ALA A 1718 11.93 19.12 28.32
N VAL A 1719 11.28 19.62 27.26
CA VAL A 1719 10.72 20.96 27.28
C VAL A 1719 9.23 20.87 27.02
N LYS A 1720 8.53 21.91 27.43
CA LYS A 1720 7.08 21.97 27.30
C LYS A 1720 6.71 22.81 26.08
N PRO A 1721 5.58 22.51 25.41
CA PRO A 1721 5.27 23.19 24.14
C PRO A 1721 5.04 24.69 24.25
N LYS A 1722 4.54 25.17 25.41
CA LYS A 1722 4.48 26.59 25.77
C LYS A 1722 3.66 27.40 24.75
N VAL A 1723 2.37 27.10 24.70
CA VAL A 1723 1.47 27.66 23.71
C VAL A 1723 0.32 28.38 24.41
N VAL A 1724 0.02 29.59 23.97
CA VAL A 1724 -1.10 30.35 24.50
C VAL A 1724 -2.12 30.50 23.38
N ARG A 1725 -3.07 29.58 23.33
CA ARG A 1725 -4.08 29.52 22.28
C ARG A 1725 -5.33 30.22 22.79
N GLN A 1726 -5.48 31.50 22.45
CA GLN A 1726 -6.52 32.34 23.05
C GLN A 1726 -7.83 32.20 22.27
N ILE A 1727 -8.35 30.97 22.29
CA ILE A 1727 -9.70 30.63 21.84
C ILE A 1727 -10.25 29.61 22.83
N GLU A 1728 -11.56 29.40 22.78
CA GLU A 1728 -12.20 28.38 23.58
C GLU A 1728 -12.05 27.04 22.87
N ASP A 1729 -11.70 26.01 23.63
CA ASP A 1729 -11.27 24.73 23.07
C ASP A 1729 -12.48 23.92 22.59
N GLN A 1730 -12.20 22.67 22.16
CA GLN A 1730 -13.18 21.73 21.60
C GLN A 1730 -13.91 22.33 20.40
N LEU A 1731 -13.13 22.57 19.34
CA LEU A 1731 -13.58 23.27 18.14
C LEU A 1731 -14.27 22.36 17.14
N GLY A 1732 -14.68 21.14 17.53
CA GLY A 1732 -15.28 20.23 16.58
C GLY A 1732 -16.64 20.66 16.08
N MET A 1733 -17.37 21.45 16.88
CA MET A 1733 -18.67 21.96 16.49
C MET A 1733 -18.68 23.47 16.32
N ASN A 1734 -17.74 24.18 16.94
CA ASN A 1734 -17.68 25.64 16.88
C ASN A 1734 -17.12 26.17 15.57
N HIS A 1735 -16.83 25.30 14.60
CA HIS A 1735 -16.48 25.71 13.25
C HIS A 1735 -17.44 25.17 12.20
N VAL A 1736 -18.14 24.07 12.48
CA VAL A 1736 -19.12 23.54 11.53
C VAL A 1736 -20.34 24.45 11.48
N LEU A 1737 -20.83 24.89 12.64
CA LEU A 1737 -21.96 25.82 12.69
C LEU A 1737 -21.59 27.24 12.29
N GLN A 1738 -20.31 27.56 12.19
CA GLN A 1738 -19.85 28.84 11.68
C GLN A 1738 -19.55 28.80 10.19
N SER A 1739 -19.79 27.66 9.54
CA SER A 1739 -19.70 27.58 8.09
C SER A 1739 -20.98 28.04 7.39
N ILE A 1740 -22.09 28.12 8.12
CA ILE A 1740 -23.28 28.78 7.61
C ILE A 1740 -23.00 30.27 7.41
N ARG A 1741 -22.29 30.88 8.36
CA ARG A 1741 -21.89 32.27 8.26
C ARG A 1741 -20.77 32.48 7.26
N ARG A 1742 -20.13 31.42 6.77
CA ARG A 1742 -19.02 31.49 5.83
C ARG A 1742 -19.45 31.11 4.43
N ASN A 1743 -20.01 29.92 4.24
CA ASN A 1743 -20.46 29.45 2.92
C ASN A 1743 -21.66 28.52 3.10
N TYR A 1744 -22.86 29.08 2.94
CA TYR A 1744 -24.07 28.29 3.12
C TYR A 1744 -24.31 27.25 2.02
N PRO A 1745 -24.16 27.53 0.70
CA PRO A 1745 -24.40 26.46 -0.28
C PRO A 1745 -23.36 25.34 -0.24
N VAL A 1746 -22.15 25.61 0.24
CA VAL A 1746 -21.12 24.57 0.36
C VAL A 1746 -21.53 23.54 1.40
N LEU A 1747 -22.07 24.00 2.54
CA LEU A 1747 -22.64 23.07 3.52
C LEU A 1747 -23.96 22.50 3.06
N PHE A 1748 -24.68 23.21 2.17
CA PHE A 1748 -26.00 22.75 1.75
C PHE A 1748 -25.90 21.56 0.81
N ASP A 1749 -25.12 21.68 -0.28
CA ASP A 1749 -25.11 20.62 -1.28
C ASP A 1749 -24.33 19.39 -0.85
N GLU A 1750 -23.34 19.54 0.02
CA GLU A 1750 -22.54 18.42 0.48
C GLU A 1750 -22.18 18.56 1.96
N LEU A 1770 -18.11 30.94 17.83
CA LEU A 1770 -17.33 31.58 18.88
C LEU A 1770 -17.25 33.09 18.66
N LYS A 1771 -16.11 33.67 19.03
CA LYS A 1771 -15.89 35.11 18.89
C LYS A 1771 -14.62 35.45 18.11
N PHE A 1772 -13.76 34.47 17.85
CA PHE A 1772 -12.47 34.76 17.24
C PHE A 1772 -12.12 33.82 16.10
N LEU A 1773 -12.87 32.73 15.90
CA LEU A 1773 -12.60 31.79 14.81
C LEU A 1773 -12.91 32.41 13.45
N ASP A 1774 -13.85 33.36 13.40
CA ASP A 1774 -14.38 33.81 12.12
C ASP A 1774 -13.41 34.69 11.34
N VAL A 1775 -12.51 35.41 12.02
CA VAL A 1775 -11.56 36.23 11.30
C VAL A 1775 -10.48 35.38 10.61
N CYS A 1776 -10.14 34.23 11.18
CA CYS A 1776 -9.19 33.31 10.56
C CYS A 1776 -9.85 31.97 10.21
N ILE A 1777 -11.05 32.06 9.64
CA ILE A 1777 -11.64 30.95 8.90
C ILE A 1777 -11.82 31.31 7.42
N ALA A 1778 -11.90 32.60 7.09
CA ALA A 1778 -11.91 33.05 5.70
C ALA A 1778 -10.51 33.18 5.12
N LEU A 1779 -9.49 33.19 5.97
CA LEU A 1779 -8.10 33.19 5.54
C LEU A 1779 -7.62 31.82 5.08
N ASP A 1780 -8.44 30.78 5.23
CA ASP A 1780 -8.06 29.43 4.83
C ASP A 1780 -8.89 28.88 3.68
N MET A 1781 -10.08 29.41 3.42
CA MET A 1781 -10.89 28.88 2.34
C MET A 1781 -10.36 29.30 0.97
N MET A 1782 -9.57 30.37 0.92
CA MET A 1782 -9.15 30.94 -0.36
C MET A 1782 -7.82 30.41 -0.85
N ASN A 1783 -6.96 29.91 0.04
CA ASN A 1783 -5.67 29.38 -0.36
C ASN A 1783 -5.45 27.97 0.21
N GLU A 1784 -4.23 27.47 0.09
CA GLU A 1784 -3.92 26.08 0.42
C GLU A 1784 -2.71 26.00 1.34
N ASN A 1785 -1.85 27.01 1.29
CA ASN A 1785 -0.57 26.98 1.98
C ASN A 1785 -0.66 27.43 3.44
N LEU A 1786 -1.87 27.62 3.98
CA LEU A 1786 -2.04 28.09 5.35
C LEU A 1786 -2.25 26.96 6.34
N GLY A 1787 -3.34 26.21 6.19
CA GLY A 1787 -3.70 25.14 7.11
C GLY A 1787 -3.93 25.62 8.53
N ILE A 1788 -4.95 26.45 8.72
CA ILE A 1788 -5.15 27.13 10.00
C ILE A 1788 -5.77 26.21 11.03
N ILE A 1789 -6.83 25.49 10.67
CA ILE A 1789 -7.66 24.80 11.65
C ILE A 1789 -7.24 23.36 11.90
N SER A 1790 -6.32 22.82 11.09
CA SER A 1790 -5.85 21.47 11.31
C SER A 1790 -5.03 21.33 12.58
N HIS A 1791 -4.44 22.43 13.07
CA HIS A 1791 -3.76 22.46 14.35
C HIS A 1791 -4.59 23.18 15.42
N LEU A 1792 -5.89 23.26 15.23
CA LEU A 1792 -6.80 23.86 16.21
C LEU A 1792 -7.74 22.85 16.85
N LEU A 1793 -8.52 22.12 16.06
CA LEU A 1793 -9.40 21.12 16.63
C LEU A 1793 -8.67 19.85 17.03
N LYS A 1794 -7.70 19.40 16.24
CA LYS A 1794 -6.82 18.34 16.65
C LYS A 1794 -5.76 18.90 17.61
N THR A 1795 -5.09 18.00 18.33
CA THR A 1795 -4.04 18.40 19.25
C THR A 1795 -2.68 18.25 18.56
N ARG A 1796 -1.62 18.55 19.31
CA ARG A 1796 -0.27 18.51 18.77
C ARG A 1796 0.20 17.08 18.52
N ASP A 1797 -0.40 16.12 19.24
CA ASP A 1797 -0.20 14.66 19.20
C ASP A 1797 1.13 14.22 19.81
N ASN A 1798 2.01 15.15 20.18
CA ASN A 1798 3.22 14.80 20.91
C ASN A 1798 3.24 15.44 22.29
N SER A 1799 3.20 16.77 22.31
CA SER A 1799 3.17 17.57 23.54
C SER A 1799 3.99 16.97 24.65
N VAL A 1800 5.23 16.61 24.33
CA VAL A 1800 6.17 16.04 25.28
C VAL A 1800 7.50 16.07 24.60
N TYR A 1801 7.91 17.25 24.15
CA TYR A 1801 9.19 17.39 23.45
C TYR A 1801 10.43 17.31 24.33
N ILE A 1802 11.31 16.36 24.00
CA ILE A 1802 12.67 16.34 24.52
C ILE A 1802 13.57 16.92 23.42
N VAL A 1803 14.47 17.83 23.80
CA VAL A 1803 15.41 18.45 22.88
C VAL A 1803 16.78 18.49 23.56
N LYS A 1804 17.82 18.66 22.74
CA LYS A 1804 19.15 18.80 23.29
C LYS A 1804 19.35 20.18 23.90
N GLN A 1805 20.39 20.30 24.72
CA GLN A 1805 20.71 21.59 25.31
C GLN A 1805 21.27 22.55 24.26
N SER A 1806 22.04 22.02 23.31
CA SER A 1806 22.65 22.85 22.27
C SER A 1806 21.65 23.27 21.20
N ASP A 1807 20.45 22.69 21.17
CA ASP A 1807 19.41 23.10 20.23
C ASP A 1807 18.26 23.82 20.93
N CYS A 1808 18.41 24.15 22.20
CA CYS A 1808 17.43 24.94 22.93
C CYS A 1808 18.01 26.18 23.56
N ALA A 1809 19.22 26.10 24.13
CA ALA A 1809 19.85 27.29 24.69
C ALA A 1809 20.40 28.19 23.59
N LEU A 1810 20.90 27.59 22.52
CA LEU A 1810 21.40 28.35 21.38
C LEU A 1810 20.26 28.96 20.56
N ALA A 1811 19.03 28.49 20.76
CA ALA A 1811 17.88 28.93 19.99
C ALA A 1811 17.54 30.40 20.27
N HIS A 1812 16.73 30.97 19.38
CA HIS A 1812 16.43 32.40 19.42
C HIS A 1812 15.41 32.70 20.50
N ILE A 1813 15.00 33.97 20.57
CA ILE A 1813 13.96 34.39 21.50
C ILE A 1813 13.15 35.49 20.85
N ARG A 1814 11.83 35.43 21.03
CA ARG A 1814 10.90 36.44 20.52
C ARG A 1814 9.92 36.75 21.65
N GLN A 1815 10.26 37.71 22.49
CA GLN A 1815 9.44 38.08 23.63
C GLN A 1815 8.52 39.24 23.29
N SER A 1816 7.37 39.28 23.97
CA SER A 1816 6.39 40.32 23.77
C SER A 1816 6.88 41.66 24.30
#